data_7YVZ
# 
_entry.id   7YVZ 
# 
_audit_conform.dict_name       mmcif_pdbx.dic 
_audit_conform.dict_version    5.397 
_audit_conform.dict_location   http://mmcif.pdb.org/dictionaries/ascii/mmcif_pdbx.dic 
# 
loop_
_database_2.database_id 
_database_2.database_code 
_database_2.pdbx_database_accession 
_database_2.pdbx_DOI 
PDB   7YVZ         pdb_00007yvz 10.2210/pdb7yvz/pdb 
WWPDB D_1300031698 ?            ?                   
# 
loop_
_pdbx_audit_revision_history.ordinal 
_pdbx_audit_revision_history.data_content_type 
_pdbx_audit_revision_history.major_revision 
_pdbx_audit_revision_history.minor_revision 
_pdbx_audit_revision_history.revision_date 
1 'Structure model' 1 0 2022-10-19 
2 'Structure model' 1 1 2024-04-03 
3 'Structure model' 1 2 2024-05-08 
4 'Structure model' 1 3 2024-10-09 
# 
_pdbx_audit_revision_details.ordinal             1 
_pdbx_audit_revision_details.revision_ordinal    1 
_pdbx_audit_revision_details.data_content_type   'Structure model' 
_pdbx_audit_revision_details.provider            repository 
_pdbx_audit_revision_details.type                'Initial release' 
_pdbx_audit_revision_details.description         ? 
_pdbx_audit_revision_details.details             ? 
# 
loop_
_pdbx_audit_revision_group.ordinal 
_pdbx_audit_revision_group.revision_ordinal 
_pdbx_audit_revision_group.data_content_type 
_pdbx_audit_revision_group.group 
1 2 'Structure model' 'Data collection'        
2 2 'Structure model' 'Refinement description' 
3 3 'Structure model' 'Database references'    
4 4 'Structure model' 'Structure summary'      
# 
loop_
_pdbx_audit_revision_category.ordinal 
_pdbx_audit_revision_category.revision_ordinal 
_pdbx_audit_revision_category.data_content_type 
_pdbx_audit_revision_category.category 
1 2 'Structure model' chem_comp_atom                
2 2 'Structure model' chem_comp_bond                
3 2 'Structure model' pdbx_initial_refinement_model 
4 3 'Structure model' citation                      
5 4 'Structure model' pdbx_entry_details            
6 4 'Structure model' pdbx_modification_feature     
# 
loop_
_pdbx_audit_revision_item.ordinal 
_pdbx_audit_revision_item.revision_ordinal 
_pdbx_audit_revision_item.data_content_type 
_pdbx_audit_revision_item.item 
1 3 'Structure model' '_citation.journal_abbrev'                     
2 3 'Structure model' '_citation.journal_id_ISSN'                    
3 3 'Structure model' '_citation.page_first'                         
4 3 'Structure model' '_citation.pdbx_database_id_PubMed'            
5 3 'Structure model' '_citation.title'                              
6 4 'Structure model' '_pdbx_entry_details.has_protein_modification' 
# 
_pdbx_database_status.status_code                     REL 
_pdbx_database_status.status_code_sf                  REL 
_pdbx_database_status.status_code_mr                  ? 
_pdbx_database_status.entry_id                        7YVZ 
_pdbx_database_status.recvd_initial_deposition_date   2022-08-20 
_pdbx_database_status.SG_entry                        N 
_pdbx_database_status.deposit_site                    PDBJ 
_pdbx_database_status.process_site                    PDBJ 
_pdbx_database_status.status_code_cs                  ? 
_pdbx_database_status.status_code_nmr_data            ? 
_pdbx_database_status.methods_development_category    ? 
_pdbx_database_status.pdb_format_compatible           Y 
# 
_pdbx_contact_author.id                 2 
_pdbx_contact_author.email              tiwasaki@nms.ac.jp 
_pdbx_contact_author.name_first         Iwasaki 
_pdbx_contact_author.name_last          Toshio 
_pdbx_contact_author.name_mi            ? 
_pdbx_contact_author.role               'principal investigator/group leader' 
_pdbx_contact_author.identifier_ORCID   0000-0001-9562-4649 
# 
loop_
_audit_author.name 
_audit_author.pdbx_ordinal 
_audit_author.identifier_ORCID 
'Hasegawa, K.'   1 ? 
'Hagiuda, E.'    2 ? 
'Taguchi, A.T.'  3 ? 
'Geldenhuys, W.' 4 ? 
'Iwasaki, T.'    5 ? 
'Kumasaka, T.'   6 ? 
# 
_citation.abstract                  ? 
_citation.abstract_id_CAS           ? 
_citation.book_id_ISBN              ? 
_citation.book_publisher            ? 
_citation.book_publisher_city       ? 
_citation.book_title                ? 
_citation.coordinate_linkage        ? 
_citation.country                   ? 
_citation.database_id_Medline       ? 
_citation.details                   ? 
_citation.id                        primary 
_citation.journal_abbrev            'Adv Redox Res' 
_citation.journal_id_ASTM           ? 
_citation.journal_id_CSD            ? 
_citation.journal_id_ISSN           2667-1379 
_citation.journal_full              ? 
_citation.journal_issue             ? 
_citation.journal_volume            6 
_citation.language                  ? 
_citation.page_first                ? 
_citation.page_last                 ? 
_citation.title                     
;Structure and biological evaluation of Caenorhabditis elegans CISD-1/mitoNEET, a KLP-17 tail domain homologue, supports attenuation of paraquat-induced oxidative stress through a p38 MAPK-mediated antioxidant defense response.
;
_citation.year                      2022 
_citation.database_id_CSD           ? 
_citation.pdbx_database_id_DOI      10.1016/j.arres.2022.100048 
_citation.pdbx_database_id_PubMed   36533211 
_citation.pdbx_database_id_patent   ? 
_citation.unpublished_flag          ? 
# 
loop_
_citation_author.citation_id 
_citation_author.name 
_citation_author.ordinal 
_citation_author.identifier_ORCID 
primary 'Boos, J.R.'       1  ? 
primary 'Jandrain, H.N.'   2  ? 
primary 'Hagiuda, E.'      3  ? 
primary 'Taguchi, A.T.'    4  ? 
primary 'Hasegawa, K.'     5  ? 
primary 'Fedun, B.L.'      6  ? 
primary 'Taylor, S.J.'     7  ? 
primary 'Elad, S.M.'       8  ? 
primary 'Faber, S.E.'      9  ? 
primary 'Kumasaka, T.'     10 ? 
primary 'Iwasaki, T.'      11 ? 
primary 'Geldenhuys, W.J.' 12 ? 
# 
loop_
_entity.id 
_entity.type 
_entity.src_method 
_entity.pdbx_description 
_entity.formula_weight 
_entity.pdbx_number_of_molecules 
_entity.pdbx_ec 
_entity.pdbx_mutation 
_entity.pdbx_fragment 
_entity.details 
1 polymer     man 'CDGSH iron-sulfur domain-containing protein 1 (CISD-1/mitoNEET)' 9630.964 1  ? ? ? ? 
2 non-polymer syn 'FE2/S2 (INORGANIC) CLUSTER'                                      175.820  1  ? ? ? ? 
3 water       nat water                                                             18.015   19 ? ? ? ? 
# 
_entity_poly.entity_id                      1 
_entity_poly.type                           'polypeptide(L)' 
_entity_poly.nstd_linkage                   no 
_entity_poly.nstd_monomer                   no 
_entity_poly.pdbx_seq_one_letter_code       
;GSHMASSGKKFYAKFGQRSARCNYKIQLDSNKIVDTVDIEDIGEKKAFCRCWKSEKWPYCDGSHGKHNKETGDNVGPLIV
KSEKK
;
_entity_poly.pdbx_seq_one_letter_code_can   
;GSHMASSGKKFYAKFGQRSARCNYKIQLDSNKIVDTVDIEDIGEKKAFCRCWKSEKWPYCDGSHGKHNKETGDNVGPLIV
KSEKK
;
_entity_poly.pdbx_strand_id                 A 
_entity_poly.pdbx_target_identifier         ? 
# 
loop_
_pdbx_entity_nonpoly.entity_id 
_pdbx_entity_nonpoly.name 
_pdbx_entity_nonpoly.comp_id 
2 'FE2/S2 (INORGANIC) CLUSTER' FES 
3 water                        HOH 
# 
loop_
_entity_poly_seq.entity_id 
_entity_poly_seq.num 
_entity_poly_seq.mon_id 
_entity_poly_seq.hetero 
1 1  GLY n 
1 2  SER n 
1 3  HIS n 
1 4  MET n 
1 5  ALA n 
1 6  SER n 
1 7  SER n 
1 8  GLY n 
1 9  LYS n 
1 10 LYS n 
1 11 PHE n 
1 12 TYR n 
1 13 ALA n 
1 14 LYS n 
1 15 PHE n 
1 16 GLY n 
1 17 GLN n 
1 18 ARG n 
1 19 SER n 
1 20 ALA n 
1 21 ARG n 
1 22 CYS n 
1 23 ASN n 
1 24 TYR n 
1 25 LYS n 
1 26 ILE n 
1 27 GLN n 
1 28 LEU n 
1 29 ASP n 
1 30 SER n 
1 31 ASN n 
1 32 LYS n 
1 33 ILE n 
1 34 VAL n 
1 35 ASP n 
1 36 THR n 
1 37 VAL n 
1 38 ASP n 
1 39 ILE n 
1 40 GLU n 
1 41 ASP n 
1 42 ILE n 
1 43 GLY n 
1 44 GLU n 
1 45 LYS n 
1 46 LYS n 
1 47 ALA n 
1 48 PHE n 
1 49 CYS n 
1 50 ARG n 
1 51 CYS n 
1 52 TRP n 
1 53 LYS n 
1 54 SER n 
1 55 GLU n 
1 56 LYS n 
1 57 TRP n 
1 58 PRO n 
1 59 TYR n 
1 60 CYS n 
1 61 ASP n 
1 62 GLY n 
1 63 SER n 
1 64 HIS n 
1 65 GLY n 
1 66 LYS n 
1 67 HIS n 
1 68 ASN n 
1 69 LYS n 
1 70 GLU n 
1 71 THR n 
1 72 GLY n 
1 73 ASP n 
1 74 ASN n 
1 75 VAL n 
1 76 GLY n 
1 77 PRO n 
1 78 LEU n 
1 79 ILE n 
1 80 VAL n 
1 81 LYS n 
1 82 SER n 
1 83 GLU n 
1 84 LYS n 
1 85 LYS n 
# 
_entity_src_gen.entity_id                          1 
_entity_src_gen.pdbx_src_id                        1 
_entity_src_gen.pdbx_alt_source_flag               sample 
_entity_src_gen.pdbx_seq_type                      'Biological sequence' 
_entity_src_gen.pdbx_beg_seq_num                   1 
_entity_src_gen.pdbx_end_seq_num                   85 
_entity_src_gen.gene_src_common_name               ? 
_entity_src_gen.gene_src_genus                     ? 
_entity_src_gen.pdbx_gene_src_gene                 ? 
_entity_src_gen.gene_src_species                   ? 
_entity_src_gen.gene_src_strain                    ? 
_entity_src_gen.gene_src_tissue                    ? 
_entity_src_gen.gene_src_tissue_fraction           ? 
_entity_src_gen.gene_src_details                   ? 
_entity_src_gen.pdbx_gene_src_fragment             ? 
_entity_src_gen.pdbx_gene_src_scientific_name      'Caenorhabditis elegans' 
_entity_src_gen.pdbx_gene_src_ncbi_taxonomy_id     6239 
_entity_src_gen.pdbx_gene_src_variant              ? 
_entity_src_gen.pdbx_gene_src_cell_line            ? 
_entity_src_gen.pdbx_gene_src_atcc                 ? 
_entity_src_gen.pdbx_gene_src_organ                ? 
_entity_src_gen.pdbx_gene_src_organelle            ? 
_entity_src_gen.pdbx_gene_src_cell                 ? 
_entity_src_gen.pdbx_gene_src_cellular_location    ? 
_entity_src_gen.host_org_common_name               ? 
_entity_src_gen.pdbx_host_org_scientific_name      'Escherichia coli' 
_entity_src_gen.pdbx_host_org_ncbi_taxonomy_id     562 
_entity_src_gen.host_org_genus                     ? 
_entity_src_gen.pdbx_host_org_gene                 ? 
_entity_src_gen.pdbx_host_org_organ                ? 
_entity_src_gen.host_org_species                   ? 
_entity_src_gen.pdbx_host_org_tissue               ? 
_entity_src_gen.pdbx_host_org_tissue_fraction      ? 
_entity_src_gen.pdbx_host_org_strain               ? 
_entity_src_gen.pdbx_host_org_variant              ? 
_entity_src_gen.pdbx_host_org_cell_line            ? 
_entity_src_gen.pdbx_host_org_atcc                 ? 
_entity_src_gen.pdbx_host_org_culture_collection   ? 
_entity_src_gen.pdbx_host_org_cell                 ? 
_entity_src_gen.pdbx_host_org_organelle            ? 
_entity_src_gen.pdbx_host_org_cellular_location    ? 
_entity_src_gen.pdbx_host_org_vector_type          ? 
_entity_src_gen.pdbx_host_org_vector               ? 
_entity_src_gen.host_org_details                   ? 
_entity_src_gen.expression_system_id               ? 
_entity_src_gen.plasmid_name                       ? 
_entity_src_gen.plasmid_details                    ? 
_entity_src_gen.pdbx_description                   ? 
# 
loop_
_chem_comp.id 
_chem_comp.type 
_chem_comp.mon_nstd_flag 
_chem_comp.name 
_chem_comp.pdbx_synonyms 
_chem_comp.formula 
_chem_comp.formula_weight 
ALA 'L-peptide linking' y ALANINE                      ? 'C3 H7 N O2'     89.093  
ARG 'L-peptide linking' y ARGININE                     ? 'C6 H15 N4 O2 1' 175.209 
ASN 'L-peptide linking' y ASPARAGINE                   ? 'C4 H8 N2 O3'    132.118 
ASP 'L-peptide linking' y 'ASPARTIC ACID'              ? 'C4 H7 N O4'     133.103 
CYS 'L-peptide linking' y CYSTEINE                     ? 'C3 H7 N O2 S'   121.158 
FES non-polymer         . 'FE2/S2 (INORGANIC) CLUSTER' ? 'Fe2 S2'         175.820 
GLN 'L-peptide linking' y GLUTAMINE                    ? 'C5 H10 N2 O3'   146.144 
GLU 'L-peptide linking' y 'GLUTAMIC ACID'              ? 'C5 H9 N O4'     147.129 
GLY 'peptide linking'   y GLYCINE                      ? 'C2 H5 N O2'     75.067  
HIS 'L-peptide linking' y HISTIDINE                    ? 'C6 H10 N3 O2 1' 156.162 
HOH non-polymer         . WATER                        ? 'H2 O'           18.015  
ILE 'L-peptide linking' y ISOLEUCINE                   ? 'C6 H13 N O2'    131.173 
LEU 'L-peptide linking' y LEUCINE                      ? 'C6 H13 N O2'    131.173 
LYS 'L-peptide linking' y LYSINE                       ? 'C6 H15 N2 O2 1' 147.195 
MET 'L-peptide linking' y METHIONINE                   ? 'C5 H11 N O2 S'  149.211 
PHE 'L-peptide linking' y PHENYLALANINE                ? 'C9 H11 N O2'    165.189 
PRO 'L-peptide linking' y PROLINE                      ? 'C5 H9 N O2'     115.130 
SER 'L-peptide linking' y SERINE                       ? 'C3 H7 N O3'     105.093 
THR 'L-peptide linking' y THREONINE                    ? 'C4 H9 N O3'     119.119 
TRP 'L-peptide linking' y TRYPTOPHAN                   ? 'C11 H12 N2 O2'  204.225 
TYR 'L-peptide linking' y TYROSINE                     ? 'C9 H11 N O3'    181.189 
VAL 'L-peptide linking' y VALINE                       ? 'C5 H11 N O2'    117.146 
# 
loop_
_pdbx_poly_seq_scheme.asym_id 
_pdbx_poly_seq_scheme.entity_id 
_pdbx_poly_seq_scheme.seq_id 
_pdbx_poly_seq_scheme.mon_id 
_pdbx_poly_seq_scheme.ndb_seq_num 
_pdbx_poly_seq_scheme.pdb_seq_num 
_pdbx_poly_seq_scheme.auth_seq_num 
_pdbx_poly_seq_scheme.pdb_mon_id 
_pdbx_poly_seq_scheme.auth_mon_id 
_pdbx_poly_seq_scheme.pdb_strand_id 
_pdbx_poly_seq_scheme.pdb_ins_code 
_pdbx_poly_seq_scheme.hetero 
A 1 1  GLY 1  19  ?   ?   ?   A . n 
A 1 2  SER 2  20  ?   ?   ?   A . n 
A 1 3  HIS 3  21  ?   ?   ?   A . n 
A 1 4  MET 4  22  ?   ?   ?   A . n 
A 1 5  ALA 5  23  ?   ?   ?   A . n 
A 1 6  SER 6  24  ?   ?   ?   A . n 
A 1 7  SER 7  25  ?   ?   ?   A . n 
A 1 8  GLY 8  26  ?   ?   ?   A . n 
A 1 9  LYS 9  27  ?   ?   ?   A . n 
A 1 10 LYS 10 28  ?   ?   ?   A . n 
A 1 11 PHE 11 29  ?   ?   ?   A . n 
A 1 12 TYR 12 30  ?   ?   ?   A . n 
A 1 13 ALA 13 31  ?   ?   ?   A . n 
A 1 14 LYS 14 32  ?   ?   ?   A . n 
A 1 15 PHE 15 33  ?   ?   ?   A . n 
A 1 16 GLY 16 34  ?   ?   ?   A . n 
A 1 17 GLN 17 35  ?   ?   ?   A . n 
A 1 18 ARG 18 36  ?   ?   ?   A . n 
A 1 19 SER 19 37  ?   ?   ?   A . n 
A 1 20 ALA 20 38  38  ALA ALA A . n 
A 1 21 ARG 21 39  39  ARG ARG A . n 
A 1 22 CYS 22 40  40  CYS CYS A . n 
A 1 23 ASN 23 41  41  ASN ASN A . n 
A 1 24 TYR 24 42  42  TYR TYR A . n 
A 1 25 LYS 25 43  43  LYS LYS A . n 
A 1 26 ILE 26 44  44  ILE ILE A . n 
A 1 27 GLN 27 45  45  GLN GLN A . n 
A 1 28 LEU 28 46  46  LEU LEU A . n 
A 1 29 ASP 29 47  47  ASP ASP A . n 
A 1 30 SER 30 48  48  SER SER A . n 
A 1 31 ASN 31 49  49  ASN ASN A . n 
A 1 32 LYS 32 50  50  LYS LYS A . n 
A 1 33 ILE 33 51  51  ILE ILE A . n 
A 1 34 VAL 34 52  52  VAL VAL A . n 
A 1 35 ASP 35 53  53  ASP ASP A . n 
A 1 36 THR 36 54  54  THR THR A . n 
A 1 37 VAL 37 55  55  VAL VAL A . n 
A 1 38 ASP 38 56  56  ASP ASP A . n 
A 1 39 ILE 39 57  57  ILE ILE A . n 
A 1 40 GLU 40 58  58  GLU GLU A . n 
A 1 41 ASP 41 59  59  ASP ASP A . n 
A 1 42 ILE 42 60  60  ILE ILE A . n 
A 1 43 GLY 43 61  61  GLY GLY A . n 
A 1 44 GLU 44 62  62  GLU GLU A . n 
A 1 45 LYS 45 63  63  LYS LYS A . n 
A 1 46 LYS 46 64  64  LYS LYS A . n 
A 1 47 ALA 47 65  65  ALA ALA A . n 
A 1 48 PHE 48 66  66  PHE PHE A . n 
A 1 49 CYS 49 67  67  CYS CYS A . n 
A 1 50 ARG 50 68  68  ARG ARG A . n 
A 1 51 CYS 51 69  69  CYS CYS A . n 
A 1 52 TRP 52 70  70  TRP TRP A . n 
A 1 53 LYS 53 71  71  LYS LYS A . n 
A 1 54 SER 54 72  72  SER SER A . n 
A 1 55 GLU 55 73  73  GLU GLU A . n 
A 1 56 LYS 56 74  74  LYS LYS A . n 
A 1 57 TRP 57 75  75  TRP TRP A . n 
A 1 58 PRO 58 76  76  PRO PRO A . n 
A 1 59 TYR 59 77  77  TYR TYR A . n 
A 1 60 CYS 60 78  78  CYS CYS A . n 
A 1 61 ASP 61 79  79  ASP ASP A . n 
A 1 62 GLY 62 80  80  GLY GLY A . n 
A 1 63 SER 63 81  81  SER SER A . n 
A 1 64 HIS 64 82  82  HIS HIS A . n 
A 1 65 GLY 65 83  83  GLY GLY A . n 
A 1 66 LYS 66 84  84  LYS LYS A . n 
A 1 67 HIS 67 85  85  HIS HIS A . n 
A 1 68 ASN 68 86  86  ASN ASN A . n 
A 1 69 LYS 69 87  87  LYS LYS A . n 
A 1 70 GLU 70 88  88  GLU GLU A . n 
A 1 71 THR 71 89  89  THR THR A . n 
A 1 72 GLY 72 90  90  GLY GLY A . n 
A 1 73 ASP 73 91  91  ASP ASP A . n 
A 1 74 ASN 74 92  92  ASN ASN A . n 
A 1 75 VAL 75 93  93  VAL VAL A . n 
A 1 76 GLY 76 94  94  GLY GLY A . n 
A 1 77 PRO 77 95  95  PRO PRO A . n 
A 1 78 LEU 78 96  96  LEU LEU A . n 
A 1 79 ILE 79 97  97  ILE ILE A . n 
A 1 80 VAL 80 98  98  VAL VAL A . n 
A 1 81 LYS 81 99  99  LYS LYS A . n 
A 1 82 SER 82 100 100 SER SER A . n 
A 1 83 GLU 83 101 ?   ?   ?   A . n 
A 1 84 LYS 84 102 ?   ?   ?   A . n 
A 1 85 LYS 85 103 ?   ?   ?   A . n 
# 
_pdbx_entity_instance_feature.ordinal        1 
_pdbx_entity_instance_feature.comp_id        FES 
_pdbx_entity_instance_feature.asym_id        ? 
_pdbx_entity_instance_feature.seq_num        ? 
_pdbx_entity_instance_feature.auth_comp_id   FES 
_pdbx_entity_instance_feature.auth_asym_id   ? 
_pdbx_entity_instance_feature.auth_seq_num   ? 
_pdbx_entity_instance_feature.feature_type   'SUBJECT OF INVESTIGATION' 
_pdbx_entity_instance_feature.details        ? 
# 
loop_
_pdbx_nonpoly_scheme.asym_id 
_pdbx_nonpoly_scheme.entity_id 
_pdbx_nonpoly_scheme.mon_id 
_pdbx_nonpoly_scheme.ndb_seq_num 
_pdbx_nonpoly_scheme.pdb_seq_num 
_pdbx_nonpoly_scheme.auth_seq_num 
_pdbx_nonpoly_scheme.pdb_mon_id 
_pdbx_nonpoly_scheme.auth_mon_id 
_pdbx_nonpoly_scheme.pdb_strand_id 
_pdbx_nonpoly_scheme.pdb_ins_code 
B 2 FES 1  401 401 FES FES A . 
C 3 HOH 1  501 3   HOH HOH A . 
C 3 HOH 2  502 16  HOH HOH A . 
C 3 HOH 3  503 12  HOH HOH A . 
C 3 HOH 4  504 7   HOH HOH A . 
C 3 HOH 5  505 2   HOH HOH A . 
C 3 HOH 6  506 5   HOH HOH A . 
C 3 HOH 7  507 18  HOH HOH A . 
C 3 HOH 8  508 1   HOH HOH A . 
C 3 HOH 9  509 15  HOH HOH A . 
C 3 HOH 10 510 14  HOH HOH A . 
C 3 HOH 11 511 10  HOH HOH A . 
C 3 HOH 12 512 6   HOH HOH A . 
C 3 HOH 13 513 4   HOH HOH A . 
C 3 HOH 14 514 8   HOH HOH A . 
C 3 HOH 15 515 9   HOH HOH A . 
C 3 HOH 16 516 11  HOH HOH A . 
C 3 HOH 17 517 17  HOH HOH A . 
C 3 HOH 18 518 13  HOH HOH A . 
C 3 HOH 19 519 19  HOH HOH A . 
# 
loop_
_pdbx_unobs_or_zero_occ_atoms.id 
_pdbx_unobs_or_zero_occ_atoms.PDB_model_num 
_pdbx_unobs_or_zero_occ_atoms.polymer_flag 
_pdbx_unobs_or_zero_occ_atoms.occupancy_flag 
_pdbx_unobs_or_zero_occ_atoms.auth_asym_id 
_pdbx_unobs_or_zero_occ_atoms.auth_comp_id 
_pdbx_unobs_or_zero_occ_atoms.auth_seq_id 
_pdbx_unobs_or_zero_occ_atoms.PDB_ins_code 
_pdbx_unobs_or_zero_occ_atoms.auth_atom_id 
_pdbx_unobs_or_zero_occ_atoms.label_alt_id 
_pdbx_unobs_or_zero_occ_atoms.label_asym_id 
_pdbx_unobs_or_zero_occ_atoms.label_comp_id 
_pdbx_unobs_or_zero_occ_atoms.label_seq_id 
_pdbx_unobs_or_zero_occ_atoms.label_atom_id 
1  1 Y 1 A GLU 58 ? CG  ? A GLU 40 CG  
2  1 Y 1 A GLU 58 ? CD  ? A GLU 40 CD  
3  1 Y 1 A GLU 58 ? OE1 ? A GLU 40 OE1 
4  1 Y 1 A GLU 58 ? OE2 ? A GLU 40 OE2 
5  1 Y 1 A GLU 62 ? CG  ? A GLU 44 CG  
6  1 Y 1 A GLU 62 ? CD  ? A GLU 44 CD  
7  1 Y 1 A GLU 62 ? OE1 ? A GLU 44 OE1 
8  1 Y 1 A GLU 62 ? OE2 ? A GLU 44 OE2 
9  1 Y 1 A LYS 84 ? CG  ? A LYS 66 CG  
10 1 Y 1 A LYS 84 ? CD  ? A LYS 66 CD  
11 1 Y 1 A LYS 84 ? CE  ? A LYS 66 CE  
12 1 Y 1 A LYS 84 ? NZ  ? A LYS 66 NZ  
13 1 Y 1 A LYS 87 ? CG  ? A LYS 69 CG  
14 1 Y 1 A LYS 87 ? CD  ? A LYS 69 CD  
15 1 Y 1 A LYS 87 ? CE  ? A LYS 69 CE  
16 1 Y 1 A LYS 87 ? NZ  ? A LYS 69 NZ  
17 1 Y 1 A GLU 88 ? CG  ? A GLU 70 CG  
18 1 Y 1 A GLU 88 ? CD  ? A GLU 70 CD  
19 1 Y 1 A GLU 88 ? OE1 ? A GLU 70 OE1 
20 1 Y 1 A GLU 88 ? OE2 ? A GLU 70 OE2 
# 
loop_
_software.citation_id 
_software.classification 
_software.compiler_name 
_software.compiler_version 
_software.contact_author 
_software.contact_author_email 
_software.date 
_software.description 
_software.dependencies 
_software.hardware 
_software.language 
_software.location 
_software.mods 
_software.name 
_software.os 
_software.os_version 
_software.type 
_software.version 
_software.pdbx_ordinal 
? 'data collection' ? ? ? ? ? ? ? ? ? ? ? BSS    ? ? ? .             1 
? 'data reduction'  ? ? ? ? ? ? ? ? ? ? ? XDS    ? ? ? .             2 
? phasing           ? ? ? ? ? ? ? ? ? ? ? PHASER ? ? ? .             3 
? 'model building'  ? ? ? ? ? ? ? ? ? ? ? Coot   ? ? ? .             4 
? refinement        ? ? ? ? ? ? ? ? ? ? ? PHENIX ? ? ? 1.1192.2_4158 5 
? 'data scaling'    ? ? ? ? ? ? ? ? ? ? ? XDS    ? ? ? .             6 
# 
_cell.angle_alpha                  90.000 
_cell.angle_alpha_esd              ? 
_cell.angle_beta                   90.000 
_cell.angle_beta_esd               ? 
_cell.angle_gamma                  90.000 
_cell.angle_gamma_esd              ? 
_cell.entry_id                     7YVZ 
_cell.details                      ? 
_cell.formula_units_Z              ? 
_cell.length_a                     37.798 
_cell.length_a_esd                 ? 
_cell.length_b                     37.798 
_cell.length_b_esd                 ? 
_cell.length_c                     82.260 
_cell.length_c_esd                 ? 
_cell.volume                       117523.941 
_cell.volume_esd                   ? 
_cell.Z_PDB                        8 
_cell.reciprocal_angle_alpha       ? 
_cell.reciprocal_angle_beta        ? 
_cell.reciprocal_angle_gamma       ? 
_cell.reciprocal_angle_alpha_esd   ? 
_cell.reciprocal_angle_beta_esd    ? 
_cell.reciprocal_angle_gamma_esd   ? 
_cell.reciprocal_length_a          ? 
_cell.reciprocal_length_b          ? 
_cell.reciprocal_length_c          ? 
_cell.reciprocal_length_a_esd      ? 
_cell.reciprocal_length_b_esd      ? 
_cell.reciprocal_length_c_esd      ? 
_cell.pdbx_unique_axis             ? 
_cell.pdbx_esd_method              ? 
# 
_symmetry.entry_id                         7YVZ 
_symmetry.cell_setting                     ? 
_symmetry.Int_Tables_number                92 
_symmetry.space_group_name_Hall            'P 4abw 2nw' 
_symmetry.space_group_name_H-M             'P 41 21 2' 
_symmetry.pdbx_full_space_group_name_H-M   ? 
# 
_exptl.absorpt_coefficient_mu     ? 
_exptl.absorpt_correction_T_max   ? 
_exptl.absorpt_correction_T_min   ? 
_exptl.absorpt_correction_type    ? 
_exptl.absorpt_process_details    ? 
_exptl.entry_id                   7YVZ 
_exptl.crystals_number            1 
_exptl.details                    ? 
_exptl.method                     'X-RAY DIFFRACTION' 
_exptl.method_details             ? 
# 
_exptl_crystal.colour                       ? 
_exptl_crystal.density_diffrn               ? 
_exptl_crystal.density_Matthews             1.53 
_exptl_crystal.density_method               ? 
_exptl_crystal.density_percent_sol          19.36 
_exptl_crystal.description                  ? 
_exptl_crystal.F_000                        ? 
_exptl_crystal.id                           1 
_exptl_crystal.preparation                  ? 
_exptl_crystal.size_max                     ? 
_exptl_crystal.size_mid                     ? 
_exptl_crystal.size_min                     ? 
_exptl_crystal.size_rad                     ? 
_exptl_crystal.colour_lustre                ? 
_exptl_crystal.colour_modifier              ? 
_exptl_crystal.colour_primary               ? 
_exptl_crystal.density_meas                 ? 
_exptl_crystal.density_meas_esd             ? 
_exptl_crystal.density_meas_gt              ? 
_exptl_crystal.density_meas_lt              ? 
_exptl_crystal.density_meas_temp            ? 
_exptl_crystal.density_meas_temp_esd        ? 
_exptl_crystal.density_meas_temp_gt         ? 
_exptl_crystal.density_meas_temp_lt         ? 
_exptl_crystal.pdbx_crystal_image_url       ? 
_exptl_crystal.pdbx_crystal_image_format    ? 
_exptl_crystal.pdbx_mosaicity               ? 
_exptl_crystal.pdbx_mosaicity_esd           ? 
_exptl_crystal.pdbx_mosaic_method           ? 
_exptl_crystal.pdbx_mosaic_block_size       ? 
_exptl_crystal.pdbx_mosaic_block_size_esd   ? 
# 
_exptl_crystal_grow.apparatus       ? 
_exptl_crystal_grow.atmosphere      ? 
_exptl_crystal_grow.crystal_id      1 
_exptl_crystal_grow.details         ? 
_exptl_crystal_grow.method          'VAPOR DIFFUSION, HANGING DROP' 
_exptl_crystal_grow.method_ref      ? 
_exptl_crystal_grow.pH              ? 
_exptl_crystal_grow.pressure        ? 
_exptl_crystal_grow.pressure_esd    ? 
_exptl_crystal_grow.seeding         ? 
_exptl_crystal_grow.seeding_ref     ? 
_exptl_crystal_grow.temp            277 
_exptl_crystal_grow.temp_details    ? 
_exptl_crystal_grow.temp_esd        ? 
_exptl_crystal_grow.time            ? 
_exptl_crystal_grow.pdbx_details    
'100 mM CHES-NaOH, pH 9.5, and 30%(w/v) PEG 3000 to which 5%(v/v) of 1 M Bicine, pH8.5, was added' 
_exptl_crystal_grow.pdbx_pH_range   ? 
# 
_diffrn.ambient_environment              ? 
_diffrn.ambient_temp                     100 
_diffrn.ambient_temp_details             ? 
_diffrn.ambient_temp_esd                 ? 
_diffrn.crystal_id                       1 
_diffrn.crystal_support                  ? 
_diffrn.crystal_treatment                ? 
_diffrn.details                          ? 
_diffrn.id                               1 
_diffrn.ambient_pressure                 ? 
_diffrn.ambient_pressure_esd             ? 
_diffrn.ambient_pressure_gt              ? 
_diffrn.ambient_pressure_lt              ? 
_diffrn.ambient_temp_gt                  ? 
_diffrn.ambient_temp_lt                  ? 
_diffrn.pdbx_serial_crystal_experiment   N 
# 
_diffrn_detector.details                      ? 
_diffrn_detector.detector                     PIXEL 
_diffrn_detector.diffrn_id                    1 
_diffrn_detector.type                         'DECTRIS PILATUS3 X 6M' 
_diffrn_detector.area_resol_mean              ? 
_diffrn_detector.dtime                        ? 
_diffrn_detector.pdbx_frames_total            ? 
_diffrn_detector.pdbx_collection_time_total   ? 
_diffrn_detector.pdbx_collection_date         2014-07-08 
_diffrn_detector.pdbx_frequency               ? 
# 
_diffrn_radiation.collimation                      ? 
_diffrn_radiation.diffrn_id                        1 
_diffrn_radiation.filter_edge                      ? 
_diffrn_radiation.inhomogeneity                    ? 
_diffrn_radiation.monochromator                    ? 
_diffrn_radiation.polarisn_norm                    ? 
_diffrn_radiation.polarisn_ratio                   ? 
_diffrn_radiation.probe                            ? 
_diffrn_radiation.type                             ? 
_diffrn_radiation.xray_symbol                      ? 
_diffrn_radiation.wavelength_id                    1 
_diffrn_radiation.pdbx_monochromatic_or_laue_m_l   M 
_diffrn_radiation.pdbx_wavelength_list             ? 
_diffrn_radiation.pdbx_wavelength                  ? 
_diffrn_radiation.pdbx_diffrn_protocol             'SINGLE WAVELENGTH' 
_diffrn_radiation.pdbx_analyzer                    ? 
_diffrn_radiation.pdbx_scattering_type             x-ray 
# 
_diffrn_radiation_wavelength.id           1 
_diffrn_radiation_wavelength.wavelength   1 
_diffrn_radiation_wavelength.wt           1.0 
# 
_diffrn_source.current                     ? 
_diffrn_source.details                     ? 
_diffrn_source.diffrn_id                   1 
_diffrn_source.power                       ? 
_diffrn_source.size                        ? 
_diffrn_source.source                      SYNCHROTRON 
_diffrn_source.target                      ? 
_diffrn_source.type                        'SPRING-8 BEAMLINE BL41XU' 
_diffrn_source.voltage                     ? 
_diffrn_source.take-off_angle              ? 
_diffrn_source.pdbx_wavelength_list        1 
_diffrn_source.pdbx_wavelength             ? 
_diffrn_source.pdbx_synchrotron_beamline   BL41XU 
_diffrn_source.pdbx_synchrotron_site       SPring-8 
# 
_reflns.B_iso_Wilson_estimate                          25.59 
_reflns.entry_id                                       7YVZ 
_reflns.data_reduction_details                         ? 
_reflns.data_reduction_method                          ? 
_reflns.d_resolution_high                              1.7 
_reflns.d_resolution_low                               34.35 
_reflns.details                                        ? 
_reflns.limit_h_max                                    ? 
_reflns.limit_h_min                                    ? 
_reflns.limit_k_max                                    ? 
_reflns.limit_k_min                                    ? 
_reflns.limit_l_max                                    ? 
_reflns.limit_l_min                                    ? 
_reflns.number_all                                     ? 
_reflns.number_obs                                     7076 
_reflns.observed_criterion                             ? 
_reflns.observed_criterion_F_max                       ? 
_reflns.observed_criterion_F_min                       ? 
_reflns.observed_criterion_I_max                       ? 
_reflns.observed_criterion_I_min                       ? 
_reflns.observed_criterion_sigma_F                     ? 
_reflns.observed_criterion_sigma_I                     ? 
_reflns.percent_possible_obs                           99.77 
_reflns.R_free_details                                 ? 
_reflns.Rmerge_F_all                                   ? 
_reflns.Rmerge_F_obs                                   ? 
_reflns.Friedel_coverage                               ? 
_reflns.number_gt                                      ? 
_reflns.threshold_expression                           ? 
_reflns.pdbx_redundancy                                7.1 
_reflns.pdbx_Rmerge_I_obs                              0.04914 
_reflns.pdbx_Rmerge_I_all                              ? 
_reflns.pdbx_Rsym_value                                ? 
_reflns.pdbx_netI_over_av_sigmaI                       ? 
_reflns.pdbx_netI_over_sigmaI                          19.83 
_reflns.pdbx_res_netI_over_av_sigmaI_2                 ? 
_reflns.pdbx_res_netI_over_sigmaI_2                    ? 
_reflns.pdbx_chi_squared                               ? 
_reflns.pdbx_scaling_rejects                           ? 
_reflns.pdbx_d_res_high_opt                            ? 
_reflns.pdbx_d_res_low_opt                             ? 
_reflns.pdbx_d_res_opt_method                          ? 
_reflns.phase_calculation_details                      ? 
_reflns.pdbx_Rrim_I_all                                0.05317 
_reflns.pdbx_Rpim_I_all                                0.01976 
_reflns.pdbx_d_opt                                     ? 
_reflns.pdbx_number_measured_all                       ? 
_reflns.pdbx_diffrn_id                                 1 
_reflns.pdbx_ordinal                                   1 
_reflns.pdbx_CC_half                                   0.999 
_reflns.pdbx_CC_star                                   1 
_reflns.pdbx_R_split                                   ? 
_reflns.pdbx_aniso_diffraction_limit_axis_1_ortho[1]   ? 
_reflns.pdbx_aniso_diffraction_limit_axis_1_ortho[2]   ? 
_reflns.pdbx_aniso_diffraction_limit_axis_1_ortho[3]   ? 
_reflns.pdbx_aniso_diffraction_limit_axis_2_ortho[1]   ? 
_reflns.pdbx_aniso_diffraction_limit_axis_2_ortho[2]   ? 
_reflns.pdbx_aniso_diffraction_limit_axis_2_ortho[3]   ? 
_reflns.pdbx_aniso_diffraction_limit_axis_3_ortho[1]   ? 
_reflns.pdbx_aniso_diffraction_limit_axis_3_ortho[2]   ? 
_reflns.pdbx_aniso_diffraction_limit_axis_3_ortho[3]   ? 
_reflns.pdbx_aniso_diffraction_limit_1                 ? 
_reflns.pdbx_aniso_diffraction_limit_2                 ? 
_reflns.pdbx_aniso_diffraction_limit_3                 ? 
_reflns.pdbx_aniso_B_tensor_eigenvector_1_ortho[1]     ? 
_reflns.pdbx_aniso_B_tensor_eigenvector_1_ortho[2]     ? 
_reflns.pdbx_aniso_B_tensor_eigenvector_1_ortho[3]     ? 
_reflns.pdbx_aniso_B_tensor_eigenvector_2_ortho[1]     ? 
_reflns.pdbx_aniso_B_tensor_eigenvector_2_ortho[2]     ? 
_reflns.pdbx_aniso_B_tensor_eigenvector_2_ortho[3]     ? 
_reflns.pdbx_aniso_B_tensor_eigenvector_3_ortho[1]     ? 
_reflns.pdbx_aniso_B_tensor_eigenvector_3_ortho[2]     ? 
_reflns.pdbx_aniso_B_tensor_eigenvector_3_ortho[3]     ? 
_reflns.pdbx_aniso_B_tensor_eigenvalue_1               ? 
_reflns.pdbx_aniso_B_tensor_eigenvalue_2               ? 
_reflns.pdbx_aniso_B_tensor_eigenvalue_3               ? 
_reflns.pdbx_orthogonalization_convention              ? 
_reflns.pdbx_percent_possible_ellipsoidal              ? 
_reflns.pdbx_percent_possible_spherical                ? 
_reflns.pdbx_percent_possible_ellipsoidal_anomalous    ? 
_reflns.pdbx_percent_possible_spherical_anomalous      ? 
_reflns.pdbx_redundancy_anomalous                      ? 
_reflns.pdbx_CC_half_anomalous                         ? 
_reflns.pdbx_absDiff_over_sigma_anomalous              ? 
_reflns.pdbx_percent_possible_anomalous                ? 
_reflns.pdbx_observed_signal_threshold                 ? 
_reflns.pdbx_signal_type                               ? 
_reflns.pdbx_signal_details                            ? 
_reflns.pdbx_signal_software_id                        ? 
_reflns.pdbx_CC_split_method                           ? 
# 
_reflns_shell.d_res_high                                    1.7 
_reflns_shell.d_res_low                                     1.761 
_reflns_shell.meanI_over_sigI_all                           ? 
_reflns_shell.meanI_over_sigI_obs                           3.5 
_reflns_shell.number_measured_all                           ? 
_reflns_shell.number_measured_obs                           ? 
_reflns_shell.number_possible                               ? 
_reflns_shell.number_unique_all                             ? 
_reflns_shell.number_unique_obs                             686 
_reflns_shell.percent_possible_all                          ? 
_reflns_shell.percent_possible_obs                          ? 
_reflns_shell.Rmerge_F_all                                  ? 
_reflns_shell.Rmerge_F_obs                                  ? 
_reflns_shell.Rmerge_I_all                                  ? 
_reflns_shell.Rmerge_I_obs                                  0.472 
_reflns_shell.meanI_over_sigI_gt                            ? 
_reflns_shell.meanI_over_uI_all                             ? 
_reflns_shell.meanI_over_uI_gt                              ? 
_reflns_shell.number_measured_gt                            ? 
_reflns_shell.number_unique_gt                              ? 
_reflns_shell.percent_possible_gt                           ? 
_reflns_shell.Rmerge_F_gt                                   ? 
_reflns_shell.Rmerge_I_gt                                   ? 
_reflns_shell.pdbx_redundancy                               7.3 
_reflns_shell.pdbx_Rsym_value                               ? 
_reflns_shell.pdbx_chi_squared                              ? 
_reflns_shell.pdbx_netI_over_sigmaI_all                     ? 
_reflns_shell.pdbx_netI_over_sigmaI_obs                     ? 
_reflns_shell.pdbx_Rrim_I_all                               0.5081 
_reflns_shell.pdbx_Rpim_I_all                               0.1846 
_reflns_shell.pdbx_rejects                                  ? 
_reflns_shell.pdbx_ordinal                                  1 
_reflns_shell.pdbx_diffrn_id                                1 
_reflns_shell.pdbx_CC_half                                  0.907 
_reflns_shell.pdbx_CC_star                                  0.975 
_reflns_shell.pdbx_R_split                                  ? 
_reflns_shell.pdbx_percent_possible_ellipsoidal             ? 
_reflns_shell.pdbx_percent_possible_spherical               ? 
_reflns_shell.pdbx_percent_possible_ellipsoidal_anomalous   ? 
_reflns_shell.pdbx_percent_possible_spherical_anomalous     ? 
_reflns_shell.pdbx_redundancy_anomalous                     ? 
_reflns_shell.pdbx_CC_half_anomalous                        ? 
_reflns_shell.pdbx_absDiff_over_sigma_anomalous             ? 
_reflns_shell.pdbx_percent_possible_anomalous               ? 
# 
_refine.aniso_B[1][1]                            ? 
_refine.aniso_B[1][2]                            ? 
_refine.aniso_B[1][3]                            ? 
_refine.aniso_B[2][2]                            ? 
_refine.aniso_B[2][3]                            ? 
_refine.aniso_B[3][3]                            ? 
_refine.B_iso_max                                ? 
_refine.B_iso_mean                               34.03 
_refine.B_iso_min                                ? 
_refine.correlation_coeff_Fo_to_Fc               ? 
_refine.correlation_coeff_Fo_to_Fc_free          ? 
_refine.details                                  ? 
_refine.diff_density_max                         ? 
_refine.diff_density_max_esd                     ? 
_refine.diff_density_min                         ? 
_refine.diff_density_min_esd                     ? 
_refine.diff_density_rms                         ? 
_refine.diff_density_rms_esd                     ? 
_refine.entry_id                                 7YVZ 
_refine.pdbx_refine_id                           'X-RAY DIFFRACTION' 
_refine.ls_abs_structure_details                 ? 
_refine.ls_abs_structure_Flack                   ? 
_refine.ls_abs_structure_Flack_esd               ? 
_refine.ls_abs_structure_Rogers                  ? 
_refine.ls_abs_structure_Rogers_esd              ? 
_refine.ls_d_res_high                            1.70 
_refine.ls_d_res_low                             34.35 
_refine.ls_extinction_coef                       ? 
_refine.ls_extinction_coef_esd                   ? 
_refine.ls_extinction_expression                 ? 
_refine.ls_extinction_method                     ? 
_refine.ls_goodness_of_fit_all                   ? 
_refine.ls_goodness_of_fit_all_esd               ? 
_refine.ls_goodness_of_fit_obs                   ? 
_refine.ls_goodness_of_fit_obs_esd               ? 
_refine.ls_hydrogen_treatment                    ? 
_refine.ls_matrix_type                           ? 
_refine.ls_number_constraints                    ? 
_refine.ls_number_parameters                     ? 
_refine.ls_number_reflns_all                     ? 
_refine.ls_number_reflns_obs                     7076 
_refine.ls_number_reflns_R_free                  708 
_refine.ls_number_reflns_R_work                  6368 
_refine.ls_number_restraints                     ? 
_refine.ls_percent_reflns_obs                    99.73 
_refine.ls_percent_reflns_R_free                 10.01 
_refine.ls_R_factor_all                          ? 
_refine.ls_R_factor_obs                          0.1699 
_refine.ls_R_factor_R_free                       0.1891 
_refine.ls_R_factor_R_free_error                 ? 
_refine.ls_R_factor_R_free_error_details         ? 
_refine.ls_R_factor_R_work                       0.1677 
_refine.ls_R_Fsqd_factor_obs                     ? 
_refine.ls_R_I_factor_obs                        ? 
_refine.ls_redundancy_reflns_all                 ? 
_refine.ls_redundancy_reflns_obs                 ? 
_refine.ls_restrained_S_all                      ? 
_refine.ls_restrained_S_obs                      ? 
_refine.ls_shift_over_esd_max                    ? 
_refine.ls_shift_over_esd_mean                   ? 
_refine.ls_structure_factor_coef                 ? 
_refine.ls_weighting_details                     ? 
_refine.ls_weighting_scheme                      ? 
_refine.ls_wR_factor_all                         ? 
_refine.ls_wR_factor_obs                         ? 
_refine.ls_wR_factor_R_free                      ? 
_refine.ls_wR_factor_R_work                      ? 
_refine.occupancy_max                            ? 
_refine.occupancy_min                            ? 
_refine.solvent_model_details                    'FLAT BULK SOLVENT MODEL' 
_refine.solvent_model_param_bsol                 ? 
_refine.solvent_model_param_ksol                 ? 
_refine.pdbx_R_complete                          ? 
_refine.ls_R_factor_gt                           ? 
_refine.ls_goodness_of_fit_gt                    ? 
_refine.ls_goodness_of_fit_ref                   ? 
_refine.ls_shift_over_su_max                     ? 
_refine.ls_shift_over_su_max_lt                  ? 
_refine.ls_shift_over_su_mean                    ? 
_refine.ls_shift_over_su_mean_lt                 ? 
_refine.pdbx_ls_sigma_I                          ? 
_refine.pdbx_ls_sigma_F                          1.39 
_refine.pdbx_ls_sigma_Fsqd                       ? 
_refine.pdbx_data_cutoff_high_absF               ? 
_refine.pdbx_data_cutoff_high_rms_absF           ? 
_refine.pdbx_data_cutoff_low_absF                ? 
_refine.pdbx_isotropic_thermal_model             ? 
_refine.pdbx_ls_cross_valid_method               'FREE R-VALUE' 
_refine.pdbx_method_to_determine_struct          'MOLECULAR REPLACEMENT' 
_refine.pdbx_starting_model                      'rat mitoNEET' 
_refine.pdbx_stereochemistry_target_values       'GeoStd + Monomer Library + CDL v1.2' 
_refine.pdbx_R_Free_selection_details            ? 
_refine.pdbx_stereochem_target_val_spec_case     ? 
_refine.pdbx_overall_ESU_R                       ? 
_refine.pdbx_overall_ESU_R_Free                  ? 
_refine.pdbx_solvent_vdw_probe_radii             1.1100 
_refine.pdbx_solvent_ion_probe_radii             ? 
_refine.pdbx_solvent_shrinkage_radii             0.9000 
_refine.pdbx_real_space_R                        ? 
_refine.pdbx_density_correlation                 ? 
_refine.pdbx_pd_number_of_powder_patterns        ? 
_refine.pdbx_pd_number_of_points                 ? 
_refine.pdbx_pd_meas_number_of_points            ? 
_refine.pdbx_pd_proc_ls_prof_R_factor            ? 
_refine.pdbx_pd_proc_ls_prof_wR_factor           ? 
_refine.pdbx_pd_Marquardt_correlation_coeff      ? 
_refine.pdbx_pd_Fsqrd_R_factor                   ? 
_refine.pdbx_pd_ls_matrix_band_width             ? 
_refine.pdbx_overall_phase_error                 18.2787 
_refine.pdbx_overall_SU_R_free_Cruickshank_DPI   ? 
_refine.pdbx_overall_SU_R_free_Blow_DPI          ? 
_refine.pdbx_overall_SU_R_Blow_DPI               ? 
_refine.pdbx_TLS_residual_ADP_flag               ? 
_refine.pdbx_diffrn_id                           1 
_refine.overall_SU_B                             ? 
_refine.overall_SU_ML                            0.1394 
_refine.overall_SU_R_Cruickshank_DPI             ? 
_refine.overall_SU_R_free                        ? 
_refine.overall_FOM_free_R_set                   ? 
_refine.overall_FOM_work_R_set                   ? 
_refine.pdbx_average_fsc_overall                 ? 
_refine.pdbx_average_fsc_work                    ? 
_refine.pdbx_average_fsc_free                    ? 
# 
_refine_hist.pdbx_refine_id                   'X-RAY DIFFRACTION' 
_refine_hist.cycle_id                         LAST 
_refine_hist.details                          ? 
_refine_hist.d_res_high                       1.70 
_refine_hist.d_res_low                        34.35 
_refine_hist.number_atoms_solvent             19 
_refine_hist.number_atoms_total               504 
_refine_hist.number_reflns_all                ? 
_refine_hist.number_reflns_obs                ? 
_refine_hist.number_reflns_R_free             ? 
_refine_hist.number_reflns_R_work             ? 
_refine_hist.R_factor_all                     ? 
_refine_hist.R_factor_obs                     ? 
_refine_hist.R_factor_R_free                  ? 
_refine_hist.R_factor_R_work                  ? 
_refine_hist.pdbx_number_residues_total       ? 
_refine_hist.pdbx_B_iso_mean_ligand           ? 
_refine_hist.pdbx_B_iso_mean_solvent          ? 
_refine_hist.pdbx_number_atoms_protein        481 
_refine_hist.pdbx_number_atoms_nucleic_acid   0 
_refine_hist.pdbx_number_atoms_ligand         4 
_refine_hist.pdbx_number_atoms_lipid          ? 
_refine_hist.pdbx_number_atoms_carb           ? 
_refine_hist.pdbx_pseudo_atom_details         ? 
# 
loop_
_refine_ls_restr.pdbx_refine_id 
_refine_ls_restr.criterion 
_refine_ls_restr.dev_ideal 
_refine_ls_restr.dev_ideal_target 
_refine_ls_restr.number 
_refine_ls_restr.rejects 
_refine_ls_restr.type 
_refine_ls_restr.weight 
_refine_ls_restr.pdbx_restraint_function 
'X-RAY DIFFRACTION' ? 0.0145 ? 502 ? f_bond_d           ? ? 
'X-RAY DIFFRACTION' ? 1.4611 ? 678 ? f_angle_d          ? ? 
'X-RAY DIFFRACTION' ? 0.0851 ? 72  ? f_chiral_restr     ? ? 
'X-RAY DIFFRACTION' ? 0.0119 ? 87  ? f_plane_restr      ? ? 
'X-RAY DIFFRACTION' ? 5.9443 ? 72  ? f_dihedral_angle_d ? ? 
# 
loop_
_refine_ls_shell.pdbx_refine_id 
_refine_ls_shell.d_res_high 
_refine_ls_shell.d_res_low 
_refine_ls_shell.number_reflns_all 
_refine_ls_shell.number_reflns_obs 
_refine_ls_shell.number_reflns_R_free 
_refine_ls_shell.number_reflns_R_work 
_refine_ls_shell.percent_reflns_obs 
_refine_ls_shell.percent_reflns_R_free 
_refine_ls_shell.R_factor_all 
_refine_ls_shell.R_factor_obs 
_refine_ls_shell.R_factor_R_free 
_refine_ls_shell.R_factor_R_free_error 
_refine_ls_shell.R_factor_R_work 
_refine_ls_shell.redundancy_reflns_all 
_refine_ls_shell.redundancy_reflns_obs 
_refine_ls_shell.wR_factor_all 
_refine_ls_shell.wR_factor_obs 
_refine_ls_shell.wR_factor_R_free 
_refine_ls_shell.wR_factor_R_work 
_refine_ls_shell.pdbx_R_complete 
_refine_ls_shell.pdbx_total_number_of_bins_used 
_refine_ls_shell.pdbx_phase_error 
_refine_ls_shell.pdbx_fsc_work 
_refine_ls_shell.pdbx_fsc_free 
'X-RAY DIFFRACTION' 1.70 1.83  . . 137 1236 99.71  . . . 0.2113 . 0.1727 . . . . . . . . . . . 
'X-RAY DIFFRACTION' 1.83 2.01  . . 139 1247 100.00 . . . 0.2085 . 0.1601 . . . . . . . . . . . 
'X-RAY DIFFRACTION' 2.01 2.30  . . 139 1247 99.93  . . . 0.1975 . 0.1593 . . . . . . . . . . . 
'X-RAY DIFFRACTION' 2.31 2.90  . . 142 1282 99.93  . . . 0.2075 . 0.1895 . . . . . . . . . . . 
'X-RAY DIFFRACTION' 2.90 34.35 . . 151 1356 99.14  . . . 0.1756 . 0.1618 . . . . . . . . . . . 
# 
_struct.entry_id                     7YVZ 
_struct.title                        'Structure of Caenorhabditis elegans CISD-1/mitoNEET' 
_struct.pdbx_model_details           ? 
_struct.pdbx_formula_weight          ? 
_struct.pdbx_formula_weight_method   ? 
_struct.pdbx_model_type_details      ? 
_struct.pdbx_CASP_flag               N 
# 
_struct_keywords.entry_id        7YVZ 
_struct_keywords.text            
;Caenorhabditis elegans, mitochondrial outer membrane protein, CDGSH iron sulfur containing protein, regulating mitochondrial function and morphology, METAL BINDING PROTEIN
;
_struct_keywords.pdbx_keywords   'METAL BINDING PROTEIN' 
# 
loop_
_struct_asym.id 
_struct_asym.pdbx_blank_PDB_chainid_flag 
_struct_asym.pdbx_modified 
_struct_asym.entity_id 
_struct_asym.details 
A N N 1 ? 
B N N 2 ? 
C N N 3 ? 
# 
_struct_ref.id                         1 
_struct_ref.db_name                    UNP 
_struct_ref.db_code                    A7LPG5_CAEEL 
_struct_ref.pdbx_db_accession          A7LPG5 
_struct_ref.pdbx_db_isoform            ? 
_struct_ref.entity_id                  1 
_struct_ref.pdbx_seq_one_letter_code   KFGQRSARCNYKIQLDSNKIVDTVDIEDIGEKKAFCRCWKSEKWPYCDGSHGKHNKETGDNVGPLIVKSEKK 
_struct_ref.pdbx_align_begin           63 
# 
_struct_ref_seq.align_id                      1 
_struct_ref_seq.ref_id                        1 
_struct_ref_seq.pdbx_PDB_id_code              7YVZ 
_struct_ref_seq.pdbx_strand_id                A 
_struct_ref_seq.seq_align_beg                 14 
_struct_ref_seq.pdbx_seq_align_beg_ins_code   ? 
_struct_ref_seq.seq_align_end                 85 
_struct_ref_seq.pdbx_seq_align_end_ins_code   ? 
_struct_ref_seq.pdbx_db_accession             A7LPG5 
_struct_ref_seq.db_align_beg                  63 
_struct_ref_seq.pdbx_db_align_beg_ins_code    ? 
_struct_ref_seq.db_align_end                  134 
_struct_ref_seq.pdbx_db_align_end_ins_code    ? 
_struct_ref_seq.pdbx_auth_seq_align_beg       32 
_struct_ref_seq.pdbx_auth_seq_align_end       103 
# 
loop_
_struct_ref_seq_dif.align_id 
_struct_ref_seq_dif.pdbx_pdb_id_code 
_struct_ref_seq_dif.mon_id 
_struct_ref_seq_dif.pdbx_pdb_strand_id 
_struct_ref_seq_dif.seq_num 
_struct_ref_seq_dif.pdbx_pdb_ins_code 
_struct_ref_seq_dif.pdbx_seq_db_name 
_struct_ref_seq_dif.pdbx_seq_db_accession_code 
_struct_ref_seq_dif.db_mon_id 
_struct_ref_seq_dif.pdbx_seq_db_seq_num 
_struct_ref_seq_dif.details 
_struct_ref_seq_dif.pdbx_auth_seq_num 
_struct_ref_seq_dif.pdbx_ordinal 
1 7YVZ GLY A 1  ? UNP A7LPG5 ? ? 'expression tag' 19 1  
1 7YVZ SER A 2  ? UNP A7LPG5 ? ? 'expression tag' 20 2  
1 7YVZ HIS A 3  ? UNP A7LPG5 ? ? 'expression tag' 21 3  
1 7YVZ MET A 4  ? UNP A7LPG5 ? ? 'expression tag' 22 4  
1 7YVZ ALA A 5  ? UNP A7LPG5 ? ? 'expression tag' 23 5  
1 7YVZ SER A 6  ? UNP A7LPG5 ? ? 'expression tag' 24 6  
1 7YVZ SER A 7  ? UNP A7LPG5 ? ? 'expression tag' 25 7  
1 7YVZ GLY A 8  ? UNP A7LPG5 ? ? 'expression tag' 26 8  
1 7YVZ LYS A 9  ? UNP A7LPG5 ? ? 'expression tag' 27 9  
1 7YVZ LYS A 10 ? UNP A7LPG5 ? ? 'expression tag' 28 10 
1 7YVZ PHE A 11 ? UNP A7LPG5 ? ? 'expression tag' 29 11 
1 7YVZ TYR A 12 ? UNP A7LPG5 ? ? 'expression tag' 30 12 
1 7YVZ ALA A 13 ? UNP A7LPG5 ? ? 'expression tag' 31 13 
# 
_pdbx_struct_assembly.id                   1 
_pdbx_struct_assembly.details              author_and_software_defined_assembly 
_pdbx_struct_assembly.method_details       PISA 
_pdbx_struct_assembly.oligomeric_details   dimeric 
_pdbx_struct_assembly.oligomeric_count     2 
# 
loop_
_pdbx_struct_assembly_prop.biol_id 
_pdbx_struct_assembly_prop.type 
_pdbx_struct_assembly_prop.value 
_pdbx_struct_assembly_prop.details 
1 'ABSA (A^2)' 3770 ? 
1 MORE         -48  ? 
1 'SSA (A^2)'  6350 ? 
# 
_pdbx_struct_assembly_gen.assembly_id       1 
_pdbx_struct_assembly_gen.oper_expression   1,2 
_pdbx_struct_assembly_gen.asym_id_list      A,B,C 
# 
_pdbx_struct_assembly_auth_evidence.id                     1 
_pdbx_struct_assembly_auth_evidence.assembly_id            1 
_pdbx_struct_assembly_auth_evidence.experimental_support   homology 
_pdbx_struct_assembly_auth_evidence.details                ? 
# 
loop_
_pdbx_struct_oper_list.id 
_pdbx_struct_oper_list.type 
_pdbx_struct_oper_list.name 
_pdbx_struct_oper_list.symmetry_operation 
_pdbx_struct_oper_list.matrix[1][1] 
_pdbx_struct_oper_list.matrix[1][2] 
_pdbx_struct_oper_list.matrix[1][3] 
_pdbx_struct_oper_list.vector[1] 
_pdbx_struct_oper_list.matrix[2][1] 
_pdbx_struct_oper_list.matrix[2][2] 
_pdbx_struct_oper_list.matrix[2][3] 
_pdbx_struct_oper_list.vector[2] 
_pdbx_struct_oper_list.matrix[3][1] 
_pdbx_struct_oper_list.matrix[3][2] 
_pdbx_struct_oper_list.matrix[3][3] 
_pdbx_struct_oper_list.vector[3] 
1 'identity operation'         1_555 x,y,z  1.0000000000 0.0000000000  0.0000000000 0.0000000000  0.0000000000  1.0000000000  0.0000000000  0.0000000000 0.0000000000 0.0000000000  1.0000000000  0.0000000000 
2 'crystal symmetry operation' 7_555 y,x,-z 0.4543452673 -0.7065385071 0.5425621771 -3.2438386140 -0.7065385071 -0.6567550545 -0.2635832627 0.9289130027 0.5425621771 -0.2635832627 -0.7975902128 9.9048079078 
# 
loop_
_struct_conf.conf_type_id 
_struct_conf.id 
_struct_conf.pdbx_PDB_helix_id 
_struct_conf.beg_label_comp_id 
_struct_conf.beg_label_asym_id 
_struct_conf.beg_label_seq_id 
_struct_conf.pdbx_beg_PDB_ins_code 
_struct_conf.end_label_comp_id 
_struct_conf.end_label_asym_id 
_struct_conf.end_label_seq_id 
_struct_conf.pdbx_end_PDB_ins_code 
_struct_conf.beg_auth_comp_id 
_struct_conf.beg_auth_asym_id 
_struct_conf.beg_auth_seq_id 
_struct_conf.end_auth_comp_id 
_struct_conf.end_auth_asym_id 
_struct_conf.end_auth_seq_id 
_struct_conf.pdbx_PDB_helix_class 
_struct_conf.details 
_struct_conf.pdbx_PDB_helix_length 
HELX_P HELX_P1 AA1 ASP A 38 ? ILE A 42 ? ASP A 56 ILE A 60 5 ? 5  
HELX_P HELX_P2 AA2 SER A 63 ? GLY A 72 ? SER A 81 GLY A 90 1 ? 10 
# 
_struct_conf_type.id          HELX_P 
_struct_conf_type.criteria    ? 
_struct_conf_type.reference   ? 
# 
loop_
_struct_conn.id 
_struct_conn.conn_type_id 
_struct_conn.pdbx_leaving_atom_flag 
_struct_conn.pdbx_PDB_id 
_struct_conn.ptnr1_label_asym_id 
_struct_conn.ptnr1_label_comp_id 
_struct_conn.ptnr1_label_seq_id 
_struct_conn.ptnr1_label_atom_id 
_struct_conn.pdbx_ptnr1_label_alt_id 
_struct_conn.pdbx_ptnr1_PDB_ins_code 
_struct_conn.pdbx_ptnr1_standard_comp_id 
_struct_conn.ptnr1_symmetry 
_struct_conn.ptnr2_label_asym_id 
_struct_conn.ptnr2_label_comp_id 
_struct_conn.ptnr2_label_seq_id 
_struct_conn.ptnr2_label_atom_id 
_struct_conn.pdbx_ptnr2_label_alt_id 
_struct_conn.pdbx_ptnr2_PDB_ins_code 
_struct_conn.ptnr1_auth_asym_id 
_struct_conn.ptnr1_auth_comp_id 
_struct_conn.ptnr1_auth_seq_id 
_struct_conn.ptnr2_auth_asym_id 
_struct_conn.ptnr2_auth_comp_id 
_struct_conn.ptnr2_auth_seq_id 
_struct_conn.ptnr2_symmetry 
_struct_conn.pdbx_ptnr3_label_atom_id 
_struct_conn.pdbx_ptnr3_label_seq_id 
_struct_conn.pdbx_ptnr3_label_comp_id 
_struct_conn.pdbx_ptnr3_label_asym_id 
_struct_conn.pdbx_ptnr3_label_alt_id 
_struct_conn.pdbx_ptnr3_PDB_ins_code 
_struct_conn.details 
_struct_conn.pdbx_dist_value 
_struct_conn.pdbx_value_order 
_struct_conn.pdbx_role 
disulf1 disulf ? ? A CYS 22 SG  B ? ? 1_555 A CYS 22 SG  B ? A CYS 40 A CYS 40  7_555 ? ? ? ? ? ? ? 2.738 ? ? 
metalc1 metalc ? ? A CYS 49 SG  ? ? ? 1_555 B FES .  FE1 ? ? A CYS 67 A FES 401 1_555 ? ? ? ? ? ? ? 2.327 ? ? 
metalc2 metalc ? ? A CYS 51 SG  ? ? ? 1_555 B FES .  FE1 ? ? A CYS 69 A FES 401 1_555 ? ? ? ? ? ? ? 2.307 ? ? 
metalc3 metalc ? ? A CYS 60 SG  ? ? ? 1_555 B FES .  FE2 ? ? A CYS 78 A FES 401 1_555 ? ? ? ? ? ? ? 2.446 ? ? 
metalc4 metalc ? ? A HIS 64 ND1 ? ? ? 1_555 B FES .  FE2 ? ? A HIS 82 A FES 401 1_555 ? ? ? ? ? ? ? 2.132 ? ? 
# 
loop_
_struct_conn_type.id 
_struct_conn_type.criteria 
_struct_conn_type.reference 
disulf ? ? 
metalc ? ? 
# 
loop_
_pdbx_struct_conn_angle.id 
_pdbx_struct_conn_angle.ptnr1_label_atom_id 
_pdbx_struct_conn_angle.ptnr1_label_alt_id 
_pdbx_struct_conn_angle.ptnr1_label_asym_id 
_pdbx_struct_conn_angle.ptnr1_label_comp_id 
_pdbx_struct_conn_angle.ptnr1_label_seq_id 
_pdbx_struct_conn_angle.ptnr1_auth_atom_id 
_pdbx_struct_conn_angle.ptnr1_auth_asym_id 
_pdbx_struct_conn_angle.ptnr1_auth_comp_id 
_pdbx_struct_conn_angle.ptnr1_auth_seq_id 
_pdbx_struct_conn_angle.ptnr1_PDB_ins_code 
_pdbx_struct_conn_angle.ptnr1_symmetry 
_pdbx_struct_conn_angle.ptnr2_label_atom_id 
_pdbx_struct_conn_angle.ptnr2_label_alt_id 
_pdbx_struct_conn_angle.ptnr2_label_asym_id 
_pdbx_struct_conn_angle.ptnr2_label_comp_id 
_pdbx_struct_conn_angle.ptnr2_label_seq_id 
_pdbx_struct_conn_angle.ptnr2_auth_atom_id 
_pdbx_struct_conn_angle.ptnr2_auth_asym_id 
_pdbx_struct_conn_angle.ptnr2_auth_comp_id 
_pdbx_struct_conn_angle.ptnr2_auth_seq_id 
_pdbx_struct_conn_angle.ptnr2_PDB_ins_code 
_pdbx_struct_conn_angle.ptnr2_symmetry 
_pdbx_struct_conn_angle.ptnr3_label_atom_id 
_pdbx_struct_conn_angle.ptnr3_label_alt_id 
_pdbx_struct_conn_angle.ptnr3_label_asym_id 
_pdbx_struct_conn_angle.ptnr3_label_comp_id 
_pdbx_struct_conn_angle.ptnr3_label_seq_id 
_pdbx_struct_conn_angle.ptnr3_auth_atom_id 
_pdbx_struct_conn_angle.ptnr3_auth_asym_id 
_pdbx_struct_conn_angle.ptnr3_auth_comp_id 
_pdbx_struct_conn_angle.ptnr3_auth_seq_id 
_pdbx_struct_conn_angle.ptnr3_PDB_ins_code 
_pdbx_struct_conn_angle.ptnr3_symmetry 
_pdbx_struct_conn_angle.value 
_pdbx_struct_conn_angle.value_esd 
1  SG ? A CYS 49 ? A CYS 67  ? 1_555 FE1 ? B FES . ? A FES 401 ? 1_555 S1  ? B FES .  ? A FES 401 ? 1_555 116.1 ? 
2  SG ? A CYS 49 ? A CYS 67  ? 1_555 FE1 ? B FES . ? A FES 401 ? 1_555 S2  ? B FES .  ? A FES 401 ? 1_555 111.7 ? 
3  S1 ? B FES .  ? A FES 401 ? 1_555 FE1 ? B FES . ? A FES 401 ? 1_555 S2  ? B FES .  ? A FES 401 ? 1_555 107.8 ? 
4  SG ? A CYS 49 ? A CYS 67  ? 1_555 FE1 ? B FES . ? A FES 401 ? 1_555 SG  ? A CYS 51 ? A CYS 69  ? 1_555 98.5  ? 
5  S1 ? B FES .  ? A FES 401 ? 1_555 FE1 ? B FES . ? A FES 401 ? 1_555 SG  ? A CYS 51 ? A CYS 69  ? 1_555 114.7 ? 
6  S2 ? B FES .  ? A FES 401 ? 1_555 FE1 ? B FES . ? A FES 401 ? 1_555 SG  ? A CYS 51 ? A CYS 69  ? 1_555 107.7 ? 
7  SG ? A CYS 60 ? A CYS 78  ? 1_555 FE2 ? B FES . ? A FES 401 ? 1_555 S1  ? B FES .  ? A FES 401 ? 1_555 124.0 ? 
8  SG ? A CYS 60 ? A CYS 78  ? 1_555 FE2 ? B FES . ? A FES 401 ? 1_555 S2  ? B FES .  ? A FES 401 ? 1_555 108.9 ? 
9  S1 ? B FES .  ? A FES 401 ? 1_555 FE2 ? B FES . ? A FES 401 ? 1_555 S2  ? B FES .  ? A FES 401 ? 1_555 105.4 ? 
10 SG ? A CYS 60 ? A CYS 78  ? 1_555 FE2 ? B FES . ? A FES 401 ? 1_555 ND1 ? A HIS 64 ? A HIS 82  ? 1_555 93.3  ? 
11 S1 ? B FES .  ? A FES 401 ? 1_555 FE2 ? B FES . ? A FES 401 ? 1_555 ND1 ? A HIS 64 ? A HIS 82  ? 1_555 109.5 ? 
12 S2 ? B FES .  ? A FES 401 ? 1_555 FE2 ? B FES . ? A FES 401 ? 1_555 ND1 ? A HIS 64 ? A HIS 82  ? 1_555 116.0 ? 
# 
_pdbx_modification_feature.ordinal                            1 
_pdbx_modification_feature.label_comp_id                      CYS 
_pdbx_modification_feature.label_asym_id                      A 
_pdbx_modification_feature.label_seq_id                       22 
_pdbx_modification_feature.label_alt_id                       B 
_pdbx_modification_feature.modified_residue_label_comp_id     CYS 
_pdbx_modification_feature.modified_residue_label_asym_id     A 
_pdbx_modification_feature.modified_residue_label_seq_id      22 
_pdbx_modification_feature.modified_residue_label_alt_id      B 
_pdbx_modification_feature.auth_comp_id                       CYS 
_pdbx_modification_feature.auth_asym_id                       A 
_pdbx_modification_feature.auth_seq_id                        40 
_pdbx_modification_feature.PDB_ins_code                       ? 
_pdbx_modification_feature.symmetry                           1_555 
_pdbx_modification_feature.modified_residue_auth_comp_id      CYS 
_pdbx_modification_feature.modified_residue_auth_asym_id      A 
_pdbx_modification_feature.modified_residue_auth_seq_id       40 
_pdbx_modification_feature.modified_residue_PDB_ins_code      ? 
_pdbx_modification_feature.modified_residue_symmetry          7_555 
_pdbx_modification_feature.comp_id_linking_atom               SG 
_pdbx_modification_feature.modified_residue_id_linking_atom   SG 
_pdbx_modification_feature.modified_residue_id                . 
_pdbx_modification_feature.ref_pcm_id                         . 
_pdbx_modification_feature.ref_comp_id                        . 
_pdbx_modification_feature.type                               None 
_pdbx_modification_feature.category                           'Disulfide bridge' 
# 
_struct_mon_prot_cis.pdbx_id                1 
_struct_mon_prot_cis.label_comp_id          TRP 
_struct_mon_prot_cis.label_seq_id           57 
_struct_mon_prot_cis.label_asym_id          A 
_struct_mon_prot_cis.label_alt_id           . 
_struct_mon_prot_cis.pdbx_PDB_ins_code      ? 
_struct_mon_prot_cis.auth_comp_id           TRP 
_struct_mon_prot_cis.auth_seq_id            75 
_struct_mon_prot_cis.auth_asym_id           A 
_struct_mon_prot_cis.pdbx_label_comp_id_2   PRO 
_struct_mon_prot_cis.pdbx_label_seq_id_2    58 
_struct_mon_prot_cis.pdbx_label_asym_id_2   A 
_struct_mon_prot_cis.pdbx_PDB_ins_code_2    ? 
_struct_mon_prot_cis.pdbx_auth_comp_id_2    PRO 
_struct_mon_prot_cis.pdbx_auth_seq_id_2     76 
_struct_mon_prot_cis.pdbx_auth_asym_id_2    A 
_struct_mon_prot_cis.pdbx_PDB_model_num     1 
_struct_mon_prot_cis.pdbx_omega_angle       6.74 
# 
_struct_sheet.id               AA1 
_struct_sheet.type             ? 
_struct_sheet.number_strands   2 
_struct_sheet.details          ? 
# 
_struct_sheet_order.sheet_id     AA1 
_struct_sheet_order.range_id_1   1 
_struct_sheet_order.range_id_2   2 
_struct_sheet_order.offset       ? 
_struct_sheet_order.sense        anti-parallel 
# 
loop_
_struct_sheet_range.sheet_id 
_struct_sheet_range.id 
_struct_sheet_range.beg_label_comp_id 
_struct_sheet_range.beg_label_asym_id 
_struct_sheet_range.beg_label_seq_id 
_struct_sheet_range.pdbx_beg_PDB_ins_code 
_struct_sheet_range.end_label_comp_id 
_struct_sheet_range.end_label_asym_id 
_struct_sheet_range.end_label_seq_id 
_struct_sheet_range.pdbx_end_PDB_ins_code 
_struct_sheet_range.beg_auth_comp_id 
_struct_sheet_range.beg_auth_asym_id 
_struct_sheet_range.beg_auth_seq_id 
_struct_sheet_range.end_auth_comp_id 
_struct_sheet_range.end_auth_asym_id 
_struct_sheet_range.end_auth_seq_id 
AA1 1 LYS A 45 ? PHE A 48 ? LYS A 63 PHE A 66 
AA1 2 LEU A 78 ? LYS A 81 ? LEU A 96 LYS A 99 
# 
_pdbx_struct_sheet_hbond.sheet_id                AA1 
_pdbx_struct_sheet_hbond.range_id_1              1 
_pdbx_struct_sheet_hbond.range_id_2              2 
_pdbx_struct_sheet_hbond.range_1_label_atom_id   N 
_pdbx_struct_sheet_hbond.range_1_label_comp_id   LYS 
_pdbx_struct_sheet_hbond.range_1_label_asym_id   A 
_pdbx_struct_sheet_hbond.range_1_label_seq_id    46 
_pdbx_struct_sheet_hbond.range_1_PDB_ins_code    ? 
_pdbx_struct_sheet_hbond.range_1_auth_atom_id    N 
_pdbx_struct_sheet_hbond.range_1_auth_comp_id    LYS 
_pdbx_struct_sheet_hbond.range_1_auth_asym_id    A 
_pdbx_struct_sheet_hbond.range_1_auth_seq_id     64 
_pdbx_struct_sheet_hbond.range_2_label_atom_id   O 
_pdbx_struct_sheet_hbond.range_2_label_comp_id   VAL 
_pdbx_struct_sheet_hbond.range_2_label_asym_id   A 
_pdbx_struct_sheet_hbond.range_2_label_seq_id    80 
_pdbx_struct_sheet_hbond.range_2_PDB_ins_code    ? 
_pdbx_struct_sheet_hbond.range_2_auth_atom_id    O 
_pdbx_struct_sheet_hbond.range_2_auth_comp_id    VAL 
_pdbx_struct_sheet_hbond.range_2_auth_asym_id    A 
_pdbx_struct_sheet_hbond.range_2_auth_seq_id     98 
# 
_pdbx_entry_details.entry_id                   7YVZ 
_pdbx_entry_details.has_ligand_of_interest     Y 
_pdbx_entry_details.compound_details           ? 
_pdbx_entry_details.source_details             ? 
_pdbx_entry_details.nonpolymer_details         ? 
_pdbx_entry_details.sequence_details           ? 
_pdbx_entry_details.has_protein_modification   Y 
# 
loop_
_pdbx_validate_torsion.id 
_pdbx_validate_torsion.PDB_model_num 
_pdbx_validate_torsion.auth_comp_id 
_pdbx_validate_torsion.auth_asym_id 
_pdbx_validate_torsion.auth_seq_id 
_pdbx_validate_torsion.PDB_ins_code 
_pdbx_validate_torsion.label_alt_id 
_pdbx_validate_torsion.phi 
_pdbx_validate_torsion.psi 
1 1 LYS A 43 ? ? -132.44 -42.74 
2 1 GLN A 45 ? ? 39.09   61.52  
3 1 LYS A 50 ? ? -167.72 119.52 
# 
loop_
_space_group_symop.id 
_space_group_symop.operation_xyz 
1 x,y,z               
2 -y+1/2,x+1/2,z+1/4  
3 y+1/2,-x+1/2,z+3/4  
4 x+1/2,-y+1/2,-z+3/4 
5 -x+1/2,y+1/2,-z+1/4 
6 -x,-y,z+1/2         
7 y,x,-z              
8 -y,-x,-z+1/2        
# 
_pdbx_refine_tls.id               1 
_pdbx_refine_tls.pdbx_refine_id   'X-RAY DIFFRACTION' 
_pdbx_refine_tls.details          ? 
_pdbx_refine_tls.method           refined 
_pdbx_refine_tls.origin_x         0.21823125995 
_pdbx_refine_tls.origin_y         0.56287643528 
_pdbx_refine_tls.origin_z         0.18633479098 
_pdbx_refine_tls.T[1][1]          0.244306844623 
_pdbx_refine_tls.T[1][1]_esd      ? 
_pdbx_refine_tls.T[1][2]          -0.008274075969 
_pdbx_refine_tls.T[1][2]_esd      ? 
_pdbx_refine_tls.T[1][3]          -0.001074681651 
_pdbx_refine_tls.T[1][3]_esd      ? 
_pdbx_refine_tls.T[2][2]          0.228965236370 
_pdbx_refine_tls.T[2][2]_esd      ? 
_pdbx_refine_tls.T[2][3]          -0.010255414209 
_pdbx_refine_tls.T[2][3]_esd      ? 
_pdbx_refine_tls.T[3][3]          0.249893404995 
_pdbx_refine_tls.T[3][3]_esd      ? 
_pdbx_refine_tls.L[1][1]          1.08211821594 
_pdbx_refine_tls.L[1][1]_esd      ? 
_pdbx_refine_tls.L[1][2]          0.157295823163 
_pdbx_refine_tls.L[1][2]_esd      ? 
_pdbx_refine_tls.L[1][3]          -0.027762005144 
_pdbx_refine_tls.L[1][3]_esd      ? 
_pdbx_refine_tls.L[2][2]          1.64773924184 
_pdbx_refine_tls.L[2][2]_esd      ? 
_pdbx_refine_tls.L[2][3]          0.731308431364 
_pdbx_refine_tls.L[2][3]_esd      ? 
_pdbx_refine_tls.L[3][3]          1.90886138179 
_pdbx_refine_tls.L[3][3]_esd      ? 
_pdbx_refine_tls.S[1][1]          -0.052023293872 
_pdbx_refine_tls.S[1][1]_esd      ? 
_pdbx_refine_tls.S[1][2]          0.184021474090 
_pdbx_refine_tls.S[1][2]_esd      ? 
_pdbx_refine_tls.S[1][3]          0.067790512424 
_pdbx_refine_tls.S[1][3]_esd      ? 
_pdbx_refine_tls.S[2][1]          -0.249914081430 
_pdbx_refine_tls.S[2][1]_esd      ? 
_pdbx_refine_tls.S[2][2]          0.090917986968 
_pdbx_refine_tls.S[2][2]_esd      ? 
_pdbx_refine_tls.S[2][3]          -0.035475908693 
_pdbx_refine_tls.S[2][3]_esd      ? 
_pdbx_refine_tls.S[3][1]          -0.012914027188 
_pdbx_refine_tls.S[3][1]_esd      ? 
_pdbx_refine_tls.S[3][2]          0.140209266669 
_pdbx_refine_tls.S[3][2]_esd      ? 
_pdbx_refine_tls.S[3][3]          -0.005477449273 
_pdbx_refine_tls.S[3][3]_esd      ? 
# 
_pdbx_refine_tls_group.id                  1 
_pdbx_refine_tls_group.pdbx_refine_id      'X-RAY DIFFRACTION' 
_pdbx_refine_tls_group.refine_tls_id       1 
_pdbx_refine_tls_group.beg_label_asym_id   A 
_pdbx_refine_tls_group.beg_label_seq_id    1 
_pdbx_refine_tls_group.beg_auth_asym_id    A 
_pdbx_refine_tls_group.beg_auth_seq_id     38 
_pdbx_refine_tls_group.beg_PDB_ins_code    ? 
_pdbx_refine_tls_group.end_label_asym_id   A 
_pdbx_refine_tls_group.end_label_seq_id    63 
_pdbx_refine_tls_group.end_auth_asym_id    A 
_pdbx_refine_tls_group.end_auth_seq_id     100 
_pdbx_refine_tls_group.end_PDB_ins_code    ? 
_pdbx_refine_tls_group.selection           ? 
_pdbx_refine_tls_group.selection_details   
;(chain 'A' and resid 38 through 100)
;
# 
loop_
_pdbx_unobs_or_zero_occ_residues.id 
_pdbx_unobs_or_zero_occ_residues.PDB_model_num 
_pdbx_unobs_or_zero_occ_residues.polymer_flag 
_pdbx_unobs_or_zero_occ_residues.occupancy_flag 
_pdbx_unobs_or_zero_occ_residues.auth_asym_id 
_pdbx_unobs_or_zero_occ_residues.auth_comp_id 
_pdbx_unobs_or_zero_occ_residues.auth_seq_id 
_pdbx_unobs_or_zero_occ_residues.PDB_ins_code 
_pdbx_unobs_or_zero_occ_residues.label_asym_id 
_pdbx_unobs_or_zero_occ_residues.label_comp_id 
_pdbx_unobs_or_zero_occ_residues.label_seq_id 
1  1 Y 1 A GLY 19  ? A GLY 1  
2  1 Y 1 A SER 20  ? A SER 2  
3  1 Y 1 A HIS 21  ? A HIS 3  
4  1 Y 1 A MET 22  ? A MET 4  
5  1 Y 1 A ALA 23  ? A ALA 5  
6  1 Y 1 A SER 24  ? A SER 6  
7  1 Y 1 A SER 25  ? A SER 7  
8  1 Y 1 A GLY 26  ? A GLY 8  
9  1 Y 1 A LYS 27  ? A LYS 9  
10 1 Y 1 A LYS 28  ? A LYS 10 
11 1 Y 1 A PHE 29  ? A PHE 11 
12 1 Y 1 A TYR 30  ? A TYR 12 
13 1 Y 1 A ALA 31  ? A ALA 13 
14 1 Y 1 A LYS 32  ? A LYS 14 
15 1 Y 1 A PHE 33  ? A PHE 15 
16 1 Y 1 A GLY 34  ? A GLY 16 
17 1 Y 1 A GLN 35  ? A GLN 17 
18 1 Y 1 A ARG 36  ? A ARG 18 
19 1 Y 1 A SER 37  ? A SER 19 
20 1 Y 1 A GLU 101 ? A GLU 83 
21 1 Y 1 A LYS 102 ? A LYS 84 
22 1 Y 1 A LYS 103 ? A LYS 85 
# 
loop_
_chem_comp_atom.comp_id 
_chem_comp_atom.atom_id 
_chem_comp_atom.type_symbol 
_chem_comp_atom.pdbx_aromatic_flag 
_chem_comp_atom.pdbx_stereo_config 
_chem_comp_atom.pdbx_ordinal 
ALA N    N  N N 1   
ALA CA   C  N S 2   
ALA C    C  N N 3   
ALA O    O  N N 4   
ALA CB   C  N N 5   
ALA OXT  O  N N 6   
ALA H    H  N N 7   
ALA H2   H  N N 8   
ALA HA   H  N N 9   
ALA HB1  H  N N 10  
ALA HB2  H  N N 11  
ALA HB3  H  N N 12  
ALA HXT  H  N N 13  
ARG N    N  N N 14  
ARG CA   C  N S 15  
ARG C    C  N N 16  
ARG O    O  N N 17  
ARG CB   C  N N 18  
ARG CG   C  N N 19  
ARG CD   C  N N 20  
ARG NE   N  N N 21  
ARG CZ   C  N N 22  
ARG NH1  N  N N 23  
ARG NH2  N  N N 24  
ARG OXT  O  N N 25  
ARG H    H  N N 26  
ARG H2   H  N N 27  
ARG HA   H  N N 28  
ARG HB2  H  N N 29  
ARG HB3  H  N N 30  
ARG HG2  H  N N 31  
ARG HG3  H  N N 32  
ARG HD2  H  N N 33  
ARG HD3  H  N N 34  
ARG HE   H  N N 35  
ARG HH11 H  N N 36  
ARG HH12 H  N N 37  
ARG HH21 H  N N 38  
ARG HH22 H  N N 39  
ARG HXT  H  N N 40  
ASN N    N  N N 41  
ASN CA   C  N S 42  
ASN C    C  N N 43  
ASN O    O  N N 44  
ASN CB   C  N N 45  
ASN CG   C  N N 46  
ASN OD1  O  N N 47  
ASN ND2  N  N N 48  
ASN OXT  O  N N 49  
ASN H    H  N N 50  
ASN H2   H  N N 51  
ASN HA   H  N N 52  
ASN HB2  H  N N 53  
ASN HB3  H  N N 54  
ASN HD21 H  N N 55  
ASN HD22 H  N N 56  
ASN HXT  H  N N 57  
ASP N    N  N N 58  
ASP CA   C  N S 59  
ASP C    C  N N 60  
ASP O    O  N N 61  
ASP CB   C  N N 62  
ASP CG   C  N N 63  
ASP OD1  O  N N 64  
ASP OD2  O  N N 65  
ASP OXT  O  N N 66  
ASP H    H  N N 67  
ASP H2   H  N N 68  
ASP HA   H  N N 69  
ASP HB2  H  N N 70  
ASP HB3  H  N N 71  
ASP HD2  H  N N 72  
ASP HXT  H  N N 73  
CYS N    N  N N 74  
CYS CA   C  N R 75  
CYS C    C  N N 76  
CYS O    O  N N 77  
CYS CB   C  N N 78  
CYS SG   S  N N 79  
CYS OXT  O  N N 80  
CYS H    H  N N 81  
CYS H2   H  N N 82  
CYS HA   H  N N 83  
CYS HB2  H  N N 84  
CYS HB3  H  N N 85  
CYS HG   H  N N 86  
CYS HXT  H  N N 87  
FES FE1  FE N N 88  
FES FE2  FE N N 89  
FES S1   S  N N 90  
FES S2   S  N N 91  
GLN N    N  N N 92  
GLN CA   C  N S 93  
GLN C    C  N N 94  
GLN O    O  N N 95  
GLN CB   C  N N 96  
GLN CG   C  N N 97  
GLN CD   C  N N 98  
GLN OE1  O  N N 99  
GLN NE2  N  N N 100 
GLN OXT  O  N N 101 
GLN H    H  N N 102 
GLN H2   H  N N 103 
GLN HA   H  N N 104 
GLN HB2  H  N N 105 
GLN HB3  H  N N 106 
GLN HG2  H  N N 107 
GLN HG3  H  N N 108 
GLN HE21 H  N N 109 
GLN HE22 H  N N 110 
GLN HXT  H  N N 111 
GLU N    N  N N 112 
GLU CA   C  N S 113 
GLU C    C  N N 114 
GLU O    O  N N 115 
GLU CB   C  N N 116 
GLU CG   C  N N 117 
GLU CD   C  N N 118 
GLU OE1  O  N N 119 
GLU OE2  O  N N 120 
GLU OXT  O  N N 121 
GLU H    H  N N 122 
GLU H2   H  N N 123 
GLU HA   H  N N 124 
GLU HB2  H  N N 125 
GLU HB3  H  N N 126 
GLU HG2  H  N N 127 
GLU HG3  H  N N 128 
GLU HE2  H  N N 129 
GLU HXT  H  N N 130 
GLY N    N  N N 131 
GLY CA   C  N N 132 
GLY C    C  N N 133 
GLY O    O  N N 134 
GLY OXT  O  N N 135 
GLY H    H  N N 136 
GLY H2   H  N N 137 
GLY HA2  H  N N 138 
GLY HA3  H  N N 139 
GLY HXT  H  N N 140 
HIS N    N  N N 141 
HIS CA   C  N S 142 
HIS C    C  N N 143 
HIS O    O  N N 144 
HIS CB   C  N N 145 
HIS CG   C  Y N 146 
HIS ND1  N  Y N 147 
HIS CD2  C  Y N 148 
HIS CE1  C  Y N 149 
HIS NE2  N  Y N 150 
HIS OXT  O  N N 151 
HIS H    H  N N 152 
HIS H2   H  N N 153 
HIS HA   H  N N 154 
HIS HB2  H  N N 155 
HIS HB3  H  N N 156 
HIS HD1  H  N N 157 
HIS HD2  H  N N 158 
HIS HE1  H  N N 159 
HIS HE2  H  N N 160 
HIS HXT  H  N N 161 
HOH O    O  N N 162 
HOH H1   H  N N 163 
HOH H2   H  N N 164 
ILE N    N  N N 165 
ILE CA   C  N S 166 
ILE C    C  N N 167 
ILE O    O  N N 168 
ILE CB   C  N S 169 
ILE CG1  C  N N 170 
ILE CG2  C  N N 171 
ILE CD1  C  N N 172 
ILE OXT  O  N N 173 
ILE H    H  N N 174 
ILE H2   H  N N 175 
ILE HA   H  N N 176 
ILE HB   H  N N 177 
ILE HG12 H  N N 178 
ILE HG13 H  N N 179 
ILE HG21 H  N N 180 
ILE HG22 H  N N 181 
ILE HG23 H  N N 182 
ILE HD11 H  N N 183 
ILE HD12 H  N N 184 
ILE HD13 H  N N 185 
ILE HXT  H  N N 186 
LEU N    N  N N 187 
LEU CA   C  N S 188 
LEU C    C  N N 189 
LEU O    O  N N 190 
LEU CB   C  N N 191 
LEU CG   C  N N 192 
LEU CD1  C  N N 193 
LEU CD2  C  N N 194 
LEU OXT  O  N N 195 
LEU H    H  N N 196 
LEU H2   H  N N 197 
LEU HA   H  N N 198 
LEU HB2  H  N N 199 
LEU HB3  H  N N 200 
LEU HG   H  N N 201 
LEU HD11 H  N N 202 
LEU HD12 H  N N 203 
LEU HD13 H  N N 204 
LEU HD21 H  N N 205 
LEU HD22 H  N N 206 
LEU HD23 H  N N 207 
LEU HXT  H  N N 208 
LYS N    N  N N 209 
LYS CA   C  N S 210 
LYS C    C  N N 211 
LYS O    O  N N 212 
LYS CB   C  N N 213 
LYS CG   C  N N 214 
LYS CD   C  N N 215 
LYS CE   C  N N 216 
LYS NZ   N  N N 217 
LYS OXT  O  N N 218 
LYS H    H  N N 219 
LYS H2   H  N N 220 
LYS HA   H  N N 221 
LYS HB2  H  N N 222 
LYS HB3  H  N N 223 
LYS HG2  H  N N 224 
LYS HG3  H  N N 225 
LYS HD2  H  N N 226 
LYS HD3  H  N N 227 
LYS HE2  H  N N 228 
LYS HE3  H  N N 229 
LYS HZ1  H  N N 230 
LYS HZ2  H  N N 231 
LYS HZ3  H  N N 232 
LYS HXT  H  N N 233 
MET N    N  N N 234 
MET CA   C  N S 235 
MET C    C  N N 236 
MET O    O  N N 237 
MET CB   C  N N 238 
MET CG   C  N N 239 
MET SD   S  N N 240 
MET CE   C  N N 241 
MET OXT  O  N N 242 
MET H    H  N N 243 
MET H2   H  N N 244 
MET HA   H  N N 245 
MET HB2  H  N N 246 
MET HB3  H  N N 247 
MET HG2  H  N N 248 
MET HG3  H  N N 249 
MET HE1  H  N N 250 
MET HE2  H  N N 251 
MET HE3  H  N N 252 
MET HXT  H  N N 253 
PHE N    N  N N 254 
PHE CA   C  N S 255 
PHE C    C  N N 256 
PHE O    O  N N 257 
PHE CB   C  N N 258 
PHE CG   C  Y N 259 
PHE CD1  C  Y N 260 
PHE CD2  C  Y N 261 
PHE CE1  C  Y N 262 
PHE CE2  C  Y N 263 
PHE CZ   C  Y N 264 
PHE OXT  O  N N 265 
PHE H    H  N N 266 
PHE H2   H  N N 267 
PHE HA   H  N N 268 
PHE HB2  H  N N 269 
PHE HB3  H  N N 270 
PHE HD1  H  N N 271 
PHE HD2  H  N N 272 
PHE HE1  H  N N 273 
PHE HE2  H  N N 274 
PHE HZ   H  N N 275 
PHE HXT  H  N N 276 
PRO N    N  N N 277 
PRO CA   C  N S 278 
PRO C    C  N N 279 
PRO O    O  N N 280 
PRO CB   C  N N 281 
PRO CG   C  N N 282 
PRO CD   C  N N 283 
PRO OXT  O  N N 284 
PRO H    H  N N 285 
PRO HA   H  N N 286 
PRO HB2  H  N N 287 
PRO HB3  H  N N 288 
PRO HG2  H  N N 289 
PRO HG3  H  N N 290 
PRO HD2  H  N N 291 
PRO HD3  H  N N 292 
PRO HXT  H  N N 293 
SER N    N  N N 294 
SER CA   C  N S 295 
SER C    C  N N 296 
SER O    O  N N 297 
SER CB   C  N N 298 
SER OG   O  N N 299 
SER OXT  O  N N 300 
SER H    H  N N 301 
SER H2   H  N N 302 
SER HA   H  N N 303 
SER HB2  H  N N 304 
SER HB3  H  N N 305 
SER HG   H  N N 306 
SER HXT  H  N N 307 
THR N    N  N N 308 
THR CA   C  N S 309 
THR C    C  N N 310 
THR O    O  N N 311 
THR CB   C  N R 312 
THR OG1  O  N N 313 
THR CG2  C  N N 314 
THR OXT  O  N N 315 
THR H    H  N N 316 
THR H2   H  N N 317 
THR HA   H  N N 318 
THR HB   H  N N 319 
THR HG1  H  N N 320 
THR HG21 H  N N 321 
THR HG22 H  N N 322 
THR HG23 H  N N 323 
THR HXT  H  N N 324 
TRP N    N  N N 325 
TRP CA   C  N S 326 
TRP C    C  N N 327 
TRP O    O  N N 328 
TRP CB   C  N N 329 
TRP CG   C  Y N 330 
TRP CD1  C  Y N 331 
TRP CD2  C  Y N 332 
TRP NE1  N  Y N 333 
TRP CE2  C  Y N 334 
TRP CE3  C  Y N 335 
TRP CZ2  C  Y N 336 
TRP CZ3  C  Y N 337 
TRP CH2  C  Y N 338 
TRP OXT  O  N N 339 
TRP H    H  N N 340 
TRP H2   H  N N 341 
TRP HA   H  N N 342 
TRP HB2  H  N N 343 
TRP HB3  H  N N 344 
TRP HD1  H  N N 345 
TRP HE1  H  N N 346 
TRP HE3  H  N N 347 
TRP HZ2  H  N N 348 
TRP HZ3  H  N N 349 
TRP HH2  H  N N 350 
TRP HXT  H  N N 351 
TYR N    N  N N 352 
TYR CA   C  N S 353 
TYR C    C  N N 354 
TYR O    O  N N 355 
TYR CB   C  N N 356 
TYR CG   C  Y N 357 
TYR CD1  C  Y N 358 
TYR CD2  C  Y N 359 
TYR CE1  C  Y N 360 
TYR CE2  C  Y N 361 
TYR CZ   C  Y N 362 
TYR OH   O  N N 363 
TYR OXT  O  N N 364 
TYR H    H  N N 365 
TYR H2   H  N N 366 
TYR HA   H  N N 367 
TYR HB2  H  N N 368 
TYR HB3  H  N N 369 
TYR HD1  H  N N 370 
TYR HD2  H  N N 371 
TYR HE1  H  N N 372 
TYR HE2  H  N N 373 
TYR HH   H  N N 374 
TYR HXT  H  N N 375 
VAL N    N  N N 376 
VAL CA   C  N S 377 
VAL C    C  N N 378 
VAL O    O  N N 379 
VAL CB   C  N N 380 
VAL CG1  C  N N 381 
VAL CG2  C  N N 382 
VAL OXT  O  N N 383 
VAL H    H  N N 384 
VAL H2   H  N N 385 
VAL HA   H  N N 386 
VAL HB   H  N N 387 
VAL HG11 H  N N 388 
VAL HG12 H  N N 389 
VAL HG13 H  N N 390 
VAL HG21 H  N N 391 
VAL HG22 H  N N 392 
VAL HG23 H  N N 393 
VAL HXT  H  N N 394 
# 
loop_
_chem_comp_bond.comp_id 
_chem_comp_bond.atom_id_1 
_chem_comp_bond.atom_id_2 
_chem_comp_bond.value_order 
_chem_comp_bond.pdbx_aromatic_flag 
_chem_comp_bond.pdbx_stereo_config 
_chem_comp_bond.pdbx_ordinal 
ALA N   CA   sing N N 1   
ALA N   H    sing N N 2   
ALA N   H2   sing N N 3   
ALA CA  C    sing N N 4   
ALA CA  CB   sing N N 5   
ALA CA  HA   sing N N 6   
ALA C   O    doub N N 7   
ALA C   OXT  sing N N 8   
ALA CB  HB1  sing N N 9   
ALA CB  HB2  sing N N 10  
ALA CB  HB3  sing N N 11  
ALA OXT HXT  sing N N 12  
ARG N   CA   sing N N 13  
ARG N   H    sing N N 14  
ARG N   H2   sing N N 15  
ARG CA  C    sing N N 16  
ARG CA  CB   sing N N 17  
ARG CA  HA   sing N N 18  
ARG C   O    doub N N 19  
ARG C   OXT  sing N N 20  
ARG CB  CG   sing N N 21  
ARG CB  HB2  sing N N 22  
ARG CB  HB3  sing N N 23  
ARG CG  CD   sing N N 24  
ARG CG  HG2  sing N N 25  
ARG CG  HG3  sing N N 26  
ARG CD  NE   sing N N 27  
ARG CD  HD2  sing N N 28  
ARG CD  HD3  sing N N 29  
ARG NE  CZ   sing N N 30  
ARG NE  HE   sing N N 31  
ARG CZ  NH1  sing N N 32  
ARG CZ  NH2  doub N N 33  
ARG NH1 HH11 sing N N 34  
ARG NH1 HH12 sing N N 35  
ARG NH2 HH21 sing N N 36  
ARG NH2 HH22 sing N N 37  
ARG OXT HXT  sing N N 38  
ASN N   CA   sing N N 39  
ASN N   H    sing N N 40  
ASN N   H2   sing N N 41  
ASN CA  C    sing N N 42  
ASN CA  CB   sing N N 43  
ASN CA  HA   sing N N 44  
ASN C   O    doub N N 45  
ASN C   OXT  sing N N 46  
ASN CB  CG   sing N N 47  
ASN CB  HB2  sing N N 48  
ASN CB  HB3  sing N N 49  
ASN CG  OD1  doub N N 50  
ASN CG  ND2  sing N N 51  
ASN ND2 HD21 sing N N 52  
ASN ND2 HD22 sing N N 53  
ASN OXT HXT  sing N N 54  
ASP N   CA   sing N N 55  
ASP N   H    sing N N 56  
ASP N   H2   sing N N 57  
ASP CA  C    sing N N 58  
ASP CA  CB   sing N N 59  
ASP CA  HA   sing N N 60  
ASP C   O    doub N N 61  
ASP C   OXT  sing N N 62  
ASP CB  CG   sing N N 63  
ASP CB  HB2  sing N N 64  
ASP CB  HB3  sing N N 65  
ASP CG  OD1  doub N N 66  
ASP CG  OD2  sing N N 67  
ASP OD2 HD2  sing N N 68  
ASP OXT HXT  sing N N 69  
CYS N   CA   sing N N 70  
CYS N   H    sing N N 71  
CYS N   H2   sing N N 72  
CYS CA  C    sing N N 73  
CYS CA  CB   sing N N 74  
CYS CA  HA   sing N N 75  
CYS C   O    doub N N 76  
CYS C   OXT  sing N N 77  
CYS CB  SG   sing N N 78  
CYS CB  HB2  sing N N 79  
CYS CB  HB3  sing N N 80  
CYS SG  HG   sing N N 81  
CYS OXT HXT  sing N N 82  
FES FE1 S1   sing N N 83  
FES FE1 S2   sing N N 84  
FES FE2 S1   sing N N 85  
FES FE2 S2   sing N N 86  
GLN N   CA   sing N N 87  
GLN N   H    sing N N 88  
GLN N   H2   sing N N 89  
GLN CA  C    sing N N 90  
GLN CA  CB   sing N N 91  
GLN CA  HA   sing N N 92  
GLN C   O    doub N N 93  
GLN C   OXT  sing N N 94  
GLN CB  CG   sing N N 95  
GLN CB  HB2  sing N N 96  
GLN CB  HB3  sing N N 97  
GLN CG  CD   sing N N 98  
GLN CG  HG2  sing N N 99  
GLN CG  HG3  sing N N 100 
GLN CD  OE1  doub N N 101 
GLN CD  NE2  sing N N 102 
GLN NE2 HE21 sing N N 103 
GLN NE2 HE22 sing N N 104 
GLN OXT HXT  sing N N 105 
GLU N   CA   sing N N 106 
GLU N   H    sing N N 107 
GLU N   H2   sing N N 108 
GLU CA  C    sing N N 109 
GLU CA  CB   sing N N 110 
GLU CA  HA   sing N N 111 
GLU C   O    doub N N 112 
GLU C   OXT  sing N N 113 
GLU CB  CG   sing N N 114 
GLU CB  HB2  sing N N 115 
GLU CB  HB3  sing N N 116 
GLU CG  CD   sing N N 117 
GLU CG  HG2  sing N N 118 
GLU CG  HG3  sing N N 119 
GLU CD  OE1  doub N N 120 
GLU CD  OE2  sing N N 121 
GLU OE2 HE2  sing N N 122 
GLU OXT HXT  sing N N 123 
GLY N   CA   sing N N 124 
GLY N   H    sing N N 125 
GLY N   H2   sing N N 126 
GLY CA  C    sing N N 127 
GLY CA  HA2  sing N N 128 
GLY CA  HA3  sing N N 129 
GLY C   O    doub N N 130 
GLY C   OXT  sing N N 131 
GLY OXT HXT  sing N N 132 
HIS N   CA   sing N N 133 
HIS N   H    sing N N 134 
HIS N   H2   sing N N 135 
HIS CA  C    sing N N 136 
HIS CA  CB   sing N N 137 
HIS CA  HA   sing N N 138 
HIS C   O    doub N N 139 
HIS C   OXT  sing N N 140 
HIS CB  CG   sing N N 141 
HIS CB  HB2  sing N N 142 
HIS CB  HB3  sing N N 143 
HIS CG  ND1  sing Y N 144 
HIS CG  CD2  doub Y N 145 
HIS ND1 CE1  doub Y N 146 
HIS ND1 HD1  sing N N 147 
HIS CD2 NE2  sing Y N 148 
HIS CD2 HD2  sing N N 149 
HIS CE1 NE2  sing Y N 150 
HIS CE1 HE1  sing N N 151 
HIS NE2 HE2  sing N N 152 
HIS OXT HXT  sing N N 153 
HOH O   H1   sing N N 154 
HOH O   H2   sing N N 155 
ILE N   CA   sing N N 156 
ILE N   H    sing N N 157 
ILE N   H2   sing N N 158 
ILE CA  C    sing N N 159 
ILE CA  CB   sing N N 160 
ILE CA  HA   sing N N 161 
ILE C   O    doub N N 162 
ILE C   OXT  sing N N 163 
ILE CB  CG1  sing N N 164 
ILE CB  CG2  sing N N 165 
ILE CB  HB   sing N N 166 
ILE CG1 CD1  sing N N 167 
ILE CG1 HG12 sing N N 168 
ILE CG1 HG13 sing N N 169 
ILE CG2 HG21 sing N N 170 
ILE CG2 HG22 sing N N 171 
ILE CG2 HG23 sing N N 172 
ILE CD1 HD11 sing N N 173 
ILE CD1 HD12 sing N N 174 
ILE CD1 HD13 sing N N 175 
ILE OXT HXT  sing N N 176 
LEU N   CA   sing N N 177 
LEU N   H    sing N N 178 
LEU N   H2   sing N N 179 
LEU CA  C    sing N N 180 
LEU CA  CB   sing N N 181 
LEU CA  HA   sing N N 182 
LEU C   O    doub N N 183 
LEU C   OXT  sing N N 184 
LEU CB  CG   sing N N 185 
LEU CB  HB2  sing N N 186 
LEU CB  HB3  sing N N 187 
LEU CG  CD1  sing N N 188 
LEU CG  CD2  sing N N 189 
LEU CG  HG   sing N N 190 
LEU CD1 HD11 sing N N 191 
LEU CD1 HD12 sing N N 192 
LEU CD1 HD13 sing N N 193 
LEU CD2 HD21 sing N N 194 
LEU CD2 HD22 sing N N 195 
LEU CD2 HD23 sing N N 196 
LEU OXT HXT  sing N N 197 
LYS N   CA   sing N N 198 
LYS N   H    sing N N 199 
LYS N   H2   sing N N 200 
LYS CA  C    sing N N 201 
LYS CA  CB   sing N N 202 
LYS CA  HA   sing N N 203 
LYS C   O    doub N N 204 
LYS C   OXT  sing N N 205 
LYS CB  CG   sing N N 206 
LYS CB  HB2  sing N N 207 
LYS CB  HB3  sing N N 208 
LYS CG  CD   sing N N 209 
LYS CG  HG2  sing N N 210 
LYS CG  HG3  sing N N 211 
LYS CD  CE   sing N N 212 
LYS CD  HD2  sing N N 213 
LYS CD  HD3  sing N N 214 
LYS CE  NZ   sing N N 215 
LYS CE  HE2  sing N N 216 
LYS CE  HE3  sing N N 217 
LYS NZ  HZ1  sing N N 218 
LYS NZ  HZ2  sing N N 219 
LYS NZ  HZ3  sing N N 220 
LYS OXT HXT  sing N N 221 
MET N   CA   sing N N 222 
MET N   H    sing N N 223 
MET N   H2   sing N N 224 
MET CA  C    sing N N 225 
MET CA  CB   sing N N 226 
MET CA  HA   sing N N 227 
MET C   O    doub N N 228 
MET C   OXT  sing N N 229 
MET CB  CG   sing N N 230 
MET CB  HB2  sing N N 231 
MET CB  HB3  sing N N 232 
MET CG  SD   sing N N 233 
MET CG  HG2  sing N N 234 
MET CG  HG3  sing N N 235 
MET SD  CE   sing N N 236 
MET CE  HE1  sing N N 237 
MET CE  HE2  sing N N 238 
MET CE  HE3  sing N N 239 
MET OXT HXT  sing N N 240 
PHE N   CA   sing N N 241 
PHE N   H    sing N N 242 
PHE N   H2   sing N N 243 
PHE CA  C    sing N N 244 
PHE CA  CB   sing N N 245 
PHE CA  HA   sing N N 246 
PHE C   O    doub N N 247 
PHE C   OXT  sing N N 248 
PHE CB  CG   sing N N 249 
PHE CB  HB2  sing N N 250 
PHE CB  HB3  sing N N 251 
PHE CG  CD1  doub Y N 252 
PHE CG  CD2  sing Y N 253 
PHE CD1 CE1  sing Y N 254 
PHE CD1 HD1  sing N N 255 
PHE CD2 CE2  doub Y N 256 
PHE CD2 HD2  sing N N 257 
PHE CE1 CZ   doub Y N 258 
PHE CE1 HE1  sing N N 259 
PHE CE2 CZ   sing Y N 260 
PHE CE2 HE2  sing N N 261 
PHE CZ  HZ   sing N N 262 
PHE OXT HXT  sing N N 263 
PRO N   CA   sing N N 264 
PRO N   CD   sing N N 265 
PRO N   H    sing N N 266 
PRO CA  C    sing N N 267 
PRO CA  CB   sing N N 268 
PRO CA  HA   sing N N 269 
PRO C   O    doub N N 270 
PRO C   OXT  sing N N 271 
PRO CB  CG   sing N N 272 
PRO CB  HB2  sing N N 273 
PRO CB  HB3  sing N N 274 
PRO CG  CD   sing N N 275 
PRO CG  HG2  sing N N 276 
PRO CG  HG3  sing N N 277 
PRO CD  HD2  sing N N 278 
PRO CD  HD3  sing N N 279 
PRO OXT HXT  sing N N 280 
SER N   CA   sing N N 281 
SER N   H    sing N N 282 
SER N   H2   sing N N 283 
SER CA  C    sing N N 284 
SER CA  CB   sing N N 285 
SER CA  HA   sing N N 286 
SER C   O    doub N N 287 
SER C   OXT  sing N N 288 
SER CB  OG   sing N N 289 
SER CB  HB2  sing N N 290 
SER CB  HB3  sing N N 291 
SER OG  HG   sing N N 292 
SER OXT HXT  sing N N 293 
THR N   CA   sing N N 294 
THR N   H    sing N N 295 
THR N   H2   sing N N 296 
THR CA  C    sing N N 297 
THR CA  CB   sing N N 298 
THR CA  HA   sing N N 299 
THR C   O    doub N N 300 
THR C   OXT  sing N N 301 
THR CB  OG1  sing N N 302 
THR CB  CG2  sing N N 303 
THR CB  HB   sing N N 304 
THR OG1 HG1  sing N N 305 
THR CG2 HG21 sing N N 306 
THR CG2 HG22 sing N N 307 
THR CG2 HG23 sing N N 308 
THR OXT HXT  sing N N 309 
TRP N   CA   sing N N 310 
TRP N   H    sing N N 311 
TRP N   H2   sing N N 312 
TRP CA  C    sing N N 313 
TRP CA  CB   sing N N 314 
TRP CA  HA   sing N N 315 
TRP C   O    doub N N 316 
TRP C   OXT  sing N N 317 
TRP CB  CG   sing N N 318 
TRP CB  HB2  sing N N 319 
TRP CB  HB3  sing N N 320 
TRP CG  CD1  doub Y N 321 
TRP CG  CD2  sing Y N 322 
TRP CD1 NE1  sing Y N 323 
TRP CD1 HD1  sing N N 324 
TRP CD2 CE2  doub Y N 325 
TRP CD2 CE3  sing Y N 326 
TRP NE1 CE2  sing Y N 327 
TRP NE1 HE1  sing N N 328 
TRP CE2 CZ2  sing Y N 329 
TRP CE3 CZ3  doub Y N 330 
TRP CE3 HE3  sing N N 331 
TRP CZ2 CH2  doub Y N 332 
TRP CZ2 HZ2  sing N N 333 
TRP CZ3 CH2  sing Y N 334 
TRP CZ3 HZ3  sing N N 335 
TRP CH2 HH2  sing N N 336 
TRP OXT HXT  sing N N 337 
TYR N   CA   sing N N 338 
TYR N   H    sing N N 339 
TYR N   H2   sing N N 340 
TYR CA  C    sing N N 341 
TYR CA  CB   sing N N 342 
TYR CA  HA   sing N N 343 
TYR C   O    doub N N 344 
TYR C   OXT  sing N N 345 
TYR CB  CG   sing N N 346 
TYR CB  HB2  sing N N 347 
TYR CB  HB3  sing N N 348 
TYR CG  CD1  doub Y N 349 
TYR CG  CD2  sing Y N 350 
TYR CD1 CE1  sing Y N 351 
TYR CD1 HD1  sing N N 352 
TYR CD2 CE2  doub Y N 353 
TYR CD2 HD2  sing N N 354 
TYR CE1 CZ   doub Y N 355 
TYR CE1 HE1  sing N N 356 
TYR CE2 CZ   sing Y N 357 
TYR CE2 HE2  sing N N 358 
TYR CZ  OH   sing N N 359 
TYR OH  HH   sing N N 360 
TYR OXT HXT  sing N N 361 
VAL N   CA   sing N N 362 
VAL N   H    sing N N 363 
VAL N   H2   sing N N 364 
VAL CA  C    sing N N 365 
VAL CA  CB   sing N N 366 
VAL CA  HA   sing N N 367 
VAL C   O    doub N N 368 
VAL C   OXT  sing N N 369 
VAL CB  CG1  sing N N 370 
VAL CB  CG2  sing N N 371 
VAL CB  HB   sing N N 372 
VAL CG1 HG11 sing N N 373 
VAL CG1 HG12 sing N N 374 
VAL CG1 HG13 sing N N 375 
VAL CG2 HG21 sing N N 376 
VAL CG2 HG22 sing N N 377 
VAL CG2 HG23 sing N N 378 
VAL OXT HXT  sing N N 379 
# 
loop_
_pdbx_audit_support.funding_organization 
_pdbx_audit_support.country 
_pdbx_audit_support.grant_number 
_pdbx_audit_support.ordinal 
'Japan Society for the Promotion of Science (JSPS)' Japan 24659202 1 
'Japan Society for the Promotion of Science (JSPS)' Japan 26670215 2 
'Japan Society for the Promotion of Science (JSPS)' Japan 2604415  3 
'Other private'                                     ?     ?        4 
# 
_pdbx_initial_refinement_model.accession_code   ? 
_pdbx_initial_refinement_model.id               1 
_pdbx_initial_refinement_model.entity_id_list   ? 
_pdbx_initial_refinement_model.type             'experimental model' 
_pdbx_initial_refinement_model.source_name      Other 
_pdbx_initial_refinement_model.details          'rat mitoNEET' 
# 
_space_group.name_H-M_alt     'P 41 21 2' 
_space_group.name_Hall        'P 4abw 2nw' 
_space_group.IT_number        92 
_space_group.crystal_system   tetragonal 
_space_group.id               1 
# 
_atom_sites.entry_id                    7YVZ 
_atom_sites.Cartn_transf_matrix[1][1]   ? 
_atom_sites.Cartn_transf_matrix[1][2]   ? 
_atom_sites.Cartn_transf_matrix[1][3]   ? 
_atom_sites.Cartn_transf_matrix[2][1]   ? 
_atom_sites.Cartn_transf_matrix[2][2]   ? 
_atom_sites.Cartn_transf_matrix[2][3]   ? 
_atom_sites.Cartn_transf_matrix[3][1]   ? 
_atom_sites.Cartn_transf_matrix[3][2]   ? 
_atom_sites.Cartn_transf_matrix[3][3]   ? 
_atom_sites.Cartn_transf_vector[1]      ? 
_atom_sites.Cartn_transf_vector[2]      ? 
_atom_sites.Cartn_transf_vector[3]      ? 
_atom_sites.fract_transf_matrix[1][1]   0.01258332 
_atom_sites.fract_transf_matrix[1][2]   -0.00141741 
_atom_sites.fract_transf_matrix[1][3]   0.02322867 
_atom_sites.fract_transf_matrix[2][1]   0.01932162 
_atom_sites.fract_transf_matrix[2][2]   -0.01408239 
_atom_sites.fract_transf_matrix[2][3]   -0.01132612 
_atom_sites.fract_transf_matrix[3][1]   0.00596055 
_atom_sites.fract_transf_matrix[3][2]   0.01027099 
_atom_sites.fract_transf_matrix[3][3]   -0.00260218 
_atom_sites.fract_transf_vector[1]      0.035827 
_atom_sites.fract_transf_vector[2]      0.223768 
_atom_sites.fract_transf_vector[3]      0.017784 
_atom_sites.solution_primary            ? 
_atom_sites.solution_secondary          ? 
_atom_sites.solution_hydrogens          ? 
_atom_sites.special_details             ? 
# 
loop_
_atom_type.symbol 
_atom_type.scat_dispersion_real 
_atom_type.scat_dispersion_imag 
_atom_type.scat_Cromer_Mann_a1 
_atom_type.scat_Cromer_Mann_a2 
_atom_type.scat_Cromer_Mann_a3 
_atom_type.scat_Cromer_Mann_a4 
_atom_type.scat_Cromer_Mann_b1 
_atom_type.scat_Cromer_Mann_b2 
_atom_type.scat_Cromer_Mann_b3 
_atom_type.scat_Cromer_Mann_b4 
_atom_type.scat_Cromer_Mann_c 
_atom_type.scat_source 
_atom_type.scat_dispersion_source 
C  ? ? 3.54356  2.42580 ? ? 25.62398 1.50364  ? ? 0.0 
;2-Gaussian fit: Grosse-Kunstleve RW, Sauter NK, Adams PD: Newsletter of the IUCr Commission on Crystallographic Computing 2004, 3, 22-31.
;
? 
FE ? ? 20.90327 4.99816 ? ? 2.55100  38.46870 ? ? 0.0 
;2-Gaussian fit: Grosse-Kunstleve RW, Sauter NK, Adams PD: Newsletter of the IUCr Commission on Crystallographic Computing 2004, 3, 22-31.
;
? 
N  ? ? 4.01032  2.96436 ? ? 19.97189 1.75589  ? ? 0.0 
;2-Gaussian fit: Grosse-Kunstleve RW, Sauter NK, Adams PD: Newsletter of the IUCr Commission on Crystallographic Computing 2004, 3, 22-31.
;
? 
O  ? ? 4.49882  3.47563 ? ? 15.80542 1.70748  ? ? 0.0 
;2-Gaussian fit: Grosse-Kunstleve RW, Sauter NK, Adams PD: Newsletter of the IUCr Commission on Crystallographic Computing 2004, 3, 22-31.
;
? 
S  ? ? 9.55732  6.39887 ? ? 1.23737  29.19336 ? ? 0.0 
;2-Gaussian fit: Grosse-Kunstleve RW, Sauter NK, Adams PD: Newsletter of the IUCr Commission on Crystallographic Computing 2004, 3, 22-31.
;
? 
# 
loop_
_atom_site.group_PDB 
_atom_site.id 
_atom_site.type_symbol 
_atom_site.label_atom_id 
_atom_site.label_alt_id 
_atom_site.label_comp_id 
_atom_site.label_asym_id 
_atom_site.label_entity_id 
_atom_site.label_seq_id 
_atom_site.pdbx_PDB_ins_code 
_atom_site.Cartn_x 
_atom_site.Cartn_y 
_atom_site.Cartn_z 
_atom_site.occupancy 
_atom_site.B_iso_or_equiv 
_atom_site.pdbx_formal_charge 
_atom_site.auth_seq_id 
_atom_site.auth_comp_id 
_atom_site.auth_asym_id 
_atom_site.auth_atom_id 
_atom_site.pdbx_PDB_model_num 
ATOM   1   N  N   . ALA A 1 20 ? 13.34185  -2.32636  13.79305  1.000 61.37177 ? 38  ALA A N   1 
ATOM   2   C  CA  . ALA A 1 20 ? 12.76974  -2.93674  12.59542  1.000 51.33637 ? 38  ALA A CA  1 
ATOM   3   C  C   . ALA A 1 20 ? 11.72300  -2.03764  11.86110  1.000 47.71301 ? 38  ALA A C   1 
ATOM   4   O  O   . ALA A 1 20 ? 10.51869  -2.14005  12.07978  1.000 53.15086 ? 38  ALA A O   1 
ATOM   5   C  CB  . ALA A 1 20 ? 12.15311  -4.28065  12.96072  1.000 63.34567 ? 38  ALA A CB  1 
ATOM   6   N  N   . ARG A 1 21 ? 12.21121  -1.17611  10.96778  1.000 49.92236 ? 39  ARG A N   1 
ATOM   7   C  CA  . ARG A 1 21 ? 11.34000  -0.35475  10.13115  1.000 46.50980 ? 39  ARG A CA  1 
ATOM   8   C  C   . ARG A 1 21 ? 10.55382  -1.23419  9.15309   1.000 41.79312 ? 39  ARG A C   1 
ATOM   9   O  O   . ARG A 1 21 ? 10.95179  -2.35647  8.82654   1.000 42.65129 ? 39  ARG A O   1 
ATOM   10  C  CB  . ARG A 1 21 ? 12.16070  0.69296   9.36570   1.000 43.97463 ? 39  ARG A CB  1 
ATOM   11  C  CG  . ARG A 1 21 ? 13.09670  0.14504   8.27319   1.000 43.84208 ? 39  ARG A CG  1 
ATOM   12  C  CD  . ARG A 1 21 ? 13.91611  1.31446   7.73852   1.000 41.43450 ? 39  ARG A CD  1 
ATOM   13  N  NE  . ARG A 1 21 ? 13.01913  2.19594   7.01710   1.000 39.15000 ? 39  ARG A NE  1 
ATOM   14  C  CZ  . ARG A 1 21 ? 13.12868  3.50773   7.02420   1.000 37.47776 ? 39  ARG A CZ  1 
ATOM   15  N  NH1 . ARG A 1 21 ? 14.02425  4.11665   7.78942   1.000 36.96457 ? 39  ARG A NH1 1 
ATOM   16  N  NH2 . ARG A 1 21 ? 12.24741  4.23129   6.34467   1.000 33.92331 ? 39  ARG A NH2 1 
ATOM   17  N  N   A CYS A 1 22 ? 9.42008   -0.69523  8.68488   0.500 32.14325 ? 40  CYS A N   1 
ATOM   18  N  N   B CYS A 1 22 ? 9.41778   -0.71557  8.69061   0.500 32.15412 ? 40  CYS A N   1 
ATOM   19  C  CA  A CYS A 1 22 ? 8.48161   -1.36115  7.77898   0.500 35.14576 ? 40  CYS A CA  1 
ATOM   20  C  CA  B CYS A 1 22 ? 8.61333   -1.42422  7.70018   0.500 35.13210 ? 40  CYS A CA  1 
ATOM   21  C  C   A CYS A 1 22 ? 8.65151   -0.94333  6.31982   0.500 36.24531 ? 40  CYS A C   1 
ATOM   22  C  C   B CYS A 1 22 ? 8.96481   -0.98179  6.28390   0.500 36.36837 ? 40  CYS A C   1 
ATOM   23  O  O   A CYS A 1 22 ? 8.46369   -1.76923  5.41687   0.500 31.14117 ? 40  CYS A O   1 
ATOM   24  O  O   B CYS A 1 22 ? 9.22420   -1.80541  5.39867   0.500 32.08623 ? 40  CYS A O   1 
ATOM   25  C  CB  A CYS A 1 22 ? 7.02759   -1.07414  8.20451   0.500 37.39847 ? 40  CYS A CB  1 
ATOM   26  C  CB  B CYS A 1 22 ? 7.11764   -1.19244  7.97166   0.500 37.30082 ? 40  CYS A CB  1 
ATOM   27  S  SG  A CYS A 1 22 ? 6.20050   -2.30566  9.29196   0.500 49.82246 ? 40  CYS A SG  1 
ATOM   28  S  SG  B CYS A 1 22 ? 5.97337   -1.96130  6.79658   0.500 48.62138 ? 40  CYS A SG  1 
ATOM   29  N  N   . ASN A 1 23 ? 9.00269   0.31940   6.06835   1.000 31.64954 ? 41  ASN A N   1 
ATOM   30  C  CA  . ASN A 1 23 ? 9.07326   0.89154   4.72872   1.000 29.16000 ? 41  ASN A CA  1 
ATOM   31  C  C   . ASN A 1 23 ? 10.51049  0.97664   4.25516   1.000 31.37423 ? 41  ASN A C   1 
ATOM   32  O  O   . ASN A 1 23 ? 11.29146  1.80532   4.76426   1.000 32.80977 ? 41  ASN A O   1 
ATOM   33  C  CB  . ASN A 1 23 ? 8.50213   2.30458   4.74693   1.000 26.17984 ? 41  ASN A CB  1 
ATOM   34  C  CG  . ASN A 1 23 ? 8.50932   2.93803   3.38631   1.000 26.96089 ? 41  ASN A CG  1 
ATOM   35  O  OD1 . ASN A 1 23 ? 8.55131   2.22792   2.34060   1.000 26.47365 ? 41  ASN A OD1 1 
ATOM   36  N  ND2 . ASN A 1 23 ? 8.65609   4.27516   3.37192   1.000 25.02896 ? 41  ASN A ND2 1 
ATOM   37  N  N   . TYR A 1 24 ? 10.84922  0.19186   3.22546   1.000 28.45681 ? 42  TYR A N   1 
ATOM   38  C  CA  . TYR A 1 24 ? 12.16422  0.29619   2.59877   1.000 26.57042 ? 42  TYR A CA  1 
ATOM   39  C  C   . TYR A 1 24 ? 12.08965  0.89187   1.20036   1.000 33.14623 ? 42  TYR A C   1 
ATOM   40  O  O   . TYR A 1 24 ? 13.08000  0.86168   0.48195   1.000 34.97113 ? 42  TYR A O   1 
ATOM   41  C  CB  . TYR A 1 24 ? 12.82881  -1.08813  2.54559   1.000 29.81038 ? 42  TYR A CB  1 
ATOM   42  C  CG  . TYR A 1 24 ? 13.33906  -1.55642  3.88725   1.000 33.52383 ? 42  TYR A CG  1 
ATOM   43  C  CD1 . TYR A 1 24 ? 14.62919  -1.25288  4.30161   1.000 41.66267 ? 42  TYR A CD1 1 
ATOM   44  C  CD2 . TYR A 1 24 ? 12.51877  -2.24788  4.76662   1.000 36.62259 ? 42  TYR A CD2 1 
ATOM   45  C  CE1 . TYR A 1 24 ? 15.11212  -1.66674  5.56012   1.000 45.39466 ? 42  TYR A CE1 1 
ATOM   46  C  CE2 . TYR A 1 24 ? 12.98905  -2.67659  6.00472   1.000 42.36910 ? 42  TYR A CE2 1 
ATOM   47  C  CZ  . TYR A 1 24 ? 14.28447  -2.37074  6.40174   1.000 46.10390 ? 42  TYR A CZ  1 
ATOM   48  O  OH  . TYR A 1 24 ? 14.74602  -2.78027  7.63701   1.000 50.05620 ? 42  TYR A OH  1 
ATOM   49  N  N   . LYS A 1 25 ? 10.94368  1.39512   0.78833   1.000 27.09846 ? 43  LYS A N   1 
ATOM   50  C  CA  . LYS A 1 25 ? 10.79514  1.76253   -0.61798  1.000 29.22424 ? 43  LYS A CA  1 
ATOM   51  C  C   . LYS A 1 25 ? 10.19401  3.13605   -0.87447  1.000 30.70626 ? 43  LYS A C   1 
ATOM   52  O  O   . LYS A 1 25 ? 10.66399  3.84859   -1.77629  1.000 30.25293 ? 43  LYS A O   1 
ATOM   53  C  CB  . LYS A 1 25 ? 9.87598   0.71412   -1.29055  1.000 28.34232 ? 43  LYS A CB  1 
ATOM   54  C  CG  . LYS A 1 25 ? 9.66715   0.93853   -2.77707  1.000 32.27844 ? 43  LYS A CG  1 
ATOM   55  C  CD  . LYS A 1 25 ? 8.78231   -0.15509  -3.30089  1.000 33.47668 ? 43  LYS A CD  1 
ATOM   56  C  CE  . LYS A 1 25 ? 8.60529   0.00019   -4.76563  1.000 39.49756 ? 43  LYS A CE  1 
ATOM   57  N  NZ  . LYS A 1 25 ? 9.94529   -0.31461  -5.33721  1.000 43.57959 ? 43  LYS A NZ  1 
ATOM   58  N  N   . ILE A 1 26 ? 9.15115   3.51745   -0.13966  1.000 24.90259 ? 44  ILE A N   1 
ATOM   59  C  CA  . ILE A 1 26 ? 8.31637   4.65975   -0.50867  1.000 27.78502 ? 44  ILE A CA  1 
ATOM   60  C  C   . ILE A 1 26 ? 8.92356   5.93295   0.06721   1.000 27.63429 ? 44  ILE A C   1 
ATOM   61  O  O   . ILE A 1 26 ? 9.12639   6.03548   1.28711   1.000 26.83786 ? 44  ILE A O   1 
ATOM   62  C  CB  . ILE A 1 26 ? 6.87954   4.48021   0.00847   1.000 24.69345 ? 44  ILE A CB  1 
ATOM   63  C  CG1 . ILE A 1 26 ? 6.31303   3.10161   -0.37962  1.000 26.11804 ? 44  ILE A CG1 1 
ATOM   64  C  CG2 . ILE A 1 26 ? 6.04195   5.56043   -0.55834  1.000 26.14947 ? 44  ILE A CG2 1 
ATOM   65  C  CD1 . ILE A 1 26 ? 6.28617   2.85501   -1.90674  1.000 29.73710 ? 44  ILE A CD1 1 
ATOM   66  N  N   . GLN A 1 27 ? 9.24998   6.89675   -0.80951  1.000 27.43704 ? 45  GLN A N   1 
ATOM   67  C  CA  . GLN A 1 27 ? 9.64272   8.28037   -0.42887  1.000 30.06394 ? 45  GLN A CA  1 
ATOM   68  C  C   . GLN A 1 27 ? 10.52381  8.28454   0.82064   1.000 26.91673 ? 45  GLN A C   1 
ATOM   69  O  O   . GLN A 1 27 ? 10.14531  8.79972   1.87408   1.000 28.44832 ? 45  GLN A O   1 
ATOM   70  C  CB  . GLN A 1 27 ? 8.42609   9.15721   -0.16355  1.000 29.63201 ? 45  GLN A CB  1 
ATOM   71  C  CG  . GLN A 1 27 ? 7.39979   9.01533   -1.30628  1.000 30.84507 ? 45  GLN A CG  1 
ATOM   72  C  CD  . GLN A 1 27 ? 6.09684   9.77276   -1.05457  1.000 40.92593 ? 45  GLN A CD  1 
ATOM   73  O  OE1 . GLN A 1 27 ? 6.02118   10.65671  -0.21660  1.000 43.59798 ? 45  GLN A OE1 1 
ATOM   74  N  NE2 . GLN A 1 27 ? 5.02041   9.23724   -1.62764  1.000 37.05345 ? 45  GLN A NE2 1 
ATOM   75  N  N   . LEU A 1 28 ? 11.69488  7.63028   0.70787   1.000 27.07174 ? 46  LEU A N   1 
ATOM   76  C  CA  . LEU A 1 28 ? 12.52769  7.51881   1.89541   1.000 26.80848 ? 46  LEU A CA  1 
ATOM   77  C  C   . LEU A 1 28 ? 13.09049  8.85291   2.35256   1.000 31.74704 ? 46  LEU A C   1 
ATOM   78  O  O   . LEU A 1 28 ? 13.57086  8.92723   3.49194   1.000 34.00253 ? 46  LEU A O   1 
ATOM   79  C  CB  . LEU A 1 28 ? 13.68526  6.54140   1.63978   1.000 26.84888 ? 46  LEU A CB  1 
ATOM   80  C  CG  . LEU A 1 28 ? 13.15552  5.10498   1.51271   1.000 26.88890 ? 46  LEU A CG  1 
ATOM   81  C  CD1 . LEU A 1 28 ? 14.25073  4.15608   1.16739   1.000 28.25758 ? 46  LEU A CD1 1 
ATOM   82  C  CD2 . LEU A 1 28 ? 12.49093  4.65067   2.84689   1.000 28.68424 ? 46  LEU A CD2 1 
ATOM   83  N  N   . ASP A 1 29 ? 13.03438  9.90401   1.50732   1.000 36.02705 ? 47  ASP A N   1 
ATOM   84  C  CA  . ASP A 1 29 ? 13.37407  11.26531  1.93003   1.000 38.68729 ? 47  ASP A CA  1 
ATOM   85  C  C   . ASP A 1 29 ? 12.34929  11.88940  2.86372   1.000 38.61583 ? 47  ASP A C   1 
ATOM   86  O  O   . ASP A 1 29 ? 12.68073  12.82198  3.62091   1.000 39.94891 ? 47  ASP A O   1 
ATOM   87  C  CB  . ASP A 1 29 ? 13.55686  12.20258  0.72579   1.000 38.04858 ? 47  ASP A CB  1 
ATOM   88  C  CG  . ASP A 1 29 ? 12.40042  12.16634  -0.28007  1.000 42.02816 ? 47  ASP A CG  1 
ATOM   89  O  OD1 . ASP A 1 29 ? 11.61806  11.19519  -0.38339  1.000 42.85899 ? 47  ASP A OD1 1 
ATOM   90  O  OD2 . ASP A 1 29 ? 12.21692  13.21487  -0.94149  1.000 52.47618 ? 47  ASP A OD2 1 
ATOM   91  N  N   . SER A 1 30 ? 11.11096  11.44924  2.79643   1.000 32.32156 ? 48  SER A N   1 
ATOM   92  C  CA  . SER A 1 30 ? 10.06451  12.05132  3.60480   1.000 31.20777 ? 48  SER A CA  1 
ATOM   93  C  C   . SER A 1 30 ? 10.13943  11.62414  5.06611   1.000 31.31162 ? 48  SER A C   1 
ATOM   94  O  O   . SER A 1 30 ? 10.47538  10.48679  5.39894   1.000 31.35274 ? 48  SER A O   1 
ATOM   95  C  CB  . SER A 1 30 ? 8.70571   11.68288  3.03462   1.000 33.08478 ? 48  SER A CB  1 
ATOM   96  O  OG  . SER A 1 30 ? 7.66539   12.12386  3.90460   1.000 34.89486 ? 48  SER A OG  1 
ATOM   97  N  N   . ASN A 1 31 ? 9.77841   12.55318  5.94575   1.000 33.19482 ? 49  ASN A N   1 
ATOM   98  C  CA  . ASN A 1 31 ? 9.76074   12.27435  7.37524   1.000 34.91476 ? 49  ASN A CA  1 
ATOM   99  C  C   . ASN A 1 31 ? 8.51399   11.47765  7.78007   1.000 32.58044 ? 49  ASN A C   1 
ATOM   100 O  O   . ASN A 1 31 ? 8.50915   10.77460  8.80194   1.000 32.69720 ? 49  ASN A O   1 
ATOM   101 C  CB  . ASN A 1 31 ? 9.86443   13.62895  8.07624   1.000 43.00398 ? 49  ASN A CB  1 
ATOM   102 C  CG  . ASN A 1 31 ? 10.49617  13.53574  9.43467   1.000 56.20696 ? 49  ASN A CG  1 
ATOM   103 O  OD1 . ASN A 1 31 ? 11.05727  14.51283  9.93648   1.000 74.46676 ? 49  ASN A OD1 1 
ATOM   104 N  ND2 . ASN A 1 31 ? 10.37327  12.38696  10.06627  1.000 60.40754 ? 49  ASN A ND2 1 
ATOM   105 N  N   . LYS A 1 32 ? 7.46866   11.54348  6.96557   1.000 26.87691 ? 50  LYS A N   1 
ATOM   106 C  CA  . LYS A 1 32 ? 6.17822   10.97335  7.35159   1.000 25.69942 ? 50  LYS A CA  1 
ATOM   107 C  C   . LYS A 1 32 ? 5.27083   10.91785  6.14440   1.000 26.83260 ? 50  LYS A C   1 
ATOM   108 O  O   . LYS A 1 32 ? 4.97876   11.95479  5.52325   1.000 33.33814 ? 50  LYS A O   1 
ATOM   109 C  CB  . LYS A 1 32 ? 5.60009   11.87097  8.45826   1.000 36.05168 ? 50  LYS A CB  1 
ATOM   110 C  CG  . LYS A 1 32 ? 4.29181   11.53843  8.97311   1.000 35.77201 ? 50  LYS A CG  1 
ATOM   111 C  CD  . LYS A 1 32 ? 4.29828   10.13270  9.53061   1.000 28.56782 ? 50  LYS A CD  1 
ATOM   112 C  CE  . LYS A 1 32 ? 2.97968   9.97250   10.22445  1.000 32.20728 ? 50  LYS A CE  1 
ATOM   113 N  NZ  . LYS A 1 32 ? 3.18202   10.92917  11.37150  1.000 34.23188 ? 50  LYS A NZ  1 
ATOM   114 N  N   . ILE A 1 33 ? 4.84682   9.72240   5.78228   1.000 24.57406 ? 51  ILE A N   1 
ATOM   115 C  CA  . ILE A 1 33 ? 4.09581   9.53276   4.56096   1.000 23.51692 ? 51  ILE A CA  1 
ATOM   116 C  C   . ILE A 1 33 ? 2.62484   9.38101   4.92938   1.000 25.12304 ? 51  ILE A C   1 
ATOM   117 O  O   . ILE A 1 33 ? 2.16813   8.34268   5.44406   1.000 24.92224 ? 51  ILE A O   1 
ATOM   118 C  CB  . ILE A 1 33 ? 4.63551   8.33881   3.76629   1.000 22.68274 ? 51  ILE A CB  1 
ATOM   119 C  CG1 . ILE A 1 33 ? 6.09777   8.64758   3.41626   1.000 29.36189 ? 51  ILE A CG1 1 
ATOM   120 C  CG2 . ILE A 1 33 ? 3.78476   8.16930   2.54557   1.000 25.13372 ? 51  ILE A CG2 1 
ATOM   121 C  CD1 . ILE A 1 33 ? 6.80858   7.45340   2.80109   1.000 30.85784 ? 51  ILE A CD1 1 
ATOM   122 N  N   . VAL A 1 34 ? 1.88353   10.43800  4.65587   1.000 24.75875 ? 52  VAL A N   1 
ATOM   123 C  CA  . VAL A 1 34 ? 0.43232   10.47306  4.84896   1.000 25.08588 ? 52  VAL A CA  1 
ATOM   124 C  C   . VAL A 1 34 ? -0.16840  10.76231  3.48232   1.000 25.80097 ? 52  VAL A C   1 
ATOM   125 O  O   . VAL A 1 34 ? 0.17756   11.76971  2.85880   1.000 29.63979 ? 52  VAL A O   1 
ATOM   126 C  CB  . VAL A 1 34 ? 0.03063   11.57764  5.84727   1.000 28.36742 ? 52  VAL A CB  1 
ATOM   127 C  CG1 . VAL A 1 34 ? -1.46377  11.63766  5.98565   1.000 26.34099 ? 52  VAL A CG1 1 
ATOM   128 C  CG2 . VAL A 1 34 ? 0.71203   11.37737  7.23897   1.000 31.20189 ? 52  VAL A CG2 1 
ATOM   129 N  N   . ASP A 1 35 ? -1.07816  9.90597   3.02896   1.000 24.06723 ? 53  ASP A N   1 
ATOM   130 C  CA  . ASP A 1 35 ? -1.73202  10.10157  1.74511   1.000 24.52452 ? 53  ASP A CA  1 
ATOM   131 C  C   . ASP A 1 35 ? -3.19160  10.44251  1.99120   1.000 27.57316 ? 53  ASP A C   1 
ATOM   132 O  O   . ASP A 1 35 ? -3.79798  9.89229   2.89685   1.000 29.15802 ? 53  ASP A O   1 
ATOM   133 C  CB  . ASP A 1 35 ? -1.61134  8.82956   0.95616   1.000 28.79358 ? 53  ASP A CB  1 
ATOM   134 C  CG  . ASP A 1 35 ? -0.21223  8.61830   0.47464   1.000 30.84747 ? 53  ASP A CG  1 
ATOM   135 O  OD1 . ASP A 1 35 ? 0.29607   9.51598   -0.24831  1.000 32.06379 ? 53  ASP A OD1 1 
ATOM   136 O  OD2 . ASP A 1 35 ? 0.46946   7.70886   1.02779   1.000 25.89970 ? 53  ASP A OD2 1 
ATOM   137 N  N   . THR A 1 36 ? -3.75774  11.32121  1.15785   1.000 31.31196 ? 54  THR A N   1 
ATOM   138 C  CA  . THR A 1 36 ? -5.17034  11.70587  1.25581   1.000 33.21546 ? 54  THR A CA  1 
ATOM   139 C  C   . THR A 1 36 ? -5.88475  11.42971  -0.06382  1.000 33.37505 ? 54  THR A C   1 
ATOM   140 O  O   . THR A 1 36 ? -5.36545  11.75267  -1.14074  1.000 38.17817 ? 54  THR A O   1 
ATOM   141 C  CB  . THR A 1 36 ? -5.28558  13.19101  1.63265   1.000 38.25951 ? 54  THR A CB  1 
ATOM   142 O  OG1 . THR A 1 36 ? -4.57108  13.42168  2.85461   1.000 33.78595 ? 54  THR A OG1 1 
ATOM   143 C  CG2 . THR A 1 36 ? -6.74118  13.61102  1.81092   1.000 38.52331 ? 54  THR A CG2 1 
ATOM   144 N  N   . VAL A 1 37 ? -7.04911  10.80555  -0.00444  1.000 31.40713 ? 55  VAL A N   1 
ATOM   145 C  CA  . VAL A 1 37 ? -7.85113  10.59989  -1.21002  1.000 33.28710 ? 55  VAL A CA  1 
ATOM   146 C  C   . VAL A 1 37 ? -9.27172  11.02750  -0.91024  1.000 38.54808 ? 55  VAL A C   1 
ATOM   147 O  O   . VAL A 1 37 ? -9.74606  10.88963  0.21756   1.000 35.08177 ? 55  VAL A O   1 
ATOM   148 C  CB  . VAL A 1 37 ? -7.82051  9.13943   -1.68714  1.000 33.39651 ? 55  VAL A CB  1 
ATOM   149 C  CG1 . VAL A 1 37 ? -6.41133  8.76491   -2.03174  1.000 42.40777 ? 55  VAL A CG1 1 
ATOM   150 C  CG2 . VAL A 1 37 ? -8.29862  8.24651   -0.57146  1.000 33.02160 ? 55  VAL A CG2 1 
ATOM   151 N  N   . ASP A 1 38 ? -9.95160  11.55223  -1.92396  1.000 35.25312 ? 56  ASP A N   1 
ATOM   152 C  CA  . ASP A 1 38 ? -11.33296 11.94732  -1.78502  1.000 38.80111 ? 56  ASP A CA  1 
ATOM   153 C  C   . ASP A 1 38 ? -12.19651 10.81432  -2.32766  1.000 42.83099 ? 56  ASP A C   1 
ATOM   154 O  O   . ASP A 1 38 ? -11.85125 10.17959  -3.33307  1.000 40.28400 ? 56  ASP A O   1 
ATOM   155 C  CB  . ASP A 1 38 ? -11.57062 13.27162  -2.51531  1.000 43.31961 ? 56  ASP A CB  1 
ATOM   156 C  CG  . ASP A 1 38 ? -12.93793 13.90184  -2.20858  1.000 59.67131 ? 56  ASP A CG  1 
ATOM   157 O  OD1 . ASP A 1 38 ? -13.84102 13.25355  -1.62386  1.000 56.00631 ? 56  ASP A OD1 1 
ATOM   158 O  OD2 . ASP A 1 38 ? -13.08374 15.11346  -2.49020  1.000 72.43168 ? 56  ASP A OD2 1 
ATOM   159 N  N   . ILE A 1 39 ? -13.30139 10.53645  -1.62148  1.000 42.87930 ? 57  ILE A N   1 
ATOM   160 C  CA  . ILE A 1 39 ? -14.19397 9.44848   -2.02881  1.000 51.92835 ? 57  ILE A CA  1 
ATOM   161 C  C   . ILE A 1 39 ? -14.62800 9.64171   -3.47847  1.000 53.08325 ? 57  ILE A C   1 
ATOM   162 O  O   . ILE A 1 39 ? -14.83219 8.66786   -4.21161  1.000 47.30710 ? 57  ILE A O   1 
ATOM   163 C  CB  . ILE A 1 39 ? -15.42047 9.33685   -1.08465  1.000 53.82278 ? 57  ILE A CB  1 
ATOM   164 C  CG1 . ILE A 1 39 ? -16.25874 10.62245  -1.13575  1.000 57.59388 ? 57  ILE A CG1 1 
ATOM   165 C  CG2 . ILE A 1 39 ? -14.99777 8.94440   0.35673   1.000 52.64546 ? 57  ILE A CG2 1 
ATOM   166 C  CD1 . ILE A 1 39 ? -17.59845 10.53679  -0.40992  1.000 62.91476 ? 57  ILE A CD1 1 
ATOM   167 N  N   . GLU A 1 40 ? -14.72133 10.88332  -3.92555  1.000 55.12956 ? 58  GLU A N   1 
ATOM   168 C  CA  . GLU A 1 40 ? -15.11169 11.13576  -5.30705  1.000 58.76138 ? 58  GLU A CA  1 
ATOM   169 C  C   . GLU A 1 40 ? -14.01484 10.75742  -6.31020  1.000 56.95715 ? 58  GLU A C   1 
ATOM   170 O  O   . GLU A 1 40 ? -14.14837 11.12053  -7.48399  1.000 68.81050 ? 58  GLU A O   1 
ATOM   171 C  CB  . GLU A 1 40 ? -15.51278 12.60583  -5.46956  1.000 62.48814 ? 58  GLU A CB  1 
ATOM   172 N  N   . ASP A 1 41 ? -12.95332 10.07578  -5.87584  1.000 55.93537 ? 59  ASP A N   1 
ATOM   173 C  CA  . ASP A 1 41 ? -11.94220 9.51678   -6.76727  1.000 59.08964 ? 59  ASP A CA  1 
ATOM   174 C  C   . ASP A 1 41 ? -11.84379 8.00242   -6.64944  1.000 58.82683 ? 59  ASP A C   1 
ATOM   175 O  O   . ASP A 1 41 ? -10.92223 7.40298   -7.21222  1.000 60.48019 ? 59  ASP A O   1 
ATOM   176 C  CB  . ASP A 1 41 ? -10.58343 10.14165  -6.47611  1.000 59.33987 ? 59  ASP A CB  1 
ATOM   177 C  CG  . ASP A 1 41 ? -10.56704 11.61642  -6.78718  1.000 67.86893 ? 59  ASP A CG  1 
ATOM   178 O  OD1 . ASP A 1 41 ? -11.33603 12.04194  -7.68439  1.000 71.44237 ? 59  ASP A OD1 1 
ATOM   179 O  OD2 . ASP A 1 41 ? -9.81483  12.35350  -6.11772  1.000 71.05969 ? 59  ASP A OD2 1 
ATOM   180 N  N   . ILE A 1 42 ? -12.76626 7.37355   -5.92422  1.000 59.02068 ? 60  ILE A N   1 
ATOM   181 C  CA  . ILE A 1 42 ? -12.73770 5.92653   -5.72987  1.000 54.51566 ? 60  ILE A CA  1 
ATOM   182 C  C   . ILE A 1 42 ? -13.35980 5.20856   -6.92065  1.000 50.48962 ? 60  ILE A C   1 
ATOM   183 O  O   . ILE A 1 42 ? -12.89813 4.13496   -7.32337  1.000 46.97839 ? 60  ILE A O   1 
ATOM   184 C  CB  . ILE A 1 42 ? -13.45040 5.57105   -4.40636  1.000 51.00116 ? 60  ILE A CB  1 
ATOM   185 C  CG1 . ILE A 1 42 ? -12.73192 6.20681   -3.22561  1.000 51.72554 ? 60  ILE A CG1 1 
ATOM   186 C  CG2 . ILE A 1 42 ? -13.60045 4.06579   -4.20998  1.000 46.61272 ? 60  ILE A CG2 1 
ATOM   187 C  CD1 . ILE A 1 42 ? -11.29487 5.74567   -3.05102  1.000 48.70090 ? 60  ILE A CD1 1 
ATOM   188 N  N   . GLY A 1 43 ? -14.42514 5.76302   -7.49415  1.000 50.60884 ? 61  GLY A N   1 
ATOM   189 C  CA  . GLY A 1 43 ? -15.13531 5.01189   -8.53336  1.000 45.74109 ? 61  GLY A CA  1 
ATOM   190 C  C   . GLY A 1 43 ? -15.83690 3.78967   -7.94794  1.000 49.46250 ? 61  GLY A C   1 
ATOM   191 O  O   . GLY A 1 43 ? -16.34878 3.82672   -6.82101  1.000 53.48832 ? 61  GLY A O   1 
ATOM   192 N  N   . GLU A 1 44 ? -15.86933 2.68865   -8.70924  1.000 45.73025 ? 62  GLU A N   1 
ATOM   193 C  CA  . GLU A 1 44 ? -16.46966 1.46472   -8.18139  1.000 47.19096 ? 62  GLU A CA  1 
ATOM   194 C  C   . GLU A 1 44 ? -15.75324 1.03241   -6.90465  1.000 41.15878 ? 62  GLU A C   1 
ATOM   195 O  O   . GLU A 1 44 ? -16.38720 0.78849   -5.87227  1.000 41.73064 ? 62  GLU A O   1 
ATOM   196 C  CB  . GLU A 1 44 ? -16.41866 0.34476   -9.22429  1.000 48.69331 ? 62  GLU A CB  1 
ATOM   197 N  N   . LYS A 1 45 ? -14.42153 0.97972   -6.94854  1.000 38.90298 ? 63  LYS A N   1 
ATOM   198 C  CA  . LYS A 1 45 ? -13.60917 0.60135   -5.80322  1.000 32.02299 ? 63  LYS A CA  1 
ATOM   199 C  C   . LYS A 1 45 ? -12.15117 0.87681   -6.13230  1.000 32.54293 ? 63  LYS A C   1 
ATOM   200 O  O   . LYS A 1 45 ? -11.78593 1.01460   -7.30765  1.000 35.49696 ? 63  LYS A O   1 
ATOM   201 C  CB  . LYS A 1 45 ? -13.76272 -0.87839  -5.40801  1.000 38.65418 ? 63  LYS A CB  1 
ATOM   202 C  CG  . LYS A 1 45 ? -13.41241 -1.85329  -6.52389  1.000 44.05786 ? 63  LYS A CG  1 
ATOM   203 C  CD  . LYS A 1 45 ? -13.46861 -3.27145  -6.00595  1.000 38.62377 ? 63  LYS A CD  1 
ATOM   204 C  CE  . LYS A 1 45 ? -13.29429 -4.29884  -7.11133  1.000 41.96184 ? 63  LYS A CE  1 
ATOM   205 N  NZ  . LYS A 1 45 ? -14.54402 -4.42149  -7.89668  1.000 40.31357 ? 63  LYS A NZ  1 
ATOM   206 N  N   . LYS A 1 46 ? -11.34448 1.05046   -5.06934  1.000 30.38303 ? 64  LYS A N   1 
ATOM   207 C  CA  . LYS A 1 46 ? -9.89189  1.12923   -5.19117  1.000 28.70307 ? 64  LYS A CA  1 
ATOM   208 C  C   . LYS A 1 46 ? -9.24721  0.33576   -4.07192  1.000 27.73370 ? 64  LYS A C   1 
ATOM   209 O  O   . LYS A 1 46 ? -9.77228  0.24263   -2.95746  1.000 29.79827 ? 64  LYS A O   1 
ATOM   210 C  CB  . LYS A 1 46 ? -9.29881  2.54673   -5.15086  1.000 34.74024 ? 64  LYS A CB  1 
ATOM   211 C  CG  . LYS A 1 46 ? -9.51408  3.33260   -6.40692  1.000 41.45075 ? 64  LYS A CG  1 
ATOM   212 C  CD  . LYS A 1 46 ? -8.75441  2.65073   -7.54465  1.000 50.77315 ? 64  LYS A CD  1 
ATOM   213 C  CE  . LYS A 1 46 ? -8.98948  3.34931   -8.87149  1.000 61.73458 ? 64  LYS A CE  1 
ATOM   214 N  NZ  . LYS A 1 46 ? -8.39545  2.53832   -9.96641  1.000 61.65805 ? 64  LYS A NZ  1 
ATOM   215 N  N   . ALA A 1 47 ? -8.08247  -0.22224  -4.37921  1.000 26.81498 ? 65  ALA A N   1 
ATOM   216 C  CA  . ALA A 1 47 ? -7.31051  -0.97538  -3.38673  1.000 21.67748 ? 65  ALA A CA  1 
ATOM   217 C  C   . ALA A 1 47 ? -6.05207  -0.20247  -3.05446  1.000 23.58436 ? 65  ALA A C   1 
ATOM   218 O  O   . ALA A 1 47 ? -5.29344  0.20020   -3.96051  1.000 25.89993 ? 65  ALA A O   1 
ATOM   219 C  CB  . ALA A 1 47 ? -6.93339  -2.35656  -3.93105  1.000 22.65742 ? 65  ALA A CB  1 
ATOM   220 N  N   . PHE A 1 48 ? -5.84679  0.02632   -1.75566  1.000 21.21310 ? 66  PHE A N   1 
ATOM   221 C  CA  . PHE A 1 48 ? -4.73668  0.83205   -1.27803  1.000 21.83577 ? 66  PHE A CA  1 
ATOM   222 C  C   . PHE A 1 48 ? -3.72122  -0.06100  -0.59473  1.000 24.23841 ? 66  PHE A C   1 
ATOM   223 O  O   . PHE A 1 48 ? -4.07268  -0.92943  0.23260   1.000 22.63549 ? 66  PHE A O   1 
ATOM   224 C  CB  . PHE A 1 48 ? -5.25049  1.88534   -0.29961  1.000 22.68866 ? 66  PHE A CB  1 
ATOM   225 C  CG  . PHE A 1 48 ? -6.12766  2.92297   -0.96771  1.000 22.91054 ? 66  PHE A CG  1 
ATOM   226 C  CD1 . PHE A 1 48 ? -5.51118  4.00157   -1.59340  1.000 25.33242 ? 66  PHE A CD1 1 
ATOM   227 C  CD2 . PHE A 1 48 ? -7.52638  2.78422   -1.04983  1.000 24.64107 ? 66  PHE A CD2 1 
ATOM   228 C  CE1 . PHE A 1 48 ? -6.28644  5.01002   -2.21583  1.000 29.68690 ? 66  PHE A CE1 1 
ATOM   229 C  CE2 . PHE A 1 48 ? -8.31037  3.78092   -1.72290  1.000 30.70817 ? 66  PHE A CE2 1 
ATOM   230 C  CZ  . PHE A 1 48 ? -7.66797  4.88806   -2.29625  1.000 30.15621 ? 66  PHE A CZ  1 
ATOM   231 N  N   . CYS A 1 49 ? -2.43220  0.22171   -0.86529  1.000 24.06681 ? 67  CYS A N   1 
ATOM   232 C  CA  . CYS A 1 49 ? -1.33346  -0.59454  -0.36877  1.000 21.11529 ? 67  CYS A CA  1 
ATOM   233 C  C   . CYS A 1 49 ? -1.10548  -0.33971  1.12896   1.000 19.81731 ? 67  CYS A C   1 
ATOM   234 O  O   . CYS A 1 49 ? -1.13426  0.79877   1.58838   1.000 22.15056 ? 67  CYS A O   1 
ATOM   235 C  CB  . CYS A 1 49 ? -0.05896  -0.25592  -1.18918  1.000 21.88386 ? 67  CYS A CB  1 
ATOM   236 S  SG  . CYS A 1 49 ? 1.41443   -1.21141  -0.64099  1.000 21.06442 ? 67  CYS A SG  1 
ATOM   237 N  N   . ARG A 1 50 ? -0.99322  -1.42606  1.88433   1.000 20.12739 ? 68  ARG A N   1 
ATOM   238 C  CA  . ARG A 1 50 ? -0.55782  -1.36367  3.26930   1.000 19.43537 ? 68  ARG A CA  1 
ATOM   239 C  C   . ARG A 1 50 ? 0.70844   -2.13638  3.51795   1.000 23.09404 ? 68  ARG A C   1 
ATOM   240 O  O   . ARG A 1 50 ? 1.07706   -2.32429  4.69464   1.000 23.40681 ? 68  ARG A O   1 
ATOM   241 C  CB  . ARG A 1 50 ? -1.67893  -1.90737  4.18031   1.000 19.64125 ? 68  ARG A CB  1 
ATOM   242 C  CG  . ARG A 1 50 ? -2.91770  -1.12271  3.95470   1.000 17.75610 ? 68  ARG A CG  1 
ATOM   243 C  CD  . ARG A 1 50 ? -4.10234  -1.40373  4.92347   1.000 20.13224 ? 68  ARG A CD  1 
ATOM   244 N  NE  . ARG A 1 50 ? -4.51463  -2.79745  4.82047   1.000 20.34180 ? 68  ARG A NE  1 
ATOM   245 C  CZ  . ARG A 1 50 ? -5.56239  -3.31727  5.45000   1.000 20.69666 ? 68  ARG A CZ  1 
ATOM   246 N  NH1 . ARG A 1 50 ? -6.34327  -2.56212  6.20130   1.000 20.63794 ? 68  ARG A NH1 1 
ATOM   247 N  NH2 . ARG A 1 50 ? -5.88262  -4.60538  5.24826   1.000 23.79159 ? 68  ARG A NH2 1 
ATOM   248 N  N   . CYS A 1 51 ? 1.43076   -2.55618  2.47294   1.000 20.24438 ? 69  CYS A N   1 
ATOM   249 C  CA  . CYS A 1 51 ? 2.67166   -3.31547  2.64376   1.000 20.77814 ? 69  CYS A CA  1 
ATOM   250 C  C   . CYS A 1 51 ? 3.92376   -2.52945  2.29531   1.000 23.59620 ? 69  CYS A C   1 
ATOM   251 O  O   . CYS A 1 51 ? 5.02948   -3.02375  2.59742   1.000 25.59311 ? 69  CYS A O   1 
ATOM   252 C  CB  . CYS A 1 51 ? 2.68697   -4.60720  1.79621   1.000 19.88939 ? 69  CYS A CB  1 
ATOM   253 S  SG  . CYS A 1 51 ? 2.85636   -4.35087  -0.01659  1.000 23.39021 ? 69  CYS A SG  1 
ATOM   254 N  N   . TRP A 1 52 ? 3.77639   -1.32060  1.70495   1.000 19.41360 ? 70  TRP A N   1 
ATOM   255 C  CA  . TRP A 1 52 ? 4.90875   -0.41423  1.44350   1.000 21.79281 ? 70  TRP A CA  1 
ATOM   256 C  C   . TRP A 1 52 ? 5.81995   -0.94518  0.35491   1.000 23.06950 ? 70  TRP A C   1 
ATOM   257 O  O   . TRP A 1 52 ? 6.99168   -0.50868  0.22696   1.000 23.57377 ? 70  TRP A O   1 
ATOM   258 C  CB  . TRP A 1 52 ? 5.71927   -0.08054  2.75371   1.000 23.39072 ? 70  TRP A CB  1 
ATOM   259 C  CG  . TRP A 1 52 ? 4.75350   0.63497   3.70146   1.000 24.05771 ? 70  TRP A CG  1 
ATOM   260 C  CD1 . TRP A 1 52 ? 3.89946   0.01738   4.60204   1.000 23.24260 ? 70  TRP A CD1 1 
ATOM   261 C  CD2 . TRP A 1 52 ? 4.49059   2.03844   3.77696   1.000 20.98659 ? 70  TRP A CD2 1 
ATOM   262 N  NE1 . TRP A 1 52 ? 3.12943   0.97245   5.22717   1.000 23.00833 ? 70  TRP A NE1 1 
ATOM   263 C  CE2 . TRP A 1 52 ? 3.49267   2.22576   4.78483   1.000 20.60982 ? 70  TRP A CE2 1 
ATOM   264 C  CE3 . TRP A 1 52 ? 5.05705   3.17353   3.16310   1.000 23.42179 ? 70  TRP A CE3 1 
ATOM   265 C  CZ2 . TRP A 1 52 ? 2.95591   3.49794   5.08951   1.000 20.71883 ? 70  TRP A CZ2 1 
ATOM   266 C  CZ3 . TRP A 1 52 ? 4.54510   4.44407   3.46165   1.000 23.55753 ? 70  TRP A CZ3 1 
ATOM   267 C  CH2 . TRP A 1 52 ? 3.51529   4.61745   4.43909   1.000 22.49787 ? 70  TRP A CH2 1 
ATOM   268 N  N   . LYS A 1 53 ? 5.33217   -1.86705  -0.47429  1.000 25.29088 ? 71  LYS A N   1 
ATOM   269 C  CA  . LYS A 1 53 ? 6.12246   -2.39263  -1.59699  1.000 23.27904 ? 71  LYS A CA  1 
ATOM   270 C  C   . LYS A 1 53 ? 5.53867   -2.05473  -2.97241  1.000 28.93929 ? 71  LYS A C   1 
ATOM   271 O  O   . LYS A 1 53 ? 6.18754   -2.35609  -3.97393  1.000 29.22869 ? 71  LYS A O   1 
ATOM   272 C  CB  . LYS A 1 53 ? 6.29568   -3.92100  -1.46429  1.000 26.37785 ? 71  LYS A CB  1 
ATOM   273 C  CG  . LYS A 1 53 ? 7.18139   -4.22081  -0.21875  1.000 36.19348 ? 71  LYS A CG  1 
ATOM   274 C  CD  . LYS A 1 53 ? 7.62474   -5.65062  -0.12252  1.000 41.96690 ? 71  LYS A CD  1 
ATOM   275 C  CE  . LYS A 1 53 ? 8.60890   -5.88516  1.01821   1.000 46.08181 ? 71  LYS A CE  1 
ATOM   276 N  NZ  . LYS A 1 53 ? 9.03943   -7.35282  0.90676   1.000 46.19664 ? 71  LYS A NZ  1 
ATOM   277 N  N   . SER A 1 54 ? 4.33493   -1.47379  -3.06671  1.000 24.71739 ? 72  SER A N   1 
ATOM   278 C  CA  . SER A 1 54 ? 3.71424   -1.21925  -4.37305  1.000 25.32601 ? 72  SER A CA  1 
ATOM   279 C  C   . SER A 1 54 ? 4.52026   -0.25354  -5.22967  1.000 30.14439 ? 72  SER A C   1 
ATOM   280 O  O   . SER A 1 54 ? 5.03400   0.76269   -4.75786  1.000 29.44218 ? 72  SER A O   1 
ATOM   281 C  CB  . SER A 1 54 ? 2.31434   -0.65341  -4.19605  1.000 24.53317 ? 72  SER A CB  1 
ATOM   282 O  OG  . SER A 1 54 ? 1.71758   -0.31788  -5.46249  1.000 25.23418 ? 72  SER A OG  1 
ATOM   283 N  N   . GLU A 1 55 ? 4.57838   -0.54967  -6.52449  1.000 31.77015 ? 73  GLU A N   1 
ATOM   284 C  CA  . GLU A 1 55 ? 5.15787   0.39869   -7.45394  1.000 31.39970 ? 73  GLU A CA  1 
ATOM   285 C  C   . GLU A 1 55 ? 4.16234   1.45180   -7.90171  1.000 33.70476 ? 73  GLU A C   1 
ATOM   286 O  O   . GLU A 1 55 ? 4.54971   2.36199   -8.65064  1.000 37.98198 ? 73  GLU A O   1 
ATOM   287 C  CB  . GLU A 1 55 ? 5.65459   -0.36168  -8.69240  1.000 35.91652 ? 73  GLU A CB  1 
ATOM   288 C  CG  . GLU A 1 55 ? 6.69188   -1.44653  -8.43202  1.000 39.14021 ? 73  GLU A CG  1 
ATOM   289 C  CD  . GLU A 1 55 ? 8.08106   -0.91765  -8.11206  1.000 57.08708 ? 73  GLU A CD  1 
ATOM   290 O  OE1 . GLU A 1 55 ? 8.39848   0.20731   -8.56252  1.000 63.62475 ? 73  GLU A OE1 1 
ATOM   291 O  OE2 . GLU A 1 55 ? 8.88700   -1.66315  -7.49217  1.000 63.87086 ? 73  GLU A OE2 1 
ATOM   292 N  N   . LYS A 1 56 ? 2.90159   1.33113   -7.50743  1.000 27.13347 ? 74  LYS A N   1 
ATOM   293 C  CA  . LYS A 1 56 ? 1.85426   2.29180   -7.81813  1.000 32.79299 ? 74  LYS A CA  1 
ATOM   294 C  C   . LYS A 1 56 ? 1.34732   2.98578   -6.55986  1.000 29.32349 ? 74  LYS A C   1 
ATOM   295 O  O   . LYS A 1 56 ? 0.18872   3.37534   -6.47828  1.000 29.24773 ? 74  LYS A O   1 
ATOM   296 C  CB  . LYS A 1 56 ? 0.69397   1.60434   -8.53891  1.000 33.43834 ? 74  LYS A CB  1 
ATOM   297 C  CG  . LYS A 1 56 ? 1.10814   0.84890   -9.81170  1.000 39.29355 ? 74  LYS A CG  1 
ATOM   298 C  CD  . LYS A 1 56 ? -0.12945  0.61149   -10.68724 1.000 52.69977 ? 74  LYS A CD  1 
ATOM   299 C  CE  . LYS A 1 56 ? -0.94121  -0.65428  -10.38471 1.000 57.33730 ? 74  LYS A CE  1 
ATOM   300 N  NZ  . LYS A 1 56 ? -1.87524  -0.55108  -9.17700  1.000 44.89344 ? 74  LYS A NZ  1 
ATOM   301 N  N   . TRP A 1 57 ? 2.21078   3.14791   -5.56363  1.000 29.85929 ? 75  TRP A N   1 
ATOM   302 C  CA  . TRP A 1 57 ? 1.84181   3.82757   -4.32028  1.000 27.22517 ? 75  TRP A CA  1 
ATOM   303 C  C   . TRP A 1 57 ? 1.03026   5.09817   -4.57938  1.000 29.47997 ? 75  TRP A C   1 
ATOM   304 O  O   . TRP A 1 57 ? 1.40545   5.87775   -5.48190  1.000 31.45428 ? 75  TRP A O   1 
ATOM   305 C  CB  . TRP A 1 57 ? 3.13461   4.21288   -3.59911  1.000 26.77589 ? 75  TRP A CB  1 
ATOM   306 C  CG  . TRP A 1 57 ? 2.81454   4.76851   -2.22722  1.000 23.84935 ? 75  TRP A CG  1 
ATOM   307 C  CD1 . TRP A 1 57 ? 2.68379   6.07785   -1.86576  1.000 23.75209 ? 75  TRP A CD1 1 
ATOM   308 C  CD2 . TRP A 1 57 ? 2.55886   3.98513   -1.06798  1.000 25.31893 ? 75  TRP A CD2 1 
ATOM   309 N  NE1 . TRP A 1 57 ? 2.33217   6.15571   -0.51551  1.000 24.65721 ? 75  TRP A NE1 1 
ATOM   310 C  CE2 . TRP A 1 57 ? 2.26929   4.87728   -0.02309  1.000 24.37723 ? 75  TRP A CE2 1 
ATOM   311 C  CE3 . TRP A 1 57 ? 2.55906   2.59246   -0.80682  1.000 25.05170 ? 75  TRP A CE3 1 
ATOM   312 C  CZ2 . TRP A 1 57 ? 1.98911   4.44987   1.24925   1.000 22.02372 ? 75  TRP A CZ2 1 
ATOM   313 C  CZ3 . TRP A 1 57 ? 2.28528   2.15019   0.50464   1.000 24.60176 ? 75  TRP A CZ3 1 
ATOM   314 C  CH2 . TRP A 1 57 ? 1.98535   3.11083   1.51565   1.000 23.36023 ? 75  TRP A CH2 1 
ATOM   315 N  N   . PRO A 1 58 ? -0.07941  5.36649   -3.84920  1.000 26.89427 ? 76  PRO A N   1 
ATOM   316 C  CA  . PRO A 1 58 ? -0.50603  4.56712   -2.68663  1.000 24.08092 ? 76  PRO A CA  1 
ATOM   317 C  C   . PRO A 1 58 ? -1.43622  3.42386   -2.99455  1.000 24.59058 ? 76  PRO A C   1 
ATOM   318 O  O   . PRO A 1 58 ? -2.01267  2.86702   -2.05811  1.000 23.97744 ? 76  PRO A O   1 
ATOM   319 C  CB  . PRO A 1 58 ? -1.26322  5.58122   -1.82048  1.000 23.76848 ? 76  PRO A CB  1 
ATOM   320 C  CG  . PRO A 1 58 ? -1.93481  6.52990   -2.88217  1.000 28.61671 ? 76  PRO A CG  1 
ATOM   321 C  CD  . PRO A 1 58 ? -0.87808  6.60655   -3.99250  1.000 30.42371 ? 76  PRO A CD  1 
ATOM   322 N  N   . TYR A 1 59 ? -1.58505  3.07190   -4.27471  1.000 27.11877 ? 77  TYR A N   1 
ATOM   323 C  CA  . TYR A 1 59 ? -2.45933  1.96384   -4.62506  1.000 25.50875 ? 77  TYR A CA  1 
ATOM   324 C  C   . TYR A 1 59 ? -1.73182  0.63426   -4.57230  1.000 25.93559 ? 77  TYR A C   1 
ATOM   325 O  O   . TYR A 1 59 ? -0.53049  0.55053   -4.79129  1.000 27.22342 ? 77  TYR A O   1 
ATOM   326 C  CB  . TYR A 1 59 ? -3.00646  2.19985   -6.03961  1.000 24.72675 ? 77  TYR A CB  1 
ATOM   327 C  CG  . TYR A 1 59 ? -3.75901  3.48980   -6.10765  1.000 29.98980 ? 77  TYR A CG  1 
ATOM   328 C  CD1 . TYR A 1 59 ? -5.01762  3.60568   -5.56774  1.000 34.55443 ? 77  TYR A CD1 1 
ATOM   329 C  CD2 . TYR A 1 59 ? -3.19689  4.58708   -6.72035  1.000 35.69017 ? 77  TYR A CD2 1 
ATOM   330 C  CE1 . TYR A 1 59 ? -5.69919  4.82884   -5.62193  1.000 38.86030 ? 77  TYR A CE1 1 
ATOM   331 C  CE2 . TYR A 1 59 ? -3.86049  5.79132   -6.79586  1.000 45.73721 ? 77  TYR A CE2 1 
ATOM   332 C  CZ  . TYR A 1 59 ? -5.11257  5.91105   -6.24070  1.000 48.39640 ? 77  TYR A CZ  1 
ATOM   333 O  OH  . TYR A 1 59 ? -5.76697  7.13329   -6.32363  1.000 58.27733 ? 77  TYR A OH  1 
ATOM   334 N  N   . CYS A 1 60 ? -2.49311  -0.42561  -4.28557  1.000 24.26500 ? 78  CYS A N   1 
ATOM   335 C  CA  . CYS A 1 60 ? -2.01002  -1.78682  -4.31751  1.000 24.89598 ? 78  CYS A CA  1 
ATOM   336 C  C   . CYS A 1 60 ? -1.70895  -2.15687  -5.76862  1.000 27.89407 ? 78  CYS A C   1 
ATOM   337 O  O   . CYS A 1 60 ? -2.46223  -1.76576  -6.68852  1.000 27.64731 ? 78  CYS A O   1 
ATOM   338 C  CB  . CYS A 1 60 ? -3.09971  -2.69944  -3.72093  1.000 27.52051 ? 78  CYS A CB  1 
ATOM   339 S  SG  . CYS A 1 60 ? -2.81397  -4.46694  -3.71972  1.000 26.55779 ? 78  CYS A SG  1 
ATOM   340 N  N   . ASP A 1 61 ? -0.57260  -2.86249  -5.98511  1.000 24.19855 ? 79  ASP A N   1 
ATOM   341 C  CA  . ASP A 1 61 ? -0.28102  -3.43120  -7.31220  1.000 28.57405 ? 79  ASP A CA  1 
ATOM   342 C  C   . ASP A 1 61 ? -0.00766  -4.93046  -7.23616  1.000 31.74352 ? 79  ASP A C   1 
ATOM   343 O  O   . ASP A 1 61 ? 0.66307   -5.49609  -8.14275  1.000 31.39432 ? 79  ASP A O   1 
ATOM   344 C  CB  . ASP A 1 61 ? 0.90707   -2.73189  -8.01556  1.000 29.49737 ? 79  ASP A CB  1 
ATOM   345 C  CG  . ASP A 1 61 ? 2.24338   -3.00104  -7.34468  1.000 30.54647 ? 79  ASP A CG  1 
ATOM   346 O  OD1 . ASP A 1 61 ? 2.27850   -3.65721  -6.30555  1.000 27.40606 ? 79  ASP A OD1 1 
ATOM   347 O  OD2 . ASP A 1 61 ? 3.30673   -2.57286  -7.89359  1.000 28.79664 ? 79  ASP A OD2 1 
ATOM   348 N  N   . GLY A 1 62 ? -0.46499  -5.58881  -6.15407  1.000 28.66331 ? 80  GLY A N   1 
ATOM   349 C  CA  . GLY A 1 62 ? -0.22637  -6.99095  -5.93827  1.000 26.30986 ? 80  GLY A CA  1 
ATOM   350 C  C   . GLY A 1 62 ? 1.12800   -7.37452  -5.36476  1.000 27.89562 ? 80  GLY A C   1 
ATOM   351 O  O   . GLY A 1 62 ? 1.38641   -8.57326  -5.19138  1.000 30.29529 ? 80  GLY A O   1 
ATOM   352 N  N   . SER A 1 63 ? 2.02719   -6.42078  -5.11425  1.000 27.26669 ? 81  SER A N   1 
ATOM   353 C  CA  . SER A 1 63 ? 3.36146   -6.76215  -4.60239  1.000 26.79881 ? 81  SER A CA  1 
ATOM   354 C  C   . SER A 1 63 ? 3.29230   -7.42865  -3.21547  1.000 26.57185 ? 81  SER A C   1 
ATOM   355 O  O   . SER A 1 63 ? 4.23814   -8.12406  -2.82324  1.000 27.36787 ? 81  SER A O   1 
ATOM   356 C  CB  . SER A 1 63 ? 4.21645   -5.46283  -4.51816  1.000 29.33734 ? 81  SER A CB  1 
ATOM   357 O  OG  . SER A 1 63 ? 4.50070   -4.91985  -5.81678  1.000 31.39239 ? 81  SER A OG  1 
ATOM   358 N  N   . HIS A 1 64 ? 2.15488   -7.29322  -2.51396  1.000 23.64848 ? 82  HIS A N   1 
ATOM   359 C  CA  . HIS A 1 64 ? 1.99642   -7.92042  -1.20777  1.000 25.42014 ? 82  HIS A CA  1 
ATOM   360 C  C   . HIS A 1 64 ? 2.13682   -9.43270  -1.28941  1.000 29.51909 ? 82  HIS A C   1 
ATOM   361 O  O   . HIS A 1 64 ? 2.59254   -10.07048 -0.33485  1.000 29.28502 ? 82  HIS A O   1 
ATOM   362 C  CB  . HIS A 1 64 ? 0.63065   -7.54256  -0.58555  1.000 24.32101 ? 82  HIS A CB  1 
ATOM   363 C  CG  . HIS A 1 64 ? -0.54875  -7.89307  -1.44369  1.000 26.80064 ? 82  HIS A CG  1 
ATOM   364 N  ND1 . HIS A 1 64 ? -1.15981  -6.97469  -2.26739  1.000 24.64243 ? 82  HIS A ND1 1 
ATOM   365 C  CD2 . HIS A 1 64 ? -1.16380  -9.08265  -1.68860  1.000 31.89845 ? 82  HIS A CD2 1 
ATOM   366 C  CE1 . HIS A 1 64 ? -2.15208  -7.56034  -2.92374  1.000 26.28881 ? 82  HIS A CE1 1 
ATOM   367 N  NE2 . HIS A 1 64 ? -2.15561  -8.84450  -2.60731  1.000 31.07470 ? 82  HIS A NE2 1 
ATOM   368 N  N   . GLY A 1 65 ? 1.83007   -10.02584 -2.45139  1.000 30.87396 ? 83  GLY A N   1 
ATOM   369 C  CA  . GLY A 1 65 ? 1.78474   -11.47527 -2.50464  1.000 32.72655 ? 83  GLY A CA  1 
ATOM   370 C  C   . GLY A 1 65 ? 3.16653   -12.08893 -2.38664  1.000 33.82829 ? 83  GLY A C   1 
ATOM   371 O  O   . GLY A 1 65 ? 3.39122   -12.99114 -1.56847  1.000 32.47339 ? 83  GLY A O   1 
ATOM   372 N  N   . LYS A 1 66 ? 4.12306   -11.56837 -3.17538  1.000 34.69313 ? 84  LYS A N   1 
ATOM   373 C  CA  . LYS A 1 66 ? 5.51948   -11.99580 -3.07264  1.000 33.02820 ? 84  LYS A CA  1 
ATOM   374 C  C   . LYS A 1 66 ? 6.09415   -11.73805 -1.68606  1.000 38.98771 ? 84  LYS A C   1 
ATOM   375 O  O   . LYS A 1 66 ? 6.85194   -12.56997 -1.15651  1.000 40.67966 ? 84  LYS A O   1 
ATOM   376 C  CB  . LYS A 1 66 ? 6.35515   -11.28345 -4.13310  1.000 39.57779 ? 84  LYS A CB  1 
ATOM   377 N  N   . HIS A 1 67 ? 5.80494   -10.56757 -1.10700  1.000 35.84991 ? 85  HIS A N   1 
ATOM   378 C  CA  . HIS A 1 67 ? 6.22519   -10.27853 0.26548   1.000 30.90521 ? 85  HIS A CA  1 
ATOM   379 C  C   . HIS A 1 67 ? 5.72136   -11.33175 1.25022   1.000 35.80858 ? 85  HIS A C   1 
ATOM   380 O  O   . HIS A 1 67 ? 6.48704   -11.86883 2.06512   1.000 34.50864 ? 85  HIS A O   1 
ATOM   381 C  CB  . HIS A 1 67 ? 5.72158   -8.90702  0.66343   1.000 33.10518 ? 85  HIS A CB  1 
ATOM   382 C  CG  . HIS A 1 67 ? 5.86890   -8.63773  2.11953   1.000 33.93496 ? 85  HIS A CG  1 
ATOM   383 N  ND1 . HIS A 1 67 ? 7.08540   -8.39672  2.70985   1.000 35.88043 ? 85  HIS A ND1 1 
ATOM   384 C  CD2 . HIS A 1 67 ? 4.95052   -8.62699  3.11332   1.000 31.24986 ? 85  HIS A CD2 1 
ATOM   385 C  CE1 . HIS A 1 67 ? 6.90913   -8.23279  4.01130   1.000 37.64665 ? 85  HIS A CE1 1 
ATOM   386 N  NE2 . HIS A 1 67 ? 5.61983   -8.34787  4.27966   1.000 32.91934 ? 85  HIS A NE2 1 
ATOM   387 N  N   . ASN A 1 68 ? 4.43275   -11.64765 1.19732   1.000 31.26793 ? 86  ASN A N   1 
ATOM   388 C  CA  . ASN A 1 68 ? 3.90298   -12.61091 2.16749   1.000 29.14237 ? 86  ASN A CA  1 
ATOM   389 C  C   . ASN A 1 68 ? 4.49987   -14.00335 1.95209   1.000 29.53244 ? 86  ASN A C   1 
ATOM   390 O  O   . ASN A 1 68 ? 4.78857   -14.72026 2.92325   1.000 35.42576 ? 86  ASN A O   1 
ATOM   391 C  CB  . ASN A 1 68 ? 2.38216   -12.67215 2.07783   1.000 31.18366 ? 86  ASN A CB  1 
ATOM   392 C  CG  . ASN A 1 68 ? 1.72669   -11.40950 2.56030   1.000 27.40473 ? 86  ASN A CG  1 
ATOM   393 O  OD1 . ASN A 1 68 ? 2.29103   -10.68686 3.39919   1.000 25.80282 ? 86  ASN A OD1 1 
ATOM   394 N  ND2 . ASN A 1 68 ? 0.48253   -11.19225 2.14140   1.000 26.42059 ? 86  ASN A ND2 1 
ATOM   395 N  N   . LYS A 1 69 ? 4.66762   -14.42161 0.68600   1.000 30.76285 ? 87  LYS A N   1 
ATOM   396 C  CA  . LYS A 1 69 ? 5.25469   -15.72877 0.40060   1.000 35.39231 ? 87  LYS A CA  1 
ATOM   397 C  C   . LYS A 1 69 ? 6.66173   -15.81876 0.96544   1.000 41.36411 ? 87  LYS A C   1 
ATOM   398 O  O   . LYS A 1 69 ? 7.01804   -16.81451 1.60711   1.000 41.73823 ? 87  LYS A O   1 
ATOM   399 C  CB  . LYS A 1 69 ? 5.26080   -15.97939 -1.11352  1.000 34.45460 ? 87  LYS A CB  1 
ATOM   400 N  N   . GLU A 1 70 ? 7.47037   -14.77422 0.76420   1.000 36.02511 ? 88  GLU A N   1 
ATOM   401 C  CA  . GLU A 1 70 ? 8.86988   -14.81741 1.18938   1.000 41.42656 ? 88  GLU A CA  1 
ATOM   402 C  C   . GLU A 1 70 ? 8.99035   -14.83245 2.71225   1.000 41.10489 ? 88  GLU A C   1 
ATOM   403 O  O   . GLU A 1 70 ? 9.78373   -15.59604 3.27044   1.000 46.52657 ? 88  GLU A O   1 
ATOM   404 C  CB  . GLU A 1 70 ? 9.63581   -13.61222 0.60679   1.000 42.46775 ? 88  GLU A CB  1 
ATOM   405 N  N   . THR A 1 71 ? 8.19285   -14.01716 3.40322   1.000 38.69393 ? 89  THR A N   1 
ATOM   406 C  CA  . THR A 1 71 ? 8.39995   -13.72853 4.81730   1.000 39.08582 ? 89  THR A CA  1 
ATOM   407 C  C   . THR A 1 71 ? 7.45934   -14.47347 5.74397   1.000 42.63101 ? 89  THR A C   1 
ATOM   408 O  O   . THR A 1 71 ? 7.69014   -14.47949 6.96445   1.000 41.34446 ? 89  THR A O   1 
ATOM   409 C  CB  . THR A 1 71 ? 8.22960   -12.24722 5.07745   1.000 40.69730 ? 89  THR A CB  1 
ATOM   410 O  OG1 . THR A 1 71 ? 6.88795   -11.88493 4.72952   1.000 35.11461 ? 89  THR A OG1 1 
ATOM   411 C  CG2 . THR A 1 71 ? 9.20618   -11.41391 4.21213   1.000 39.79916 ? 89  THR A CG2 1 
ATOM   412 N  N   . GLY A 1 72 ? 6.42373   -15.10680 5.21734   1.000 36.66628 ? 90  GLY A N   1 
ATOM   413 C  CA  . GLY A 1 72 ? 5.38986   -15.64233 6.09152   1.000 37.15432 ? 90  GLY A CA  1 
ATOM   414 C  C   . GLY A 1 72 ? 4.40118   -14.62318 6.58947   1.000 36.63808 ? 90  GLY A C   1 
ATOM   415 O  O   . GLY A 1 72 ? 3.55969   -14.96065 7.44630   1.000 36.33401 ? 90  GLY A O   1 
ATOM   416 N  N   . ASP A 1 73 ? 4.48882   -13.38320 6.12069   1.000 32.46274 ? 91  ASP A N   1 
ATOM   417 C  CA  . ASP A 1 73 ? 3.63082   -12.29848 6.59458   1.000 29.86471 ? 91  ASP A CA  1 
ATOM   418 C  C   . ASP A 1 73 ? 2.20869   -12.52917 6.04019   1.000 28.08468 ? 91  ASP A C   1 
ATOM   419 O  O   . ASP A 1 73 ? 1.97062   -13.44807 5.24909   1.000 29.87428 ? 91  ASP A O   1 
ATOM   420 C  CB  . ASP A 1 73 ? 4.23528   -10.95596 6.10670   1.000 33.61951 ? 91  ASP A CB  1 
ATOM   421 C  CG  . ASP A 1 73 ? 3.88331   -9.74755  6.97648   1.000 33.15883 ? 91  ASP A CG  1 
ATOM   422 O  OD1 . ASP A 1 73 ? 3.15807   -9.93572  7.98123   1.000 30.65940 ? 91  ASP A OD1 1 
ATOM   423 O  OD2 . ASP A 1 73 ? 4.38714   -8.59474  6.71194   1.000 32.80265 ? 91  ASP A OD2 1 
ATOM   424 N  N   . ASN A 1 74 ? 1.26094   -11.68701 6.47350   1.000 28.30817 ? 92  ASN A N   1 
ATOM   425 C  CA  . ASN A 1 74 ? -0.12926  -11.82621 6.05976   1.000 26.64444 ? 92  ASN A CA  1 
ATOM   426 C  C   . ASN A 1 74 ? -0.74602  -10.47749 5.71276   1.000 25.46569 ? 92  ASN A C   1 
ATOM   427 O  O   . ASN A 1 74 ? -1.96466  -10.29690 5.85242   1.000 25.90125 ? 92  ASN A O   1 
ATOM   428 C  CB  . ASN A 1 74 ? -0.98463  -12.52173 7.13566   1.000 28.42713 ? 92  ASN A CB  1 
ATOM   429 C  CG  . ASN A 1 74 ? -0.94969  -11.79230 8.47197   1.000 28.12891 ? 92  ASN A CG  1 
ATOM   430 O  OD1 . ASN A 1 74 ? -0.29353  -10.75511 8.62674   1.000 29.13474 ? 92  ASN A OD1 1 
ATOM   431 N  ND2 . ASN A 1 74 ? -1.75757  -12.25590 9.40175   1.000 25.83250 ? 92  ASN A ND2 1 
ATOM   432 N  N   . VAL A 1 75 ? 0.05967   -9.53520  5.21687   1.000 23.50340 ? 93  VAL A N   1 
ATOM   433 C  CA  . VAL A 1 75 ? -0.48528  -8.20409  5.00382   1.000 20.06868 ? 93  VAL A CA  1 
ATOM   434 C  C   . VAL A 1 75 ? -1.19828  -8.14387  3.64959   1.000 22.19655 ? 93  VAL A C   1 
ATOM   435 O  O   . VAL A 1 75 ? -0.86311  -8.85280  2.70023   1.000 24.48797 ? 93  VAL A O   1 
ATOM   436 C  CB  . VAL A 1 75 ? 0.59711   -7.10403  5.11377   1.000 22.33213 ? 93  VAL A CB  1 
ATOM   437 C  CG1 . VAL A 1 75 ? 1.08484   -6.99510  6.57187   1.000 23.35529 ? 93  VAL A CG1 1 
ATOM   438 C  CG2 . VAL A 1 75 ? 1.75569   -7.42555  4.20922   1.000 24.10560 ? 93  VAL A CG2 1 
ATOM   439 N  N   . GLY A 1 76 ? -2.09397  -7.18001  3.54133   1.000 21.61045 ? 94  GLY A N   1 
ATOM   440 C  CA  . GLY A 1 76 ? -2.90168  -7.02131  2.36323   1.000 23.47548 ? 94  GLY A CA  1 
ATOM   441 C  C   . GLY A 1 76 ? -3.52408  -5.64627  2.32920   1.000 21.01152 ? 94  GLY A C   1 
ATOM   442 O  O   . GLY A 1 76 ? -3.41124  -4.84840  3.25451   1.000 21.63102 ? 94  GLY A O   1 
ATOM   443 N  N   . PRO A 1 77 ? -4.17739  -5.33714  1.22496   1.000 19.72875 ? 95  PRO A N   1 
ATOM   444 C  CA  . PRO A 1 77 ? -4.65272  -3.96069  0.98271   1.000 20.53335 ? 95  PRO A CA  1 
ATOM   445 C  C   . PRO A 1 77 ? -5.97050  -3.62688  1.70055   1.000 21.80830 ? 95  PRO A C   1 
ATOM   446 O  O   . PRO A 1 77 ? -6.70412  -4.49649  2.17463   1.000 23.63100 ? 95  PRO A O   1 
ATOM   447 C  CB  . PRO A 1 77 ? -4.88527  -3.95458  -0.54625  1.000 19.41512 ? 95  PRO A CB  1 
ATOM   448 C  CG  . PRO A 1 77 ? -5.15353  -5.36203  -0.89380  1.000 23.84432 ? 95  PRO A CG  1 
ATOM   449 C  CD  . PRO A 1 77 ? -4.28693  -6.19855  0.03460   1.000 24.54743 ? 95  PRO A CD  1 
ATOM   450 N  N   . LEU A 1 78 ? -6.25489  -2.32153  1.75871   1.000 20.39231 ? 96  LEU A N   1 
ATOM   451 C  CA  . LEU A 1 78 ? -7.56796  -1.79913  2.13337   1.000 21.30143 ? 96  LEU A CA  1 
ATOM   452 C  C   . LEU A 1 78 ? -8.37120  -1.57385  0.87674   1.000 24.67125 ? 96  LEU A C   1 
ATOM   453 O  O   . LEU A 1 78 ? -7.90569  -0.83979  0.00065   1.000 24.60278 ? 96  LEU A O   1 
ATOM   454 C  CB  . LEU A 1 78 ? -7.39999  -0.43655  2.81150   1.000 20.98647 ? 96  LEU A CB  1 
ATOM   455 C  CG  . LEU A 1 78 ? -8.69533  0.30164   3.13980   1.000 22.46747 ? 96  LEU A CG  1 
ATOM   456 C  CD1 . LEU A 1 78 ? -9.49307  -0.46862  4.24667   1.000 27.72562 ? 96  LEU A CD1 1 
ATOM   457 C  CD2 . LEU A 1 78 ? -8.37798  1.70692   3.54840   1.000 24.68638 ? 96  LEU A CD2 1 
ATOM   458 N  N   . ILE A 1 79 ? -9.58354  -2.16063  0.78651   1.000 23.28620 ? 97  ILE A N   1 
ATOM   459 C  CA  . ILE A 1 79 ? -10.44218 -1.96290  -0.38732  1.000 26.52874 ? 97  ILE A CA  1 
ATOM   460 C  C   . ILE A 1 79 ? -11.46377 -0.90715  0.00330   1.000 30.36068 ? 97  ILE A C   1 
ATOM   461 O  O   . ILE A 1 79 ? -12.15907 -1.07923  1.00468   1.000 30.43319 ? 97  ILE A O   1 
ATOM   462 C  CB  . ILE A 1 79 ? -11.18234 -3.25523  -0.77908  1.000 28.64569 ? 97  ILE A CB  1 
ATOM   463 C  CG1 . ILE A 1 79 ? -10.25621 -4.44234  -0.93788  1.000 34.27442 ? 97  ILE A CG1 1 
ATOM   464 C  CG2 . ILE A 1 79 ? -12.07781 -2.99562  -1.99369  1.000 31.03839 ? 97  ILE A CG2 1 
ATOM   465 C  CD1 . ILE A 1 79 ? -9.11904  -4.20000  -1.89167  1.000 34.20450 ? 97  ILE A CD1 1 
ATOM   466 N  N   . VAL A 1 80 ? -11.56036 0.18947   -0.74226  1.000 23.35652 ? 98  VAL A N   1 
ATOM   467 C  CA  . VAL A 1 80 ? -12.57708 1.20023   -0.45105  1.000 26.93305 ? 98  VAL A CA  1 
ATOM   468 C  C   . VAL A 1 80 ? -13.58427 1.08275   -1.59243  1.000 32.84679 ? 98  VAL A C   1 
ATOM   469 O  O   . VAL A 1 80 ? -13.20380 1.20838   -2.76320  1.000 33.26474 ? 98  VAL A O   1 
ATOM   470 C  CB  . VAL A 1 80 ? -11.96624 2.60929   -0.32736  1.000 25.75774 ? 98  VAL A CB  1 
ATOM   471 C  CG1 . VAL A 1 80 ? -13.10832 3.64697   -0.11222  1.000 32.85453 ? 98  VAL A CG1 1 
ATOM   472 C  CG2 . VAL A 1 80 ? -10.88759 2.68586   0.83320   1.000 28.63859 ? 98  VAL A CG2 1 
ATOM   473 N  N   . LYS A 1 81 ? -14.86061 0.80632   -1.27536  1.000 31.49041 ? 99  LYS A N   1 
ATOM   474 C  CA  . LYS A 1 81 ? -15.85396 0.53878   -2.30962  1.000 37.53039 ? 99  LYS A CA  1 
ATOM   475 C  C   . LYS A 1 81 ? -16.99806 1.55010   -2.26389  1.000 42.16715 ? 99  LYS A C   1 
ATOM   476 O  O   . LYS A 1 81 ? -17.13979 2.31886   -1.31051  1.000 40.91911 ? 99  LYS A O   1 
ATOM   477 C  CB  . LYS A 1 81 ? -16.40805 -0.88600  -2.18658  1.000 40.49039 ? 99  LYS A CB  1 
ATOM   478 C  CG  . LYS A 1 81 ? -17.23526 -1.15251  -0.97181  1.000 42.95003 ? 99  LYS A CG  1 
ATOM   479 C  CD  . LYS A 1 81 ? -17.69989 -2.59736  -0.95862  1.000 41.08657 ? 99  LYS A CD  1 
ATOM   480 C  CE  . LYS A 1 81 ? -18.55627 -2.90902  0.25273   1.000 50.66269 ? 99  LYS A CE  1 
ATOM   481 N  NZ  . LYS A 1 81 ? -19.86227 -2.19589  0.18849   1.000 48.67452 ? 99  LYS A NZ  1 
ATOM   482 N  N   . SER A 1 82 ? -17.83019 1.53142   -3.31619  1.000 50.90375 ? 100 SER A N   1 
ATOM   483 C  CA  . SER A 1 82 ? -19.02688 2.40511   -3.42325  1.000 52.88367 ? 100 SER A CA  1 
ATOM   484 C  C   . SER A 1 82 ? -20.32096 1.62242   -3.68034  1.000 56.20164 ? 100 SER A C   1 
ATOM   485 O  O   . SER A 1 82 ? -20.33789 0.39590   -3.62567  1.000 55.58975 ? 100 SER A O   1 
ATOM   486 C  CB  . SER A 1 82 ? -18.86763 3.44342   -4.54556  1.000 54.81279 ? 100 SER A CB  1 
ATOM   487 O  OG  . SER A 1 82 ? -17.84149 4.37977   -4.26039  1.000 64.49502 ? 100 SER A OG  1 
HETATM 488 FE FE1 . FES B 2 .  ? 0.93886   -3.46833  -0.94637  1.000 22.36726 ? 401 FES A FE1 1 
HETATM 489 FE FE2 . FES B 2 .  ? -0.95295  -4.85493  -2.18004  1.000 24.15622 ? 401 FES A FE2 1 
HETATM 490 S  S1  . FES B 2 .  ? -0.93815  -4.19508  -0.04677  1.000 21.38926 ? 401 FES A S1  1 
HETATM 491 S  S2  . FES B 2 .  ? 0.91673   -4.01355  -3.07563  1.000 22.34709 ? 401 FES A S2  1 
HETATM 492 O  O   . HOH C 3 .  ? 12.99793  9.37745   5.98546   1.000 32.46280 ? 501 HOH A O   1 
HETATM 493 O  O   . HOH C 3 .  ? 10.57954  10.89846  -2.80170  1.000 44.29503 ? 502 HOH A O   1 
HETATM 494 O  O   . HOH C 3 .  ? 1.52114   -14.77536 -0.92955  1.000 38.49793 ? 503 HOH A O   1 
HETATM 495 O  O   . HOH C 3 .  ? 3.49468   -10.18071 -5.68400  1.000 34.85966 ? 504 HOH A O   1 
HETATM 496 O  O   . HOH C 3 .  ? 9.09286   -1.45209  1.65208   1.000 28.62401 ? 505 HOH A O   1 
HETATM 497 O  O   . HOH C 3 .  ? 5.77133   3.27362   -5.53871  1.000 34.91063 ? 506 HOH A O   1 
HETATM 498 O  O   . HOH C 3 .  ? 3.13607   -2.09085  -10.59220 1.000 42.46704 ? 507 HOH A O   1 
HETATM 499 O  O   . HOH C 3 .  ? -2.09656  3.25026   0.79042   1.000 22.44746 ? 508 HOH A O   1 
HETATM 500 O  O   . HOH C 3 .  ? 5.79453   14.57686  5.95804   1.000 38.36668 ? 509 HOH A O   1 
HETATM 501 O  O   . HOH C 3 .  ? -1.65844  13.88808  2.63906   1.000 39.90441 ? 510 HOH A O   1 
HETATM 502 O  O   . HOH C 3 .  ? 7.03941   -7.84605  -3.08186  1.000 36.29896 ? 511 HOH A O   1 
HETATM 503 O  O   . HOH C 3 .  ? 1.33084   -14.29700 9.05484   1.000 34.59460 ? 512 HOH A O   1 
HETATM 504 O  O   . HOH C 3 .  ? 12.24226  6.20633   -1.75795  1.000 32.30651 ? 513 HOH A O   1 
HETATM 505 O  O   . HOH C 3 .  ? 7.77096   -3.43971  3.19915   1.000 36.50585 ? 514 HOH A O   1 
HETATM 506 O  O   . HOH C 3 .  ? -2.04922  12.96001  -0.41927  1.000 37.39614 ? 515 HOH A O   1 
HETATM 507 O  O   . HOH C 3 .  ? 8.67670   6.68979   -3.63280  1.000 37.58502 ? 516 HOH A O   1 
HETATM 508 O  O   . HOH C 3 .  ? 5.51748   10.05870  12.95179  1.000 42.90366 ? 517 HOH A O   1 
HETATM 509 O  O   . HOH C 3 .  ? 3.34696   12.73298  3.07846   1.000 37.63610 ? 518 HOH A O   1 
HETATM 510 O  O   . HOH C 3 .  ? 9.06391   15.35934  5.01339   1.000 42.96870 ? 519 HOH A O   1 
# 
loop_
_atom_site_anisotrop.id 
_atom_site_anisotrop.type_symbol 
_atom_site_anisotrop.pdbx_label_atom_id 
_atom_site_anisotrop.pdbx_label_alt_id 
_atom_site_anisotrop.pdbx_label_comp_id 
_atom_site_anisotrop.pdbx_label_asym_id 
_atom_site_anisotrop.pdbx_label_seq_id 
_atom_site_anisotrop.pdbx_PDB_ins_code 
_atom_site_anisotrop.U[1][1] 
_atom_site_anisotrop.U[2][2] 
_atom_site_anisotrop.U[3][3] 
_atom_site_anisotrop.U[1][2] 
_atom_site_anisotrop.U[1][3] 
_atom_site_anisotrop.U[2][3] 
_atom_site_anisotrop.pdbx_auth_seq_id 
_atom_site_anisotrop.pdbx_auth_comp_id 
_atom_site_anisotrop.pdbx_auth_asym_id 
_atom_site_anisotrop.pdbx_auth_atom_id 
1   N N   . ALA A 20 ? 0.69009 0.83603 0.80573 0.08042  -0.04486 -0.06927 38  ALA A N   
2   C CA  . ALA A 20 ? 0.57006 0.70171 0.67878 0.07936  -0.03637 -0.06526 38  ALA A CA  
3   C C   . ALA A 20 ? 0.52909 0.64976 0.63403 0.06342  -0.02718 -0.06017 38  ALA A C   
4   O O   . ALA A 20 ? 0.61103 0.70883 0.69962 0.06030  -0.02643 -0.05333 38  ALA A O   
5   C CB  . ALA A 20 ? 0.73840 0.84339 0.82505 0.09075  -0.04038 -0.05951 38  ALA A CB  
6   N N   . ARG A 21 ? 0.54644 0.68380 0.66659 0.05363  -0.02021 -0.06383 39  ARG A N   
7   C CA  . ARG A 21 ? 0.50833 0.63475 0.62407 0.04022  -0.01236 -0.05889 39  ARG A CA  
8   C C   . ARG A 21 ? 0.45932 0.56739 0.56124 0.04224  -0.00784 -0.05400 39  ARG A C   
9   O O   . ARG A 21 ? 0.47086 0.57901 0.57070 0.05210  -0.00806 -0.05619 39  ARG A O   
10  C CB  . ARG A 21 ? 0.46405 0.61041 0.59638 0.02926  -0.00555 -0.06366 39  ARG A CB  
11  C CG  . ARG A 21 ? 0.45392 0.61620 0.59567 0.03185  0.00081  -0.06901 39  ARG A CG  
12  C CD  . ARG A 21 ? 0.41144 0.59368 0.56921 0.01859  0.00805  -0.07393 39  ARG A CD  
13  N NE  . ARG A 21 ? 0.39244 0.55637 0.53871 0.00560  0.01416  -0.06663 39  ARG A NE  
14  C CZ  . ARG A 21 ? 0.36875 0.53497 0.52026 -0.00759 0.01732  -0.06657 39  ARG A CZ  
15  N NH1 . ARG A 21 ? 0.35003 0.53617 0.51829 -0.01089 0.01493  -0.07376 39  ARG A NH1 
16  N NH2 . ARG A 21 ? 0.33475 0.48082 0.47336 -0.01711 0.02158  -0.05908 39  ARG A NH2 
17  N N   A CYS A 22 ? 0.34543 0.43767 0.43820 0.03307  -0.00425 -0.04796 40  CYS A N   
18  N N   B CYS A 22 ? 0.34566 0.43776 0.43829 0.03324  -0.00431 -0.04795 40  CYS A N   
19  C CA  A CYS A 22 ? 0.39390 0.46835 0.47314 0.03271  -0.00086 -0.04336 40  CYS A CA  
20  C CA  B CYS A 22 ? 0.39289 0.46897 0.47298 0.03327  -0.00051 -0.04397 40  CYS A CA  
21  C C   A CYS A 22 ? 0.40593 0.48449 0.48674 0.02498  0.00678  -0.04347 40  CYS A C   
22  C C   B CYS A 22 ? 0.40503 0.48816 0.48864 0.02580  0.00727  -0.04501 40  CYS A C   
23  O O   A CYS A 22 ? 0.34635 0.41791 0.41897 0.02751  0.00989  -0.04325 40  CYS A O   
24  O O   B CYS A 22 ? 0.35209 0.43504 0.43200 0.02952  0.01104  -0.04698 40  CYS A O   
25  C CB  A CYS A 22 ? 0.43233 0.48788 0.50076 0.02825  -0.00283 -0.03720 40  CYS A CB  
26  C CB  B CYS A 22 ? 0.43092 0.48708 0.49925 0.02857  -0.00197 -0.03750 40  CYS A CB  
27  S SG  A CYS A 22 ? 0.60083 0.63773 0.65447 0.03663  -0.00790 -0.03445 40  CYS A SG  
28  S SG  B CYS A 22 ? 0.58525 0.62294 0.63920 0.02686  0.00128  -0.03335 40  CYS A SG  
29  N N   . ASN A 23 ? 0.34183 0.42973 0.43098 0.01507  0.01009  -0.04388 41  ASN A N   
30  C CA  . ASN A 23 ? 0.31115 0.39907 0.39773 0.00578  0.01758  -0.04244 41  ASN A CA  
31  C C   . ASN A 23 ? 0.32731 0.43778 0.42698 0.00405  0.02385  -0.04958 41  ASN A C   
32  O O   . ASN A 23 ? 0.33568 0.46161 0.44933 -0.00086 0.02431  -0.05346 41  ASN A O   
33  C CB  . ASN A 23 ? 0.27648 0.35649 0.36173 -0.00500 0.01776  -0.03769 41  ASN A CB  
34  C CG  . ASN A 23 ? 0.29028 0.36570 0.36841 -0.01469 0.02473  -0.03461 41  ASN A CG  
35  O OD1 . ASN A 23 ? 0.28755 0.36111 0.35722 -0.01343 0.02892  -0.03467 41  ASN A OD1 
36  N ND2 . ASN A 23 ? 0.26522 0.33950 0.34626 -0.02488 0.02687  -0.03284 41  ASN A ND2 
37  N N   . TYR A 24 ? 0.29084 0.40391 0.38647 0.00673  0.02950  -0.05211 42  TYR A N   
38  C CA  . TYR A 24 ? 0.25520 0.39094 0.36341 0.00380  0.03772  -0.05966 42  TYR A CA  
39  C C   . TYR A 24 ? 0.34370 0.47422 0.44149 -0.00845 0.04760  -0.05685 42  TYR A C   
40  O O   . TYR A 24 ? 0.35884 0.50626 0.46364 -0.01188 0.05666  -0.06310 42  TYR A O   
41  C CB  . TYR A 24 ? 0.29113 0.43711 0.40442 0.01760  0.03756  -0.06694 42  TYR A CB  
42  C CG  . TYR A 24 ? 0.33024 0.48713 0.45638 0.02959  0.02848  -0.07132 42  TYR A CG  
43  C CD1 . TYR A 24 ? 0.41622 0.60209 0.56468 0.03080  0.02890  -0.08014 42  TYR A CD1 
44  C CD2 . TYR A 24 ? 0.37928 0.51761 0.49460 0.03881  0.01927  -0.06668 42  TYR A CD2 
45  C CE1 . TYR A 24 ? 0.45656 0.65268 0.61555 0.04275  0.01869  -0.08417 42  TYR A CE1 
46  C CE2 . TYR A 24 ? 0.44702 0.59271 0.57010 0.04995  0.01040  -0.06984 42  TYR A CE2 
47  C CZ  . TYR A 24 ? 0.47758 0.65206 0.62209 0.05247  0.00933  -0.07841 42  TYR A CZ  
48  O OH  . TYR A 24 ? 0.52319 0.70484 0.67388 0.06431  -0.00118 -0.08145 42  TYR A OH  
49  N N   . LYS A 25 ? 0.28035 0.38821 0.36106 -0.01459 0.04600  -0.04796 43  LYS A N   
50  C CA  . LYS A 25 ? 0.31526 0.41441 0.38071 -0.02416 0.05398  -0.04449 43  LYS A CA  
51  C C   . LYS A 25 ? 0.34244 0.42614 0.39812 -0.03615 0.05396  -0.03618 43  LYS A C   
52  O O   . LYS A 25 ? 0.33880 0.42258 0.38810 -0.04738 0.06270  -0.03501 43  LYS A O   
53  C CB  . LYS A 25 ? 0.31553 0.39812 0.36324 -0.01765 0.05148  -0.04185 43  LYS A CB  
54  C CG  . LYS A 25 ? 0.37521 0.44765 0.40357 -0.02607 0.05839  -0.03857 43  LYS A CG  
55  C CD  . LYS A 25 ? 0.40029 0.45838 0.41329 -0.01927 0.05455  -0.03766 43  LYS A CD  
56  C CE  . LYS A 25 ? 0.48674 0.53525 0.47875 -0.02691 0.06053  -0.03515 43  LYS A CE  
57  N NZ  . LYS A 25 ? 0.53030 0.59743 0.52810 -0.02839 0.07266  -0.04375 43  LYS A NZ  
58  N N   . ILE A 26 ? 0.27471 0.34377 0.32770 -0.03401 0.04485  -0.03045 44  ILE A N   
59  C CA  . ILE A 26 ? 0.32201 0.37132 0.36237 -0.04215 0.04299  -0.02191 44  ILE A CA  
60  C C   . ILE A 26 ? 0.31500 0.36893 0.36604 -0.05108 0.04524  -0.02253 44  ILE A C   
61  O O   . ILE A 26 ? 0.29668 0.35998 0.36306 -0.04754 0.04078  -0.02650 44  ILE A O   
62  C CB  . ILE A 26 ? 0.29001 0.32336 0.32486 -0.03520 0.03256  -0.01695 44  ILE A CB  
63  C CG1 . ILE A 26 ? 0.31177 0.34196 0.33863 -0.02678 0.03008  -0.01798 44  ILE A CG1 
64  C CG2 . ILE A 26 ? 0.31945 0.33313 0.34096 -0.04152 0.03019  -0.00880 44  ILE A CG2 
65  C CD1 . ILE A 26 ? 0.36586 0.38916 0.37485 -0.03085 0.03510  -0.01603 44  ILE A CD1 
66  N N   . GLN A 27 ? 0.31822 0.36462 0.35964 -0.06340 0.05245  -0.01889 45  GLN A N   
67  C CA  . GLN A 27 ? 0.35092 0.39388 0.39749 -0.07445 0.05487  -0.01786 45  GLN A CA  
68  C C   . GLN A 27 ? 0.29508 0.36120 0.36643 -0.07314 0.05407  -0.02707 45  GLN A C   
69  O O   . GLN A 27 ? 0.31350 0.37548 0.39192 -0.07125 0.04718  -0.02715 45  GLN A O   
70  C CB  . GLN A 27 ? 0.35735 0.37476 0.39377 -0.07397 0.04657  -0.00965 45  GLN A CB  
71  C CG  . GLN A 27 ? 0.38774 0.38367 0.40056 -0.07202 0.04383  -0.00093 45  GLN A CG  
72  C CD  . GLN A 27 ? 0.52570 0.49858 0.53073 -0.06859 0.03399  0.00630  45  GLN A CD  
73  O OE1 . GLN A 27 ? 0.55835 0.52645 0.57173 -0.07043 0.03139  0.00596  45  GLN A OE1 
74  N NE2 . GLN A 27 ? 0.48433 0.44667 0.47687 -0.06142 0.02747  0.01084  45  GLN A NE2 
75  N N   . LEU A 28 ? 0.28400 0.37588 0.36872 -0.07292 0.06061  -0.03570 46  LEU A N   
76  C CA  . LEU A 28 ? 0.26473 0.38065 0.37322 -0.06960 0.05777  -0.04503 46  LEU A CA  
77  C C   . LEU A 28 ? 0.32317 0.44195 0.44112 -0.08296 0.06062  -0.04737 46  LEU A C   
78  O O   . LEU A 28 ? 0.34036 0.47542 0.47617 -0.08035 0.05560  -0.05445 46  LEU A O   
79  C CB  . LEU A 28 ? 0.25086 0.39557 0.37371 -0.06515 0.06347  -0.05473 46  LEU A CB  
80  C CG  . LEU A 28 ? 0.25474 0.39629 0.37063 -0.04953 0.05854  -0.05409 46  LEU A CG  
81  C CD1 . LEU A 28 ? 0.25936 0.42631 0.38800 -0.04390 0.06429  -0.06374 46  LEU A CD1 
82  C CD2 . LEU A 28 ? 0.27793 0.41462 0.39732 -0.03715 0.04572  -0.05329 46  LEU A CD2 
83  N N   . ASP A 29 ? 0.38752 0.48911 0.49223 -0.09732 0.06809  -0.04158 47  ASP A N   
84  C CA  . ASP A 29 ? 0.42137 0.51759 0.53098 -0.11095 0.07040  -0.04245 47  ASP A CA  
85  C C   . ASP A 29 ? 0.42878 0.50419 0.53425 -0.10650 0.05975  -0.03802 47  ASP A C   
86  O O   . ASP A 29 ? 0.44241 0.51826 0.55721 -0.11422 0.05902  -0.04195 47  ASP A O   
87  C CB  . ASP A 29 ? 0.42503 0.50327 0.51739 -0.12772 0.08170  -0.03627 47  ASP A CB  
88  C CG  . ASP A 29 ? 0.49550 0.54249 0.55890 -0.12435 0.07972  -0.02371 47  ASP A CG  
89  O OD1 . ASP A 29 ? 0.50889 0.55336 0.56619 -0.11044 0.07278  -0.02099 47  ASP A OD1 
90  O OD2 . ASP A 29 ? 0.64222 0.66414 0.68750 -0.13627 0.08430  -0.01609 47  ASP A OD2 
91  N N   . SER A 30 ? 0.35963 0.41689 0.45154 -0.09524 0.05216  -0.03069 48  SER A N   
92  C CA  . SER A 30 ? 0.35319 0.39118 0.44139 -0.09080 0.04316  -0.02700 48  SER A CA  
93  C C   . SER A 30 ? 0.34348 0.39795 0.44825 -0.08194 0.03562  -0.03463 48  SER A C   
94  O O   . SER A 30 ? 0.33470 0.40866 0.44791 -0.07274 0.03343  -0.03931 48  SER A O   
95  C CB  . SER A 30 ? 0.38992 0.40667 0.46048 -0.08189 0.03769  -0.01787 48  SER A CB  
96  O OG  . SER A 30 ? 0.41748 0.42028 0.48808 -0.07568 0.02907  -0.01610 48  SER A OG  
97  N N   . ASN A 31 ? 0.37008 0.41396 0.47722 -0.08423 0.03130  -0.03562 49  ASN A N   
98  C CA  . ASN A 31 ? 0.38391 0.43988 0.50281 -0.07667 0.02397  -0.04245 49  ASN A CA  
99  C C   . ASN A 31 ? 0.35981 0.40684 0.47126 -0.06273 0.01664  -0.03841 49  ASN A C   
100 O O   . ASN A 31 ? 0.35535 0.41408 0.47291 -0.05420 0.01131  -0.04297 49  ASN A O   
101 C CB  . ASN A 31 ? 0.48819 0.53490 0.61087 -0.08589 0.02344  -0.04586 49  ASN A CB  
102 C CG  . ASN A 31 ? 0.64365 0.71061 0.78135 -0.08402 0.01864  -0.05618 49  ASN A CG  
103 O OD1 . ASN A 31 ? 0.87200 0.94042 1.01698 -0.09411 0.01970  -0.06219 49  ASN A OD1 
104 N ND2 . ASN A 31 ? 0.69137 0.77186 0.83199 -0.07134 0.01282  -0.05825 49  ASN A ND2 
105 N N   . LYS A 32 ? 0.29893 0.32568 0.39660 -0.06063 0.01631  -0.03002 50  LYS A N   
106 C CA  . LYS A 32 ? 0.28880 0.30663 0.38103 -0.04959 0.00992  -0.02693 50  LYS A CA  
107 C C   . LYS A 32 ? 0.31339 0.31428 0.39185 -0.04826 0.00995  -0.01847 50  LYS A C   
108 O O   . LYS A 32 ? 0.40440 0.38738 0.47492 -0.05404 0.01089  -0.01354 50  LYS A O   
109 C CB  . LYS A 32 ? 0.42190 0.43046 0.51743 -0.04921 0.00576  -0.02959 50  LYS A CB  
110 C CG  . LYS A 32 ? 0.42215 0.42258 0.51446 -0.04000 0.00063  -0.02801 50  LYS A CG  
111 C CD  . LYS A 32 ? 0.32556 0.34029 0.41960 -0.03179 -0.00133 -0.03043 50  LYS A CD  
112 C CE  . LYS A 32 ? 0.37513 0.38174 0.46686 -0.02503 -0.00508 -0.03010 50  LYS A CE  
113 N NZ  . LYS A 32 ? 0.39905 0.40527 0.49634 -0.02786 -0.00611 -0.03606 50  LYS A NZ  
114 N N   . ILE A 33 ? 0.28475 0.28986 0.35908 -0.04081 0.00849  -0.01678 51  ILE A N   
115 C CA  . ILE A 33 ? 0.28009 0.27231 0.34114 -0.03980 0.00802  -0.00983 51  ILE A CA  
116 C C   . ILE A 33 ? 0.30417 0.28681 0.36358 -0.03188 0.00106  -0.00779 51  ILE A C   
117 O O   . ILE A 33 ? 0.29823 0.28811 0.36059 -0.02499 -0.00130 -0.01017 51  ILE A O   
118 C CB  . ILE A 33 ? 0.26724 0.27024 0.32436 -0.03820 0.01178  -0.01038 51  ILE A CB  
119 C CG1 . ILE A 33 ? 0.34641 0.36123 0.40798 -0.04684 0.01971  -0.01367 51  ILE A CG1 
120 C CG2 . ILE A 33 ? 0.30804 0.29706 0.34986 -0.03736 0.01026  -0.00378 51  ILE A CG2 
121 C CD1 . ILE A 33 ? 0.36056 0.38994 0.42196 -0.04419 0.02427  -0.01673 51  ILE A CD1 
122 N N   . VAL A 34 ? 0.30676 0.27254 0.36143 -0.03307 -0.00198 -0.00359 52  VAL A N   
123 C CA  . VAL A 34 ? 0.31358 0.27108 0.36848 -0.02571 -0.00864 -0.00211 52  VAL A CA  
124 C C   . VAL A 34 ? 0.33207 0.27484 0.37341 -0.02573 -0.01174 0.00530  52  VAL A C   
125 O O   . VAL A 34 ? 0.38835 0.31694 0.42088 -0.03130 -0.01056 0.00989  52  VAL A O   
126 C CB  . VAL A 34 ? 0.35496 0.30525 0.41763 -0.02490 -0.01096 -0.00494 52  VAL A CB  
127 C CG1 . VAL A 34 ? 0.33042 0.27477 0.39564 -0.01690 -0.01719 -0.00452 52  VAL A CG1 
128 C CG2 . VAL A 34 ? 0.38256 0.34684 0.45612 -0.02567 -0.00835 -0.01262 52  VAL A CG2 
129 N N   . ASP A 35 ? 0.31039 0.25525 0.34880 -0.01999 -0.01599 0.00643  53  ASP A N   
130 C CA  . ASP A 35 ? 0.32499 0.25711 0.34972 -0.01895 -0.02082 0.01292  53  ASP A CA  
131 C C   . ASP A 35 ? 0.36321 0.29039 0.39405 -0.01102 -0.02958 0.01277  53  ASP A C   
132 O O   . ASP A 35 ? 0.37514 0.31367 0.41906 -0.00662 -0.03052 0.00714  53  ASP A O   
133 C CB  . ASP A 35 ? 0.37896 0.31899 0.39607 -0.01897 -0.01933 0.01293  53  ASP A CB  
134 C CG  . ASP A 35 ? 0.40588 0.35004 0.41616 -0.02616 -0.01071 0.01309  53  ASP A CG  
135 O OD1 . ASP A 35 ? 0.42901 0.36133 0.42794 -0.03249 -0.00811 0.01805  53  ASP A OD1 
136 O OD2 . ASP A 35 ? 0.33549 0.29474 0.35385 -0.02577 -0.00595 0.00760  53  ASP A OD2 
137 N N   . THR A 36 ? 0.41955 0.32986 0.44030 -0.00905 -0.03595 0.01884  54  THR A N   
138 C CA  . THR A 36 ? 0.44253 0.34922 0.47030 0.00002  -0.04561 0.01831  54  THR A CA  
139 C C   . THR A 36 ? 0.45087 0.35179 0.46543 0.00336  -0.05378 0.02345  54  THR A C   
140 O O   . THR A 36 ? 0.52318 0.40984 0.51758 -0.00084 -0.05375 0.03068  54  THR A O   
141 C CB  . THR A 36 ? 0.51157 0.40123 0.54089 0.00199  -0.04811 0.02000  54  THR A CB  
142 O OG1 . THR A 36 ? 0.44916 0.34489 0.48966 -0.00206 -0.04066 0.01429  54  THR A OG1 
143 C CG2 . THR A 36 ? 0.51192 0.40004 0.55176 0.01314  -0.05812 0.01792  54  THR A CG2 
144 N N   . VAL A 37 ? 0.41869 0.33112 0.44352 0.00995  -0.06040 0.01938  55  VAL A N   
145 C CA  . VAL A 37 ? 0.44743 0.35593 0.46141 0.01396  -0.07032 0.02306  55  VAL A CA  
146 C C   . VAL A 37 ? 0.50739 0.42011 0.53715 0.02424  -0.08085 0.01952  55  VAL A C   
147 O O   . VAL A 37 ? 0.45188 0.37825 0.50281 0.02683  -0.07837 0.01190  55  VAL A O   
148 C CB  . VAL A 37 ? 0.44558 0.36755 0.45579 0.01041  -0.06812 0.02015  55  VAL A CB  
149 C CG1 . VAL A 37 ? 0.56562 0.48423 0.56145 0.00177  -0.05785 0.02281  55  VAL A CG1 
150 C CG2 . VAL A 37 ? 0.42728 0.36872 0.45867 0.01134  -0.06461 0.01114  55  VAL A CG2 
151 N N   . ASP A 38 ? 0.47299 0.37439 0.49207 0.03041  -0.09274 0.02474  56  ASP A N   
152 C CA  . ASP A 38 ? 0.51056 0.41800 0.54571 0.04174  -0.10448 0.02082  56  ASP A CA  
153 C C   . ASP A 38 ? 0.55365 0.47982 0.59392 0.04289  -0.11079 0.01610  56  ASP A C   
154 O O   . ASP A 38 ? 0.52886 0.45168 0.55008 0.03800  -0.11175 0.02001  56  ASP A O   
155 C CB  . ASP A 38 ? 0.58102 0.46338 0.60156 0.04937  -0.11536 0.02924  56  ASP A CB  
156 C CG  . ASP A 38 ? 0.77961 0.66740 0.82022 0.06358  -0.12769 0.02432  56  ASP A CG  
157 O OD1 . ASP A 38 ? 0.71617 0.62988 0.78193 0.06708  -0.12888 0.01414  56  ASP A OD1 
158 O OD2 . ASP A 38 ? 0.95175 0.81677 0.98355 0.07130  -0.13547 0.03025  56  ASP A OD2 
159 N N   . ILE A 39 ? 0.53865 0.48537 0.60520 0.04832  -0.11395 0.00663  57  ILE A N   
160 C CA  . ILE A 39 ? 0.64378 0.61050 0.71877 0.04801  -0.11934 0.00035  57  ILE A CA  
161 C C   . ILE A 39 ? 0.66719 0.62512 0.72461 0.05298  -0.13417 0.00608  57  ILE A C   
162 O O   . ILE A 39 ? 0.59360 0.55983 0.64401 0.04880  -0.13715 0.00424  57  ILE A O   
163 C CB  . ILE A 39 ? 0.64906 0.63938 0.75658 0.05330  -0.12097 -0.01109 57  ILE A CB  
164 C CG1 . ILE A 39 ? 0.69471 0.68080 0.81280 0.06708  -0.13320 -0.01108 57  ILE A CG1 
165 C CG2 . ILE A 39 ? 0.62672 0.62586 0.74771 0.04677  -0.10541 -0.01699 57  ILE A CG2 
166 C CD1 . ILE A 39 ? 0.74199 0.75467 0.89381 0.07359  -0.13639 -0.02360 57  ILE A CD1 
167 N N   . GLU A 40 ? 0.70293 0.64156 0.75019 0.06160  -0.14360 0.01334  58  GLU A N   
168 C CA  . GLU A 40 ? 0.75976 0.68673 0.78617 0.06711  -0.15883 0.02000  58  GLU A CA  
169 C C   . GLU A 40 ? 0.75421 0.66379 0.74611 0.05714  -0.15373 0.02887  58  GLU A C   
170 O O   . GLU A 40 ? 0.91779 0.81143 0.88526 0.06073  -0.16508 0.03650  58  GLU A O   
171 C CB  . GLU A 40 ? 0.81477 0.72191 0.83758 0.08004  -0.17063 0.02608  58  GLU A CB  
172 N N   . ASP A 41 ? 0.74142 0.65350 0.73037 0.04553  -0.13739 0.02782  59  ASP A N   
173 C CA  . ASP A 41 ? 0.79420 0.69586 0.75508 0.03580  -0.13077 0.03327  59  ASP A CA  
174 C C   . ASP A 41 ? 0.78193 0.70335 0.74985 0.02829  -0.12332 0.02500  59  ASP A C   
175 O O   . ASP A 41 ? 0.81121 0.72696 0.75981 0.02016  -0.11527 0.02730  59  ASP A O   
176 C CB  . ASP A 41 ? 0.80730 0.69154 0.75581 0.02887  -0.11770 0.03982  59  ASP A CB  
177 C CG  . ASP A 41 ? 0.92864 0.78697 0.86310 0.03421  -0.12435 0.04931  59  ASP A CG  
178 O OD1 . ASP A 41 ? 0.98181 0.82962 0.90305 0.04203  -0.13926 0.05409  59  ASP A OD1 
179 O OD2 . ASP A 41 ? 0.97189 0.81967 0.90839 0.03089  -0.11542 0.05168  59  ASP A OD2 
180 N N   . ILE A 42 ? 0.76802 0.71163 0.76287 0.03058  -0.12514 0.01507  60  ILE A N   
181 C CA  . ILE A 42 ? 0.70352 0.66296 0.70488 0.02311  -0.11787 0.00712  60  ILE A CA  
182 C C   . ILE A 42 ? 0.65520 0.61866 0.64451 0.02236  -0.12812 0.00491  60  ILE A C   
183 O O   . ILE A 42 ? 0.61410 0.57870 0.59216 0.01481  -0.12196 0.00229  60  ILE A O   
184 C CB  . ILE A 42 ? 0.64170 0.62115 0.67496 0.02397  -0.11392 -0.00245 60  ILE A CB  
185 C CG1 . ILE A 42 ? 0.64961 0.62432 0.69141 0.02382  -0.10328 -0.00078 60  ILE A CG1 
186 C CG2 . ILE A 42 ? 0.57947 0.57281 0.61878 0.01618  -0.10759 -0.01066 60  ILE A CG2 
187 C CD1 . ILE A 42 ? 0.61869 0.58512 0.64660 0.01584  -0.08979 0.00234  60  ILE A CD1 
188 N N   . GLY A 43 ? 0.65505 0.62104 0.64681 0.03066  -0.14445 0.00511  61  GLY A N   
189 C CA  . GLY A 43 ? 0.59353 0.56730 0.57712 0.02977  -0.15550 0.00092  61  GLY A CA  
190 C C   . GLY A 43 ? 0.62445 0.62246 0.63244 0.02434  -0.15205 -0.01186 61  GLY A C   
191 O O   . GLY A 43 ? 0.66098 0.67382 0.69751 0.02571  -0.14808 -0.01800 61  GLY A O   
192 N N   . GLU A 44 ? 0.58029 0.58130 0.57595 0.01734  -0.15285 -0.01635 62  GLU A N   
193 C CA  . GLU A 44 ? 0.58565 0.60587 0.60151 0.01017  -0.14823 -0.02832 62  GLU A CA  
194 C C   . GLU A 44 ? 0.50573 0.52550 0.53261 0.00462  -0.13006 -0.02963 62  GLU A C   
195 O O   . GLU A 44 ? 0.49918 0.53427 0.55213 0.00328  -0.12601 -0.03670 62  GLU A O   
196 C CB  . GLU A 44 ? 0.61181 0.63009 0.60822 0.00264  -0.15030 -0.03255 62  GLU A CB  
197 N N   . LYS A 45 ? 0.48950 0.49216 0.49649 0.00164  -0.11912 -0.02293 63  LYS A N   
198 C CA  . LYS A 45 ? 0.40057 0.40135 0.41480 -0.00235 -0.10339 -0.02336 63  LYS A CA  
199 C C   . LYS A 45 ? 0.42055 0.40378 0.41215 -0.00329 -0.09525 -0.01513 63  LYS A C   
200 O O   . LYS A 45 ? 0.46921 0.44197 0.43755 -0.00355 -0.09943 -0.01070 63  LYS A O   
201 C CB  . LYS A 45 ? 0.48037 0.48781 0.50050 -0.01057 -0.09559 -0.03213 63  LYS A CB  
202 C CG  . LYS A 45 ? 0.55886 0.55845 0.55668 -0.01583 -0.09588 -0.03409 63  LYS A CG  
203 C CD  . LYS A 45 ? 0.48769 0.48929 0.49054 -0.02365 -0.08693 -0.04218 63  LYS A CD  
204 C CE  . LYS A 45 ? 0.53923 0.53340 0.52172 -0.02892 -0.08799 -0.04635 63  LYS A CE  
205 N NZ  . LYS A 45 ? 0.51325 0.51876 0.49971 -0.03074 -0.10162 -0.05265 63  LYS A NZ  
206 N N   . LYS A 46 ? 0.39148 0.37251 0.39043 -0.00376 -0.08393 -0.01330 64  LYS A N   
207 C CA  . LYS A 46 ? 0.37955 0.34867 0.36236 -0.00591 -0.07408 -0.00792 64  LYS A CA  
208 C C   . LYS A 46 ? 0.36298 0.33554 0.35522 -0.00874 -0.06195 -0.01176 64  LYS A C   
209 O O   . LYS A 46 ? 0.38018 0.36092 0.39111 -0.00814 -0.06015 -0.01547 64  LYS A O   
210 C CB  . LYS A 46 ? 0.46072 0.42031 0.43894 -0.00259 -0.07416 0.00049  64  LYS A CB  
211 C CG  . LYS A 46 ? 0.55574 0.50435 0.51485 -0.00033 -0.08407 0.00698  64  LYS A CG  
212 C CD  . LYS A 46 ? 0.68488 0.62576 0.61850 -0.00566 -0.08007 0.00804  64  LYS A CD  
213 C CE  . LYS A 46 ? 0.83609 0.76406 0.74548 -0.00419 -0.09011 0.01484  64  LYS A CE  
214 N NZ  . LYS A 46 ? 0.84515 0.76768 0.72989 -0.00982 -0.08595 0.01380  64  LYS A NZ  
215 N N   . ALA A 47 ? 0.35820 0.32418 0.33647 -0.01141 -0.05361 -0.01095 65  ALA A N   
216 C CA  . ALA A 47 ? 0.29063 0.25797 0.27504 -0.01244 -0.04311 -0.01389 65  ALA A CA  
217 C C   . ALA A 47 ? 0.31634 0.28081 0.29895 -0.01127 -0.03657 -0.00903 65  ALA A C   
218 O O   . ALA A 47 ? 0.35243 0.31120 0.32045 -0.01255 -0.03494 -0.00523 65  ALA A O   
219 C CB  . ALA A 47 ? 0.30837 0.27175 0.28077 -0.01527 -0.03866 -0.01868 65  ALA A CB  
220 N N   . PHE A 48 ? 0.28009 0.24886 0.27705 -0.00967 -0.03263 -0.00959 66  PHE A N   
221 C CA  . PHE A 48 ? 0.28753 0.25583 0.28631 -0.00911 -0.02734 -0.00621 66  PHE A CA  
222 C C   . PHE A 48 ? 0.31647 0.28764 0.31684 -0.00854 -0.01920 -0.00954 66  PHE A C   
223 O O   . PHE A 48 ? 0.29362 0.26639 0.30003 -0.00743 -0.01792 -0.01334 66  PHE A O   
224 C CB  . PHE A 48 ? 0.29267 0.26349 0.30589 -0.00704 -0.03019 -0.00491 66  PHE A CB  
225 C CG  . PHE A 48 ? 0.29734 0.26391 0.30924 -0.00552 -0.03898 -0.00120 66  PHE A CG  
226 C CD1 . PHE A 48 ? 0.33438 0.29195 0.33619 -0.00643 -0.03942 0.00494  66  PHE A CD1 
227 C CD2 . PHE A 48 ? 0.31521 0.28625 0.33478 -0.00333 -0.04687 -0.00396 66  PHE A CD2 
228 C CE1 . PHE A 48 ? 0.39348 0.34324 0.39125 -0.00377 -0.04853 0.00945  66  PHE A CE1 
229 C CE2 . PHE A 48 ? 0.39388 0.36087 0.41203 0.00014  -0.05683 -0.00046 66  PHE A CE2 
230 C CZ  . PHE A 48 ? 0.39510 0.34974 0.40096 0.00046  -0.05789 0.00678  66  PHE A CZ  
231 N N   . CYS A 49 ? 0.31572 0.28755 0.31116 -0.00926 -0.01360 -0.00809 67  CYS A N   
232 C CA  . CYS A 49 ? 0.27630 0.25247 0.27352 -0.00717 -0.00685 -0.01172 67  CYS A CA  
233 C C   . CYS A 49 ? 0.25367 0.23494 0.26436 -0.00467 -0.00596 -0.01258 67  CYS A C   
234 O O   . CYS A 49 ? 0.28028 0.26335 0.29799 -0.00588 -0.00734 -0.01015 67  CYS A O   
235 C CB  . CYS A 49 ? 0.28745 0.26631 0.27773 -0.00934 -0.00097 -0.01099 67  CYS A CB  
236 S SG  . CYS A 49 ? 0.27212 0.26030 0.26793 -0.00481 0.00662  -0.01688 67  CYS A SG  
237 N N   . ARG A 50 ? 0.25710 0.23830 0.26934 -0.00120 -0.00424 -0.01605 68  ARG A N   
238 C CA  . ARG A 50 ? 0.24413 0.22939 0.26494 0.00181  -0.00317 -0.01712 68  ARG A CA  
239 C C   . ARG A 50 ? 0.28959 0.27852 0.30935 0.00660  0.00048  -0.02005 68  ARG A C   
240 O O   . ARG A 50 ? 0.29135 0.28241 0.31560 0.01040  0.00019  -0.02122 68  ARG A O   
241 C CB  . ARG A 50 ? 0.24789 0.22799 0.27038 0.00211  -0.00514 -0.01806 68  ARG A CB  
242 C CG  . ARG A 50 ? 0.22246 0.20256 0.24963 -0.00143 -0.00906 -0.01660 68  ARG A CG  
243 C CD  . ARG A 50 ? 0.25110 0.23006 0.28378 -0.00253 -0.00982 -0.01855 68  ARG A CD  
244 N NE  . ARG A 50 ? 0.25847 0.23066 0.28376 -0.00367 -0.00823 -0.02093 68  ARG A NE  
245 C CZ  . ARG A 50 ? 0.26297 0.23288 0.29052 -0.00672 -0.00738 -0.02321 68  ARG A CZ  
246 N NH1 . ARG A 50 ? 0.25670 0.23262 0.29483 -0.00816 -0.00792 -0.02400 68  ARG A NH1 
247 N NH2 . ARG A 50 ? 0.30785 0.26911 0.32703 -0.00906 -0.00548 -0.02543 68  ARG A NH2 
248 N N   . CYS A 51 ? 0.25489 0.24541 0.26889 0.00719  0.00373  -0.02175 69  CYS A N   
249 C CA  . CYS A 51 ? 0.25939 0.25545 0.27462 0.01334  0.00707  -0.02584 69  CYS A CA  
250 C C   . CYS A 51 ? 0.28787 0.29823 0.31044 0.01194  0.01106  -0.02729 69  CYS A C   
251 O O   . CYS A 51 ? 0.30820 0.32779 0.33644 0.01785  0.01318  -0.03174 69  CYS A O   
252 C CB  . CYS A 51 ? 0.25442 0.24256 0.25874 0.01634  0.00924  -0.02913 69  CYS A CB  
253 S SG  . CYS A 51 ? 0.30144 0.29096 0.29633 0.01079  0.01336  -0.02980 69  CYS A SG  
254 N N   . TRP A 52 ? 0.23423 0.24635 0.25706 0.00433  0.01195  -0.02390 70  TRP A N   
255 C CA  . TRP A 52 ? 0.25790 0.28246 0.28767 0.00015  0.01675  -0.02496 70  TRP A CA  
256 C C   . TRP A 52 ? 0.27331 0.30443 0.29880 0.00015  0.02367  -0.02898 70  TRP A C   
257 O O   . TRP A 52 ? 0.27199 0.31770 0.30600 -0.00228 0.02933  -0.03238 70  TRP A O   
258 C CB  . TRP A 52 ? 0.26894 0.30600 0.31380 0.00306  0.01557  -0.02796 70  TRP A CB  
259 C CG  . TRP A 52 ? 0.27922 0.30869 0.32617 0.00137  0.01001  -0.02418 70  TRP A CG  
260 C CD1 . TRP A 52 ? 0.27221 0.29380 0.31710 0.00618  0.00539  -0.02356 70  TRP A CD1 
261 C CD2 . TRP A 52 ? 0.23993 0.26740 0.29006 -0.00569 0.00936  -0.02100 70  TRP A CD2 
262 N NE1 . TRP A 52 ? 0.26953 0.28700 0.31767 0.00273  0.00236  -0.02095 70  TRP A NE1 
263 C CE2 . TRP A 52 ? 0.23692 0.25740 0.28875 -0.00374 0.00414  -0.01951 70  TRP A CE2 
264 C CE3 . TRP A 52 ? 0.26947 0.29953 0.32092 -0.01376 0.01327  -0.01965 70  TRP A CE3 
265 C CZ2 . TRP A 52 ? 0.23888 0.25441 0.29393 -0.00829 0.00211  -0.01702 70  TRP A CZ2 
266 C CZ3 . TRP A 52 ? 0.27329 0.29565 0.32613 -0.01886 0.01093  -0.01622 70  TRP A CZ3 
267 C CH2 . TRP A 52 ? 0.26123 0.27684 0.31675 -0.01539 0.00508  -0.01531 70  TRP A CH2 
268 N N   . LYS A 53 ? 0.30878 0.33054 0.32162 0.00207  0.02411  -0.02967 71  LYS A N   
269 C CA  . LYS A 53 ? 0.28372 0.31048 0.29029 0.00195  0.03148  -0.03431 71  LYS A CA  
270 C C   . LYS A 53 ? 0.36475 0.38126 0.35355 -0.00567 0.03325  -0.03070 71  LYS A C   
271 O O   . LYS A 53 ? 0.36968 0.38995 0.35092 -0.00737 0.04049  -0.03445 71  LYS A O   
272 C CB  . LYS A 53 ? 0.32436 0.34857 0.32932 0.01193  0.03139  -0.04029 71  LYS A CB  
273 C CG  . LYS A 53 ? 0.43928 0.47541 0.46050 0.02061  0.02990  -0.04426 71  LYS A CG  
274 C CD  . LYS A 53 ? 0.51361 0.54737 0.53357 0.03192  0.03025  -0.05047 71  LYS A CD  
275 C CE  . LYS A 53 ? 0.55631 0.60302 0.59157 0.04168  0.02763  -0.05441 71  LYS A CE  
276 N NZ  . LYS A 53 ? 0.56099 0.60193 0.59234 0.05413  0.02800  -0.06063 71  LYS A NZ  
277 N N   . SER A 54 ? 0.31790 0.32197 0.29927 -0.00964 0.02664  -0.02411 72  SER A N   
278 C CA  . SER A 54 ? 0.33552 0.32876 0.29800 -0.01541 0.02604  -0.02051 72  SER A CA  
279 C C   . SER A 54 ? 0.39805 0.39415 0.35314 -0.02351 0.03340  -0.01817 72  SER A C   
280 O O   . SER A 54 ? 0.38432 0.38576 0.34859 -0.02757 0.03557  -0.01572 72  SER A O   
281 C CB  . SER A 54 ? 0.33018 0.31223 0.28975 -0.01677 0.01626  -0.01428 72  SER A CB  
282 O OG  . SER A 54 ? 0.34891 0.32049 0.28938 -0.02150 0.01375  -0.01031 72  SER A OG  
283 N N   . GLU A 55 ? 0.42668 0.41746 0.36298 -0.02696 0.03745  -0.01890 73  GLU A N   
284 C CA  . GLU A 55 ? 0.42683 0.41585 0.35038 -0.03636 0.04456  -0.01527 73  GLU A CA  
285 C C   . GLU A 55 ? 0.46688 0.43854 0.37521 -0.04136 0.03687  -0.00531 73  GLU A C   
286 O O   . GLU A 55 ? 0.52795 0.49311 0.42208 -0.04985 0.04195  -0.00036 73  GLU A O   
287 C CB  . GLU A 55 ? 0.48946 0.47913 0.39608 -0.03819 0.05288  -0.02054 73  GLU A CB  
288 C CG  . GLU A 55 ? 0.52024 0.52644 0.44048 -0.03190 0.06099  -0.03148 73  GLU A CG  
289 C CD  . GLU A 55 ? 0.73570 0.76107 0.67227 -0.03537 0.07152  -0.03535 73  GLU A CD  
290 O OE1 . GLU A 55 ? 0.82140 0.84518 0.75087 -0.04607 0.07683  -0.03033 73  GLU A OE1 
291 O OE2 . GLU A 55 ? 0.80992 0.85163 0.76526 -0.02763 0.07480  -0.04392 73  GLU A OE2 
292 N N   . LYS A 56 ? 0.38574 0.34937 0.29583 -0.03633 0.02506  -0.00253 74  LYS A N   
293 C CA  . LYS A 56 ? 0.46600 0.41469 0.36530 -0.03824 0.01553  0.00604  74  LYS A CA  
294 C C   . LYS A 56 ? 0.41529 0.36495 0.33393 -0.03494 0.00905  0.00859  74  LYS A C   
295 O O   . LYS A 56 ? 0.41747 0.35869 0.33512 -0.03211 -0.00134 0.01262  74  LYS A O   
296 C CB  . LYS A 56 ? 0.48149 0.42200 0.36702 -0.03516 0.00640  0.00582  74  LYS A CB  
297 C CG  . LYS A 56 ? 0.56360 0.50181 0.42757 -0.03823 0.01228  0.00222  74  LYS A CG  
298 C CD  . LYS A 56 ? 0.74326 0.67014 0.58896 -0.03727 0.00094  0.00420  74  LYS A CD  
299 C CE  . LYS A 56 ? 0.79769 0.72892 0.65195 -0.03198 -0.00506 -0.00318 74  LYS A CE  
300 N NZ  . LYS A 56 ? 0.63106 0.56651 0.50819 -0.02714 -0.01368 -0.00270 74  LYS A NZ  
301 N N   . TRP A 57 ? 0.41218 0.37328 0.34905 -0.03496 0.01490  0.00543  75  TRP A N   
302 C CA  . TRP A 57 ? 0.37264 0.33495 0.32684 -0.03243 0.00993  0.00681  75  TRP A CA  
303 C C   . TRP A 57 ? 0.40915 0.35571 0.35525 -0.03447 0.00282  0.01486  75  TRP A C   
304 O O   . TRP A 57 ? 0.44326 0.37905 0.37281 -0.04106 0.00597  0.02029  75  TRP A O   
305 C CB  . TRP A 57 ? 0.35827 0.33265 0.32644 -0.03569 0.01828  0.00357  75  TRP A CB  
306 C CG  . TRP A 57 ? 0.31466 0.29130 0.30021 -0.03273 0.01346  0.00334  75  TRP A CG  
307 C CD1 . TRP A 57 ? 0.31522 0.28395 0.30330 -0.03644 0.01151  0.00751  75  TRP A CD1 
308 C CD2 . TRP A 57 ? 0.32544 0.31097 0.32561 -0.02552 0.01033  -0.00157 75  TRP A CD2 
309 N NE1 . TRP A 57 ? 0.31947 0.29333 0.32407 -0.03165 0.00729  0.00462  75  TRP A NE1 
310 C CE2 . TRP A 57 ? 0.31025 0.29448 0.32149 -0.02533 0.00678  -0.00057 75  TRP A CE2 
311 C CE3 . TRP A 57 ? 0.31879 0.31117 0.32188 -0.01935 0.01050  -0.00672 75  TRP A CE3 
312 C CZ2 . TRP A 57 ? 0.27408 0.26468 0.29804 -0.01980 0.00385  -0.00435 75  TRP A CZ2 
313 C CZ3 . TRP A 57 ? 0.30745 0.30442 0.32289 -0.01373 0.00726  -0.00972 75  TRP A CZ3 
314 C CH2 . TRP A 57 ? 0.28861 0.28508 0.31389 -0.01432 0.00406  -0.00837 75  TRP A CH2 
315 N N   . PRO A 58 ? 0.37406 0.31766 0.33013 -0.02896 -0.00647 0.01586  76  PRO A N   
316 C CA  . PRO A 58 ? 0.32865 0.28338 0.30293 -0.02290 -0.00875 0.00995  76  PRO A CA  
317 C C   . PRO A 58 ? 0.33563 0.29164 0.30705 -0.01884 -0.01377 0.00702  76  PRO A C   
318 O O   . PRO A 58 ? 0.32157 0.28347 0.30600 -0.01486 -0.01618 0.00315  76  PRO A O   
319 C CB  . PRO A 58 ? 0.32244 0.27283 0.30783 -0.02042 -0.01493 0.01210  76  PRO A CB  
320 C CG  . PRO A 58 ? 0.39453 0.32853 0.36425 -0.02131 -0.02169 0.01950  76  PRO A CG  
321 C CD  . PRO A 58 ? 0.42539 0.35411 0.37646 -0.02854 -0.01425 0.02265  76  PRO A CD  
322 N N   . TYR A 59 ? 0.37560 0.32560 0.32919 -0.02072 -0.01494 0.00846  77  TYR A N   
323 C CA  . TYR A 59 ? 0.35592 0.30698 0.30632 -0.01809 -0.01984 0.00463  77  TYR A CA  
324 C C   . TYR A 59 ? 0.35922 0.31667 0.30955 -0.01762 -0.01238 -0.00189 77  TYR A C   
325 O O   . TYR A 59 ? 0.37560 0.33633 0.32243 -0.01953 -0.00382 -0.00310 77  TYR A O   
326 C CB  . TYR A 59 ? 0.35634 0.29728 0.28588 -0.01997 -0.02595 0.00857  77  TYR A CB  
327 C CG  . TYR A 59 ? 0.42612 0.35856 0.35480 -0.01845 -0.03483 0.01526  77  TYR A CG  
328 C CD1 . TYR A 59 ? 0.47830 0.41399 0.42063 -0.01341 -0.04447 0.01396  77  TYR A CD1 
329 C CD2 . TYR A 59 ? 0.50720 0.42771 0.42116 -0.02211 -0.03307 0.02252  77  TYR A CD2 
330 C CE1 . TYR A 59 ? 0.53541 0.46300 0.47810 -0.01015 -0.05319 0.01952  77  TYR A CE1 
331 C CE2 . TYR A 59 ? 0.63924 0.54814 0.55042 -0.01973 -0.04167 0.02911  77  TYR A CE2 
332 C CZ  . TYR A 59 ? 0.66663 0.57935 0.59286 -0.01279 -0.05222 0.02740  77  TYR A CZ  
333 O OH  . TYR A 59 ? 0.79644 0.69715 0.72068 -0.00863 -0.06137 0.03342  77  TYR A OH  
334 N N   . CYS A 60 ? 0.33613 0.29510 0.29073 -0.01508 -0.01561 -0.00666 78  CYS A N   
335 C CA  . CYS A 60 ? 0.34454 0.30495 0.29643 -0.01377 -0.01016 -0.01291 78  CYS A CA  
336 C C   . CYS A 60 ? 0.39087 0.34629 0.32269 -0.01655 -0.00812 -0.01409 78  CYS A C   
337 O O   . CYS A 60 ? 0.39378 0.34338 0.31333 -0.01907 -0.01477 -0.01120 78  CYS A O   
338 C CB  . CYS A 60 ? 0.37572 0.33522 0.33470 -0.01231 -0.01472 -0.01691 78  CYS A CB  
339 S SG  . CYS A 60 ? 0.36684 0.32187 0.32036 -0.01073 -0.00976 -0.02450 78  CYS A SG  
340 N N   . ASP A 61 ? 0.34447 0.30255 0.27242 -0.01559 0.00089  -0.01862 79  ASP A N   
341 C CA  . ASP A 61 ? 0.40791 0.36143 0.31635 -0.01791 0.00431  -0.02191 79  ASP A CA  
342 C C   . ASP A 61 ? 0.44863 0.40088 0.35659 -0.01402 0.00843  -0.03042 79  ASP A C   
343 O O   . ASP A 61 ? 0.44894 0.39990 0.34399 -0.01437 0.01485  -0.03530 79  ASP A O   
344 C CB  . ASP A 61 ? 0.42145 0.37822 0.32110 -0.02156 0.01308  -0.02000 79  ASP A CB  
345 C CG  . ASP A 61 ? 0.42615 0.39465 0.33982 -0.01836 0.02286  -0.02452 79  ASP A CG  
346 O OD1 . ASP A 61 ? 0.38026 0.35245 0.30860 -0.01242 0.02189  -0.02792 79  ASP A OD1 
347 O OD2 . ASP A 61 ? 0.40342 0.37794 0.31278 -0.02198 0.03187  -0.02510 79  ASP A OD2 
348 N N   . GLY A 62 ? 0.40570 0.35697 0.32641 -0.01026 0.00568  -0.03254 80  GLY A N   
349 C CA  . GLY A 62 ? 0.37801 0.32401 0.29763 -0.00604 0.00910  -0.03968 80  GLY A CA  
350 C C   . GLY A 62 ? 0.39346 0.34533 0.32113 0.00075  0.01689  -0.04299 80  GLY A C   
351 O O   . GLY A 62 ? 0.42679 0.37190 0.35239 0.00593  0.01936  -0.04892 80  GLY A O   
352 N N   . SER A 63 ? 0.37853 0.34243 0.31505 0.00105  0.02063  -0.04002 81  SER A N   
353 C CA  . SER A 63 ? 0.36604 0.33948 0.31271 0.00792  0.02720  -0.04441 81  SER A CA  
354 C C   . SER A 63 ? 0.36066 0.33082 0.31813 0.01524  0.02384  -0.04509 81  SER A C   
355 O O   . SER A 63 ? 0.36782 0.34142 0.33061 0.02352  0.02721  -0.05001 81  SER A O   
356 C CB  . SER A 63 ? 0.39008 0.37844 0.34616 0.00453  0.03107  -0.04107 81  SER A CB  
357 O OG  . SER A 63 ? 0.41984 0.40976 0.36317 -0.00238 0.03631  -0.04058 81  SER A OG  
358 N N   . HIS A 64 ? 0.32549 0.28821 0.28483 0.01262  0.01727  -0.04068 82  HIS A N   
359 C CA  . HIS A 64 ? 0.34785 0.30470 0.31330 0.01802  0.01474  -0.04061 82  HIS A CA  
360 C C   . HIS A 64 ? 0.40737 0.35047 0.36374 0.02394  0.01647  -0.04625 82  HIS A C   
361 O O   . HIS A 64 ? 0.40494 0.34345 0.36430 0.03167  0.01619  -0.04719 82  HIS A O   
362 C CB  . HIS A 64 ? 0.33495 0.28644 0.30270 0.01242  0.00899  -0.03599 82  HIS A CB  
363 C CG  . HIS A 64 ? 0.37255 0.31522 0.33054 0.00608  0.00615  -0.03702 82  HIS A CG  
364 N ND1 . HIS A 64 ? 0.34424 0.29165 0.30041 0.00002  0.00280  -0.03426 82  HIS A ND1 
365 C CD2 . HIS A 64 ? 0.44474 0.37390 0.39335 0.00492  0.00578  -0.04116 82  HIS A CD2 
366 C CE1 . HIS A 64 ? 0.37049 0.31016 0.31821 -0.00428 -0.00051 -0.03684 82  HIS A CE1 
367 N NE2 . HIS A 64 ? 0.43620 0.36500 0.37949 -0.00217 0.00180  -0.04144 82  HIS A NE2 
368 N N   . GLY A 65 ? 0.43137 0.36660 0.37510 0.02104  0.01813  -0.05035 83  GLY A N   
369 C CA  . GLY A 65 ? 0.46387 0.38197 0.39762 0.02563  0.01936  -0.05595 83  GLY A CA  
370 C C   . GLY A 65 ? 0.47608 0.39675 0.41248 0.03724  0.02394  -0.06116 83  GLY A C   
371 O O   . GLY A 65 ? 0.46329 0.37188 0.39867 0.04532  0.02289  -0.06242 83  GLY A O   
372 N N   . LYS A 66 ? 0.48041 0.41730 0.42047 0.03833  0.02909  -0.06422 84  LYS A N   
373 C CA  . LYS A 66 ? 0.45380 0.39974 0.40138 0.04969  0.03376  -0.07037 84  LYS A CA  
374 C C   . LYS A 66 ? 0.52159 0.47572 0.48405 0.05722  0.03013  -0.06726 84  LYS A C   
375 O O   . LYS A 66 ? 0.54296 0.49410 0.50858 0.06962  0.02968  -0.07147 84  LYS A O   
376 C CB  . LYS A 66 ? 0.52936 0.49457 0.47985 0.04641  0.04111  -0.07391 84  LYS A CB  
377 N N   . HIS A 67 ? 0.47534 0.44007 0.44672 0.05069  0.02712  -0.06044 85  HIS A N   
378 C CA  . HIS A 67 ? 0.40648 0.37788 0.38990 0.05657  0.02278  -0.05750 85  HIS A CA  
379 C C   . HIS A 67 ? 0.47862 0.42835 0.45359 0.06296  0.01780  -0.05577 85  HIS A C   
380 O O   . HIS A 67 ? 0.46118 0.41023 0.43975 0.07456  0.01524  -0.05745 85  HIS A O   
381 C CB  . HIS A 67 ? 0.42877 0.40965 0.41943 0.04697  0.02039  -0.05078 85  HIS A CB  
382 C CG  . HIS A 67 ? 0.43545 0.41926 0.43466 0.05121  0.01526  -0.04758 85  HIS A CG  
383 N ND1 . HIS A 67 ? 0.44998 0.45075 0.46257 0.05859  0.01473  -0.05059 85  HIS A ND1 
384 C CD2 . HIS A 67 ? 0.40662 0.37871 0.40202 0.04909  0.01050  -0.04240 85  HIS A CD2 
385 C CE1 . HIS A 67 ? 0.47242 0.47059 0.48739 0.06107  0.00899  -0.04695 85  HIS A CE1 
386 N NE2 . HIS A 67 ? 0.42202 0.40257 0.42618 0.05509  0.00704  -0.04181 85  HIS A NE2 
387 N N   . ASN A 68 ? 0.43113 0.36265 0.39426 0.05537  0.01618  -0.05248 86  ASN A N   
388 C CA  . ASN A 68 ? 0.41497 0.32403 0.36828 0.05903  0.01281  -0.05027 86  ASN A CA  
389 C C   . ASN A 68 ? 0.42871 0.32120 0.37220 0.07014  0.01409  -0.05597 86  ASN A C   
390 O O   . ASN A 68 ? 0.50968 0.38824 0.44810 0.07946  0.01084  -0.05463 86  ASN A O   
391 C CB  . ASN A 68 ? 0.44825 0.34365 0.39292 0.04695  0.01202  -0.04707 86  ASN A CB  
392 C CG  . ASN A 68 ? 0.39280 0.30125 0.34721 0.03857  0.00976  -0.04153 86  ASN A CG  
393 O OD1 . ASN A 68 ? 0.36519 0.28576 0.32942 0.04209  0.00803  -0.03888 86  ASN A OD1 
394 N ND2 . ASN A 68 ? 0.38233 0.28738 0.33416 0.02796  0.00914  -0.04034 86  ASN A ND2 
395 N N   . LYS A 69 ? 0.44621 0.33774 0.38490 0.06967  0.01860  -0.06241 87  LYS A N   
396 C CA  . LYS A 69 ? 0.51325 0.38854 0.44296 0.08094  0.02034  -0.06918 87  LYS A CA  
397 C C   . LYS A 69 ? 0.58081 0.46868 0.52217 0.09679  0.01898  -0.07212 87  LYS A C   
398 O O   . LYS A 69 ? 0.59382 0.46365 0.52840 0.10909  0.01579  -0.07313 87  LYS A O   
399 C CB  . LYS A 69 ? 0.50302 0.37945 0.42665 0.07702  0.02618  -0.07665 87  LYS A CB  
400 N N   . GLU A 70 ? 0.49713 0.41560 0.45606 0.09663  0.02089  -0.07356 88  GLU A N   
401 C CA  . GLU A 70 ? 0.55465 0.49088 0.52851 0.11118  0.01974  -0.07842 88  GLU A CA  
402 C C   . GLU A 70 ? 0.55140 0.48303 0.52735 0.11867  0.01120  -0.07259 88  GLU A C   
403 O O   . GLU A 70 ? 0.62133 0.54823 0.59824 0.13466  0.00691  -0.07569 88  GLU A O   
404 C CB  . GLU A 70 ? 0.55008 0.52096 0.54255 0.10584  0.02488  -0.08153 88  GLU A CB  
405 N N   . THR A 71 ? 0.52102 0.45281 0.49636 0.10799  0.00826  -0.06437 89  THR A N   
406 C CA  . THR A 71 ? 0.52411 0.45799 0.50299 0.11310  0.00093  -0.05934 89  THR A CA  
407 C C   . THR A 71 ? 0.58638 0.48825 0.54517 0.11275  -0.00322 -0.05248 89  THR A C   
408 O O   . THR A 71 ? 0.57204 0.47033 0.52853 0.11924  -0.00966 -0.04848 89  THR A O   
409 C CB  . THR A 71 ? 0.53270 0.48896 0.52467 0.10175  0.00101  -0.05564 89  THR A CB  
410 O OG1 . THR A 71 ? 0.46866 0.41381 0.45173 0.08700  0.00371  -0.05062 89  THR A OG1 
411 C CG2 . THR A 71 ? 0.50451 0.49203 0.51564 0.10004  0.00608  -0.06192 89  THR A CG2 
412 N N   . GLY A 72 ? 0.52372 0.40230 0.46714 0.10481  0.00038  -0.05135 90  GLY A N   
413 C CA  . GLY A 72 ? 0.54529 0.39569 0.47073 0.10002  -0.00166 -0.04466 90  GLY A CA  
414 C C   . GLY A 72 ? 0.53504 0.39309 0.46396 0.08577  -0.00135 -0.03876 90  GLY A C   
415 O O   . GLY A 72 ? 0.54233 0.38034 0.45786 0.08091  -0.00215 -0.03345 90  GLY A O   
416 N N   . ASP A 73 ? 0.46740 0.35282 0.41321 0.07908  0.00014  -0.03965 91  ASP A N   
417 C CA  . ASP A 73 ? 0.42965 0.32405 0.38102 0.06734  -0.00005 -0.03485 91  ASP A CA  
418 C C   . ASP A 73 ? 0.41428 0.29531 0.35750 0.05456  0.00333  -0.03384 91  ASP A C   
419 O O   . ASP A 73 ? 0.44495 0.31146 0.37867 0.05406  0.00570  -0.03710 91  ASP A O   
420 C CB  . ASP A 73 ? 0.46081 0.38530 0.43128 0.06470  0.00065  -0.03662 91  ASP A CB  
421 C CG  . ASP A 73 ? 0.44827 0.38449 0.42712 0.05840  -0.00151 -0.03247 91  ASP A CG  
422 O OD1 . ASP A 73 ? 0.42389 0.34687 0.39417 0.05617  -0.00319 -0.02853 91  ASP A OD1 
423 O OD2 . ASP A 73 ? 0.43161 0.38970 0.42503 0.05562  -0.00107 -0.03351 91  ASP A OD2 
424 N N   . ASN A 74 ? 0.41359 0.30050 0.36150 0.04442  0.00328  -0.03024 92  ASN A N   
425 C CA  . ASN A 74 ? 0.39667 0.27523 0.34047 0.03244  0.00557  -0.03009 92  ASN A CA  
426 C C   . ASN A 74 ? 0.37039 0.26893 0.32826 0.02400  0.00502  -0.02912 92  ASN A C   
427 O O   . ASN A 74 ? 0.37619 0.27282 0.33513 0.01482  0.00556  -0.02831 92  ASN A O   
428 C CB  . ASN A 74 ? 0.43029 0.28811 0.36170 0.02818  0.00672  -0.02709 92  ASN A CB  
429 C CG  . ASN A 74 ? 0.42325 0.28750 0.35802 0.02886  0.00519  -0.02290 92  ASN A CG  
430 O OD1 . ASN A 74 ? 0.42519 0.30928 0.37251 0.03249  0.00268  -0.02254 92  ASN A OD1 
431 N ND2 . ASN A 74 ? 0.40330 0.25133 0.32689 0.02337  0.00748  -0.02026 92  ASN A ND2 
432 N N   . VAL A 75 ? 0.33565 0.25297 0.30441 0.02679  0.00415  -0.02962 93  VAL A N   
433 C CA  . VAL A 75 ? 0.28333 0.21574 0.26344 0.01981  0.00303  -0.02778 93  VAL A CA  
434 C C   . VAL A 75 ? 0.31060 0.24369 0.28908 0.01328  0.00309  -0.02944 93  VAL A C   
435 O O   . VAL A 75 ? 0.34390 0.27178 0.31475 0.01489  0.00462  -0.03262 93  VAL A O   
436 C CB  . VAL A 75 ? 0.30236 0.25249 0.29367 0.02343  0.00234  -0.02711 93  VAL A CB  
437 C CG1 . VAL A 75 ? 0.31420 0.26541 0.30779 0.02854  0.00056  -0.02571 93  VAL A CG1 
438 C CG2 . VAL A 75 ? 0.32319 0.27873 0.31398 0.02881  0.00450  -0.03051 93  VAL A CG2 
439 N N   . GLY A 76 ? 0.29804 0.23900 0.28406 0.00686  0.00087  -0.02759 94  GLY A N   
440 C CA  . GLY A 76 ? 0.32175 0.26401 0.30620 0.00107  -0.00116 -0.02871 94  GLY A CA  
441 C C   . GLY A 76 ? 0.28332 0.23679 0.27824 -0.00246 -0.00476 -0.02584 94  GLY A C   
442 O O   . GLY A 76 ? 0.28630 0.24564 0.28994 -0.00127 -0.00493 -0.02362 94  GLY A O   
443 N N   . PRO A 77 ? 0.26700 0.22254 0.26006 -0.00628 -0.00830 -0.02611 95  PRO A N   
444 C CA  . PRO A 77 ? 0.27177 0.23577 0.27263 -0.00784 -0.01286 -0.02286 95  PRO A CA  
445 C C   . PRO A 77 ? 0.28269 0.25076 0.29515 -0.01043 -0.01614 -0.02369 95  PRO A C   
446 O O   . PRO A 77 ? 0.30639 0.27145 0.32003 -0.01335 -0.01483 -0.02712 95  PRO A O   
447 C CB  . PRO A 77 ? 0.26151 0.22392 0.25226 -0.01016 -0.01642 -0.02307 95  PRO A CB  
448 C CG  . PRO A 77 ? 0.32301 0.27777 0.30519 -0.01198 -0.01498 -0.02809 95  PRO A CG  
449 C CD  . PRO A 77 ? 0.33416 0.28322 0.31531 -0.00818 -0.00859 -0.02941 95  PRO A CD  
450 N N   . LEU A 78 ? 0.25972 0.23432 0.28078 -0.00957 -0.01989 -0.02090 96  LEU A N   
451 C CA  . LEU A 78 ? 0.26485 0.24594 0.29857 -0.01086 -0.02420 -0.02250 96  LEU A CA  
452 C C   . LEU A 78 ? 0.30750 0.29066 0.33922 -0.01188 -0.03196 -0.02275 96  LEU A C   
453 O O   . LEU A 78 ? 0.31008 0.29049 0.33422 -0.01006 -0.03527 -0.01850 96  LEU A O   
454 C CB  . LEU A 78 ? 0.25632 0.24147 0.29962 -0.00784 -0.02495 -0.01973 96  LEU A CB  
455 C CG  . LEU A 78 ? 0.26765 0.26040 0.32562 -0.00722 -0.02969 -0.02191 96  LEU A CG  
456 C CD1 . LEU A 78 ? 0.32973 0.32726 0.39646 -0.01040 -0.02508 -0.02742 96  LEU A CD1 
457 C CD2 . LEU A 78 ? 0.29373 0.28659 0.35765 -0.00362 -0.03092 -0.01896 96  LEU A CD2 
458 N N   . ILE A 79 ? 0.28619 0.27433 0.32424 -0.01522 -0.03510 -0.02779 97  ILE A N   
459 C CA  . ILE A 79 ? 0.32616 0.31842 0.36339 -0.01567 -0.04446 -0.02898 97  ILE A CA  
460 C C   . ILE A 79 ? 0.36509 0.36824 0.42023 -0.01253 -0.05061 -0.02982 97  ILE A C   
461 O O   . ILE A 79 ? 0.35827 0.36958 0.42847 -0.01433 -0.04738 -0.03449 97  ILE A O   
462 C CB  . ILE A 79 ? 0.35326 0.34658 0.38856 -0.02173 -0.04505 -0.03567 97  ILE A CB  
463 C CG1 . ILE A 79 ? 0.43404 0.41492 0.45331 -0.02424 -0.03783 -0.03636 97  ILE A CG1 
464 C CG2 . ILE A 79 ? 0.38166 0.38123 0.41643 -0.02177 -0.05650 -0.03754 97  ILE A CG2 
465 C CD1 . ILE A 79 ? 0.44125 0.41451 0.44385 -0.02102 -0.03775 -0.03187 97  ILE A CD1 
466 N N   . VAL A 80 ? 0.27734 0.27974 0.33036 -0.00761 -0.05897 -0.02551 98  VAL A N   
467 C CA  . VAL A 80 ? 0.31367 0.32557 0.38410 -0.00267 -0.06617 -0.02690 98  VAL A CA  
468 C C   . VAL A 80 ? 0.38645 0.40474 0.45684 -0.00179 -0.07814 -0.02955 98  VAL A C   
469 O O   . VAL A 80 ? 0.40094 0.41006 0.45291 -0.00081 -0.08383 -0.02485 98  VAL A O   
470 C CB  . VAL A 80 ? 0.30236 0.30594 0.37037 0.00325  -0.06751 -0.02000 98  VAL A CB  
471 C CG1 . VAL A 80 ? 0.38342 0.39543 0.46946 0.01017  -0.07624 -0.02222 98  VAL A CG1 
472 C CG2 . VAL A 80 ? 0.34037 0.33925 0.40851 0.00164  -0.05604 -0.01847 98  VAL A CG2 
473 N N   . LYS A 81 ? 0.35709 0.39193 0.44747 -0.00272 -0.08186 -0.03766 99  LYS A N   
474 C CA  . LYS A 81 ? 0.42971 0.47400 0.52226 -0.00270 -0.09380 -0.04209 99  LYS A CA  
475 C C   . LYS A 81 ? 0.47660 0.53542 0.59014 0.00561  -0.10505 -0.04508 99  LYS A C   
476 O O   . LYS A 81 ? 0.45435 0.51721 0.58319 0.01020  -0.10177 -0.04548 99  LYS A O   
477 C CB  . LYS A 81 ? 0.46235 0.51560 0.56050 -0.01262 -0.08931 -0.05114 99  LYS A CB  
478 C CG  . LYS A 81 ? 0.48012 0.54887 0.60291 -0.01659 -0.08259 -0.05915 99  LYS A CG  
479 C CD  . LYS A 81 ? 0.45469 0.52777 0.57865 -0.02826 -0.07747 -0.06727 99  LYS A CD  
480 C CE  . LYS A 81 ? 0.56334 0.65133 0.71028 -0.03436 -0.06908 -0.07543 99  LYS A CE  
481 N NZ  . LYS A 81 ? 0.52071 0.63380 0.69489 -0.03015 -0.07854 -0.08278 99  LYS A NZ  
482 N N   . SER A 82 ? 0.58429 0.65137 0.69845 0.00813  -0.11903 -0.04796 100 SER A N   
483 C CA  . SER A 82 ? 0.59683 0.68019 0.73232 0.01770  -0.13258 -0.05210 100 SER A CA  
484 C C   . SER A 82 ? 0.62387 0.73228 0.77926 0.01348  -0.13952 -0.06438 100 SER A C   
485 O O   . SER A 82 ? 0.61543 0.72754 0.76919 0.00183  -0.13213 -0.07005 100 SER A O   
486 C CB  . SER A 82 ? 0.63196 0.70137 0.74931 0.02814  -0.14733 -0.04300 100 SER A CB  
487 O OG  . SER A 82 ? 0.76626 0.81451 0.86974 0.03225  -0.14181 -0.03267 100 SER A OG  
# 
